data_1ALZ
# 
_entry.id   1ALZ 
# 
_audit_conform.dict_name       mmcif_pdbx.dic 
_audit_conform.dict_version    5.381 
_audit_conform.dict_location   http://mmcif.pdb.org/dictionaries/ascii/mmcif_pdbx.dic 
# 
loop_
_database_2.database_id 
_database_2.database_code 
_database_2.pdbx_database_accession 
_database_2.pdbx_DOI 
PDB   1ALZ         pdb_00001alz 10.2210/pdb1alz/pdb 
WWPDB D_1000170982 ?            ?                   
# 
_pdbx_database_PDB_obs_spr.id               SPRSDE 
_pdbx_database_PDB_obs_spr.date             1998-03-04 
_pdbx_database_PDB_obs_spr.pdb_id           1ALZ 
_pdbx_database_PDB_obs_spr.replace_pdb_id   1GMA 
_pdbx_database_PDB_obs_spr.details          ? 
# 
loop_
_pdbx_database_related.db_name 
_pdbx_database_related.db_id 
_pdbx_database_related.content_type 
_pdbx_database_related.details 
PDB 1TK2 unspecified 'CRYSTAL STRUCTURE OF GRAMICIDIN S COMPLEXED WITH ALKALINE PROTEINASE SAVINASE' 
PDB 2XDC unspecified 'CRYSTAL STRUCTURE OF GRAMICIDIN A FROM CRYSTALS GROWN IN A LIPID CUBIC PHASE.' 
PDB 1AV2 unspecified 'CRYSTAL STRUCTURE OF GRAMICIDIN A COMPLEXED WITH CESIUM CHLORIDE' 
PDB 1BDW unspecified 'CRYSTAL STRUCTURE OF GRAMICIDIN A FROM BACILLUS BREVIS' 
PDB 1C4D unspecified 'CRYSTAL STRUCTURE OF GRAMICIDIN A COMPLEXED WITH CESIUM CHLORIDE' 
PDB 1GMK unspecified 'CRYSTAL STRUCTURE OF GRAMICIDIN A COMPLRXED WITH POTASSIUM THIOCYANATE' 
PDB 1GRM unspecified 'SOLUTION STRUCTURE OF THE GRAMICIDIN A' 
PDB 1JNO unspecified 'SOLUTION STRUCTURE OF GRAMICIDIN A IN SODIUM DODECYL SULFATE MICELLES' 
PDB 1KQE unspecified 'SOLUTION STRUCTURE OF A LINKED SHORTENED GRAMICIDIN A IN BENZENE/ACETONE 10:1' 
PDB 1MAG unspecified 'SOLID STATE NMR STRUCTURE OF GRAMICIDIN A IN HYDRATED DMPC BILAYERS,' 
PDB 1MIC unspecified 'SOLUTION STRUCTURE OF GRAMICIDIN A IN METHANOL IN THE PRESENCE OF CACL' 
PDB 1NG8 unspecified 'SOLUTION STRUCTURE OF GRAMICIDIN A (W15G) IN SODIUM DODECYL SULFATE MICELLES' 
PDB 1NRM unspecified 'SOLUTION STRUCTURE OF GRAMICIDIN A IN DODECYL PHOSPHOCHOLINE MICELLES' 
PDB 1NRU unspecified 'SOLUTION STRUCTURE OF GRAMICIDIN A IN DODECYL PHOSPHOCHOLINE MICELLES IN THE PRESENCE OF EXCESS NA+' 
PDB 1NT5 unspecified 'SOLUTION STRUCTURE OF GRAMICIDIN A (V1F) IN SODIUM DODECYL SULFATE MICELLES' 
PDB 1JO3 unspecified 'SOLUTION STRUCTURE OF GRAMICIDIN B IN SODIUM DODECYL SULFATE MICELLES' 
PDB 1JO4 unspecified 'SOLUTION STRUCTURE OF GRAMICIDIN C IN SODIUM DODECYL SULFATE MICELLES' 
PDB 1NT6 unspecified 'SOLUTION STRUCTURE OF F1-GRAMICIDIN C IN SODIUM DODECYL SULFATE MICELLES' 
PDB 1TKQ unspecified 
'SOLUTION STRUCTURE OF A LINKED UNSYMMETRIC GRAMICIDIN A IN A MEMBRANE-ISOELECTRICAL SOLVENTS MIXTURE, IN THE PRESENCE OF CSCL' 
PDB 1W5U unspecified 'CRYSTAL STRUCTURE OF GRAMICIDIN D IN ETHANOL' 
PDB 2IZQ unspecified 'CRYSTAL STRUCTURE OF GRAMICIDIN D COMPLEX WITH KI IN METHANOL' 
PDB 3L8L unspecified 'CRYSTAL STRUCTURE OF GRAMICIDIN D COMPLEX WITH NAI' 
PDB 1AL4 unspecified 'CRYSTAL STRUCTURE OF GRAMICIDIN D IN N-PROPANOL' 
PDB 1ALX unspecified 'CRYSTAL STRUCTURE OF GRAMICIDIN D IN METHANOL' 
# 
_pdbx_database_status.status_code                     REL 
_pdbx_database_status.entry_id                        1ALZ 
_pdbx_database_status.recvd_initial_deposition_date   1997-06-06 
_pdbx_database_status.deposit_site                    ? 
_pdbx_database_status.process_site                    BNL 
_pdbx_database_status.SG_entry                        . 
_pdbx_database_status.status_code_sf                  REL 
_pdbx_database_status.status_code_mr                  ? 
_pdbx_database_status.status_code_cs                  ? 
_pdbx_database_status.methods_development_category    ? 
_pdbx_database_status.pdb_format_compatible           Y 
_pdbx_database_status.status_code_nmr_data            ? 
# 
loop_
_audit_author.name 
_audit_author.pdbx_ordinal 
'Burkhart, B.M.' 1 
'Pangborn, W.A.' 2 
'Duax, W.L.'     3 
'Langs, D.A.'    4 
# 
loop_
_citation.id 
_citation.title 
_citation.journal_abbrev 
_citation.journal_volume 
_citation.page_first 
_citation.page_last 
_citation.year 
_citation.journal_id_ASTM 
_citation.country 
_citation.journal_id_ISSN 
_citation.journal_id_CSD 
_citation.book_publisher 
_citation.pdbx_database_id_PubMed 
_citation.pdbx_database_id_DOI 
primary 'Heterodimer Formation and Crystal Nucleation of Gramicidin D'                                                         
Biophys.J. 75  2135 ? 1998 BIOJAU US 0006-3495 0030 ? 9788907 '10.1016/S0006-3495(98)77656-8' 
1       'Three-Dimensional Structure at 0.86 A of the Uncomplexed Form of the Transmembrane Ion Channel Peptide Gramicidin A.' 
Science    241 188  ? 1988 SCIEAS US 0036-8075 0038 ? 2455345 10.1126/SCIENCE.2455345         
# 
loop_
_citation_author.citation_id 
_citation_author.name 
_citation_author.ordinal 
_citation_author.identifier_ORCID 
primary 'Burkhart, B.M.' 1 ? 
primary 'Gassman, R.M.'  2 ? 
primary 'Langs, D.A.'    3 ? 
primary 'Pangborn, W.A.' 4 ? 
primary 'Duax, W.L.'     5 ? 
1       'Langs, D.A.'    6 ? 
# 
_cell.entry_id           1ALZ 
_cell.length_a           31.595 
_cell.length_b           32.369 
_cell.length_c           24.219 
_cell.angle_alpha        90.00 
_cell.angle_beta         90.00 
_cell.angle_gamma        90.00 
_cell.Z_PDB              4 
_cell.pdbx_unique_axis   ? 
_cell.length_a_esd       ? 
_cell.length_b_esd       ? 
_cell.length_c_esd       ? 
_cell.angle_alpha_esd    ? 
_cell.angle_beta_esd     ? 
_cell.angle_gamma_esd    ? 
# 
_symmetry.entry_id                         1ALZ 
_symmetry.space_group_name_H-M             'P 21 21 21' 
_symmetry.pdbx_full_space_group_name_H-M   ? 
_symmetry.cell_setting                     ? 
_symmetry.Int_Tables_number                19 
_symmetry.space_group_name_Hall            ? 
# 
loop_
_entity.id 
_entity.type 
_entity.src_method 
_entity.pdbx_description 
_entity.formula_weight 
_entity.pdbx_number_of_molecules 
_entity.pdbx_ec 
_entity.pdbx_mutation 
_entity.pdbx_fragment 
_entity.details 
1 polymer     nat 'ILE-GRAMICIDIN C' 1873.285 1  ? ? ? ? 
2 polymer     nat 'VAL-GRAMICIDIN A' 1882.294 1  ? ? ? ? 
3 non-polymer syn ETHANOL            46.068   14 ? ? ? ? 
4 water       nat water              18.015   1  ? ? ? ? 
# 
loop_
_entity_poly.entity_id 
_entity_poly.type 
_entity_poly.nstd_linkage 
_entity_poly.nstd_monomer 
_entity_poly.pdbx_seq_one_letter_code 
_entity_poly.pdbx_seq_one_letter_code_can 
_entity_poly.pdbx_strand_id 
_entity_poly.pdbx_target_identifier 
1 'polypeptide(L)' no yes '(QIL)GA(DLE)A(DVA)V(DVA)W(DLE)Y(DLE)W(DLE)W(ETA)' XGALAVVVWLYLWLWX A ? 
2 'polypeptide(L)' no yes '(FVA)GA(DLE)A(DVA)V(DVA)W(DLE)W(DLE)W(DLE)W(ETA)' VGALAVVVWLWLWLWX B ? 
# 
loop_
_entity_poly_seq.entity_id 
_entity_poly_seq.num 
_entity_poly_seq.mon_id 
_entity_poly_seq.hetero 
1 1  QIL y 
1 1  FVA y 
1 2  GLY n 
1 3  ALA n 
1 4  DLE n 
1 5  ALA n 
1 6  DVA n 
1 7  VAL n 
1 8  DVA n 
1 9  TRP n 
1 10 DLE n 
1 11 TYR y 
1 11 TRP y 
1 12 DLE n 
1 13 TRP n 
1 14 DLE n 
1 15 TRP n 
1 16 ETA n 
2 1  FVA n 
2 2  GLY n 
2 3  ALA n 
2 4  DLE n 
2 5  ALA n 
2 6  DVA n 
2 7  VAL n 
2 8  DVA n 
2 9  TRP n 
2 10 DLE n 
2 11 TRP n 
2 12 DLE n 
2 13 TRP n 
2 14 DLE n 
2 15 TRP n 
2 16 ETA n 
# 
loop_
_entity_src_nat.entity_id 
_entity_src_nat.pdbx_src_id 
_entity_src_nat.pdbx_alt_source_flag 
_entity_src_nat.pdbx_beg_seq_num 
_entity_src_nat.pdbx_end_seq_num 
_entity_src_nat.common_name 
_entity_src_nat.pdbx_organism_scientific 
_entity_src_nat.pdbx_ncbi_taxonomy_id 
_entity_src_nat.genus 
_entity_src_nat.species 
_entity_src_nat.strain 
_entity_src_nat.tissue 
_entity_src_nat.tissue_fraction 
_entity_src_nat.pdbx_secretion 
_entity_src_nat.pdbx_fragment 
_entity_src_nat.pdbx_variant 
_entity_src_nat.pdbx_cell_line 
_entity_src_nat.pdbx_atcc 
_entity_src_nat.pdbx_cellular_location 
_entity_src_nat.pdbx_organ 
_entity_src_nat.pdbx_organelle 
_entity_src_nat.pdbx_cell 
_entity_src_nat.pdbx_plasmid_name 
_entity_src_nat.pdbx_plasmid_details 
_entity_src_nat.details 
1 1 sample ? ? ? 'BREVIBACILLUS BREVIS' 1393 ? ? ? ? ? ? ? ? ? ? ? ? ? ? ? ? ? 
2 1 sample ? ? ? 'BREVIBACILLUS BREVIS' 1393 ? ? ? ? ? ? ? ? ? ? ? ? ? ? ? ? ? 
# 
loop_
_struct_ref.id 
_struct_ref.db_name 
_struct_ref.db_code 
_struct_ref.entity_id 
_struct_ref.pdbx_seq_one_letter_code 
_struct_ref.pdbx_align_begin 
_struct_ref.pdbx_db_accession 
_struct_ref.pdbx_db_isoform 
1 NOR NOR00248 1 ? ? NOR00248 ? 
2 NOR NOR00243 2 ? ? NOR00243 ? 
# 
loop_
_struct_ref_seq.align_id 
_struct_ref_seq.ref_id 
_struct_ref_seq.pdbx_PDB_id_code 
_struct_ref_seq.pdbx_strand_id 
_struct_ref_seq.seq_align_beg 
_struct_ref_seq.pdbx_seq_align_beg_ins_code 
_struct_ref_seq.seq_align_end 
_struct_ref_seq.pdbx_seq_align_end_ins_code 
_struct_ref_seq.pdbx_db_accession 
_struct_ref_seq.db_align_beg 
_struct_ref_seq.pdbx_db_align_beg_ins_code 
_struct_ref_seq.db_align_end 
_struct_ref_seq.pdbx_db_align_end_ins_code 
_struct_ref_seq.pdbx_auth_seq_align_beg 
_struct_ref_seq.pdbx_auth_seq_align_end 
1 1 1ALZ A 1 ? 16 ? NOR00248 1 ? 16 ? 1 16 
2 2 1ALZ B 1 ? 16 ? NOR00243 1 ? 16 ? 1 16 
# 
loop_
_struct_ref_seq_dif.align_id 
_struct_ref_seq_dif.pdbx_pdb_id_code 
_struct_ref_seq_dif.mon_id 
_struct_ref_seq_dif.pdbx_pdb_strand_id 
_struct_ref_seq_dif.seq_num 
_struct_ref_seq_dif.pdbx_pdb_ins_code 
_struct_ref_seq_dif.pdbx_seq_db_name 
_struct_ref_seq_dif.pdbx_seq_db_accession_code 
_struct_ref_seq_dif.db_mon_id 
_struct_ref_seq_dif.pdbx_seq_db_seq_num 
_struct_ref_seq_dif.details 
_struct_ref_seq_dif.pdbx_auth_seq_num 
_struct_ref_seq_dif.pdbx_ordinal 
1 1ALZ FVA A 1  ? NOR NOR00248 QIL 1  microheterogeneity 1  1 
1 1ALZ TYR A 11 ? NOR NOR00248 TRP 11 microheterogeneity 11 2 
# 
loop_
_chem_comp.id 
_chem_comp.type 
_chem_comp.mon_nstd_flag 
_chem_comp.name 
_chem_comp.pdbx_synonyms 
_chem_comp.formula 
_chem_comp.formula_weight 
ALA 'L-peptide linking'               y ALANINE               ? 'C3 H7 N O2'    89.093  
DLE 'D-peptide linking'               . D-LEUCINE             ? 'C6 H13 N O2'   131.173 
DVA 'D-peptide linking'               . D-VALINE              ? 'C5 H11 N O2'   117.146 
EOH non-polymer                       . ETHANOL               ? 'C2 H6 O'       46.068  
ETA 'L-peptide COOH carboxy terminus' . ETHANOLAMINE          ? 'C2 H7 N O'     61.083  
FVA 'L-peptide linking'               n N-formyl-L-valine     ? 'C6 H11 N O3'   145.156 
GLY 'peptide linking'                 y GLYCINE               ? 'C2 H5 N O2'    75.067  
HOH non-polymer                       . WATER                 ? 'H2 O'          18.015  
QIL 'L-peptide linking'               n N-formyl-L-isoleucine ? 'C7 H13 N O3'   159.183 
TRP 'L-peptide linking'               y TRYPTOPHAN            ? 'C11 H12 N2 O2' 204.225 
TYR 'L-peptide linking'               y TYROSINE              ? 'C9 H11 N O3'   181.189 
VAL 'L-peptide linking'               y VALINE                ? 'C5 H11 N O2'   117.146 
# 
_exptl.entry_id          1ALZ 
_exptl.method            'X-RAY DIFFRACTION' 
_exptl.crystals_number   1 
# 
_exptl_crystal.id                    1 
_exptl_crystal.density_meas          ? 
_exptl_crystal.density_Matthews      1.76 
_exptl_crystal.density_percent_sol   30.00 
_exptl_crystal.description           ? 
_exptl_crystal.F_000                 ? 
_exptl_crystal.preparation           ? 
# 
_exptl_crystal_grow.crystal_id      1 
_exptl_crystal_grow.method          ? 
_exptl_crystal_grow.temp            ? 
_exptl_crystal_grow.temp_details    ? 
_exptl_crystal_grow.pH              7.0 
_exptl_crystal_grow.pdbx_pH_range   ? 
_exptl_crystal_grow.pdbx_details    
'CRYSTALLIZED BY BATCH METHODS FROM A SATURATED SOLUTION OF GRAMICIDIN D IN ETHANOL., PH 7.0, BATCH METHOD' 
# 
_diffrn.id                     1 
_diffrn.ambient_temp           120 
_diffrn.ambient_temp_details   ? 
_diffrn.crystal_id             1 
# 
_diffrn_detector.diffrn_id              1 
_diffrn_detector.detector               'AREA DETECTOR' 
_diffrn_detector.type                   SIEMENS 
_diffrn_detector.pdbx_collection_date   1987-01 
_diffrn_detector.details                COLLIMATOR 
# 
_diffrn_radiation.diffrn_id                        1 
_diffrn_radiation.wavelength_id                    1 
_diffrn_radiation.pdbx_monochromatic_or_laue_m_l   M 
_diffrn_radiation.monochromator                    'GRAPHITE(002)' 
_diffrn_radiation.pdbx_diffrn_protocol             ? 
_diffrn_radiation.pdbx_scattering_type             x-ray 
# 
_diffrn_radiation_wavelength.id           1 
_diffrn_radiation_wavelength.wavelength   1.5418 
_diffrn_radiation_wavelength.wt           1.0 
# 
_diffrn_source.diffrn_id                   1 
_diffrn_source.source                      'SEALED TUBE' 
_diffrn_source.type                        OTHER 
_diffrn_source.pdbx_synchrotron_site       ? 
_diffrn_source.pdbx_synchrotron_beamline   ? 
_diffrn_source.pdbx_wavelength             1.5418 
_diffrn_source.pdbx_wavelength_list        ? 
# 
_reflns.pdbx_diffrn_id               1 
_reflns.pdbx_ordinal                 1 
_reflns.entry_id                     1ALZ 
_reflns.observed_criterion_sigma_I   -3.000 
_reflns.observed_criterion_sigma_F   ? 
_reflns.d_resolution_low             100.000 
_reflns.d_resolution_high            0.860 
_reflns.number_obs                   21454 
_reflns.number_all                   ? 
_reflns.percent_possible_obs         99.9 
_reflns.pdbx_Rmerge_I_obs            0.04300 
_reflns.pdbx_Rsym_value              0.04300 
_reflns.pdbx_netI_over_sigmaI        5.1000 
_reflns.B_iso_Wilson_estimate        ? 
_reflns.pdbx_redundancy              1.100 
_reflns.R_free_details               ? 
_reflns.limit_h_max                  ? 
_reflns.limit_h_min                  ? 
_reflns.limit_k_max                  ? 
_reflns.limit_k_min                  ? 
_reflns.limit_l_max                  ? 
_reflns.limit_l_min                  ? 
_reflns.observed_criterion_F_max     ? 
_reflns.observed_criterion_F_min     ? 
_reflns.pdbx_chi_squared             ? 
_reflns.pdbx_scaling_rejects         ? 
# 
_reflns_shell.pdbx_diffrn_id         1 
_reflns_shell.pdbx_ordinal           1 
_reflns_shell.d_res_high             0.86 
_reflns_shell.d_res_low              0.90 
_reflns_shell.percent_possible_all   93.6 
_reflns_shell.Rmerge_I_obs           0.04300 
_reflns_shell.pdbx_Rsym_value        0.04300 
_reflns_shell.meanI_over_sigI_obs    1.200 
_reflns_shell.pdbx_redundancy        1.10 
_reflns_shell.percent_possible_obs   ? 
_reflns_shell.number_unique_all      ? 
_reflns_shell.number_measured_all    ? 
_reflns_shell.number_measured_obs    ? 
_reflns_shell.number_unique_obs      ? 
_reflns_shell.pdbx_chi_squared       ? 
# 
_refine.pdbx_refine_id                           'X-RAY DIFFRACTION' 
_refine.entry_id                                 1ALZ 
_refine.pdbx_diffrn_id                           1 
_refine.pdbx_TLS_residual_ADP_flag               ? 
_refine.ls_number_reflns_obs                     ? 
_refine.ls_number_reflns_all                     21454 
_refine.pdbx_ls_sigma_I                          ? 
_refine.pdbx_ls_sigma_F                          0.000 
_refine.pdbx_data_cutoff_high_absF               ? 
_refine.pdbx_data_cutoff_low_absF                ? 
_refine.pdbx_data_cutoff_high_rms_absF           ? 
_refine.ls_d_res_low                             100.00 
_refine.ls_d_res_high                            0.86 
_refine.ls_percent_reflns_obs                    99.2 
_refine.ls_R_factor_obs                          0.162 
_refine.ls_R_factor_all                          0.162 
_refine.ls_R_factor_R_work                       ? 
_refine.ls_R_factor_R_free                       0.185 
_refine.ls_R_factor_R_free_error                 ? 
_refine.ls_R_factor_R_free_error_details         ? 
_refine.ls_percent_reflns_R_free                 5.000 
_refine.ls_number_reflns_R_free                  1033 
_refine.ls_number_parameters                     3464 
_refine.ls_number_restraints                     5742 
_refine.occupancy_min                            ? 
_refine.occupancy_max                            ? 
_refine.correlation_coeff_Fo_to_Fc               ? 
_refine.correlation_coeff_Fo_to_Fc_free          ? 
_refine.B_iso_mean                               ? 
_refine.aniso_B[1][1]                            ? 
_refine.aniso_B[2][2]                            ? 
_refine.aniso_B[3][3]                            ? 
_refine.aniso_B[1][2]                            ? 
_refine.aniso_B[1][3]                            ? 
_refine.aniso_B[2][3]                            ? 
_refine.solvent_model_details                    'MOEWS & KRETSINGER (G = 0.22140 U = 1.29472)' 
_refine.solvent_model_param_ksol                 ? 
_refine.solvent_model_param_bsol                 ? 
_refine.pdbx_solvent_vdw_probe_radii             ? 
_refine.pdbx_solvent_ion_probe_radii             ? 
_refine.pdbx_solvent_shrinkage_radii             ? 
_refine.pdbx_ls_cross_valid_method               'FREE R-VALUE' 
_refine.details                                  ? 
_refine.pdbx_starting_model                      ? 
_refine.pdbx_method_to_determine_struct          'DIRECT METHODS, FOURIER RECYCLING' 
_refine.pdbx_isotropic_thermal_model             ? 
_refine.pdbx_stereochemistry_target_values       'ENGH AND HUBER' 
_refine.pdbx_stereochem_target_val_spec_case     'MODIFIED ENGH AND HUBER FOR ETHANOLAMINE BASED ON SERINE' 
_refine.pdbx_R_Free_selection_details            '5% OF REFLECTIONS IN THIN RESOLUTION SHELLS.' 
_refine.pdbx_overall_ESU_R                       ? 
_refine.pdbx_overall_ESU_R_Free                  ? 
_refine.overall_SU_ML                            ? 
_refine.pdbx_overall_phase_error                 ? 
_refine.overall_SU_B                             ? 
_refine.overall_SU_R_Cruickshank_DPI             ? 
_refine.pdbx_overall_SU_R_free_Cruickshank_DPI   ? 
_refine.pdbx_overall_SU_R_Blow_DPI               ? 
_refine.pdbx_overall_SU_R_free_Blow_DPI          ? 
_refine.ls_redundancy_reflns_obs                 ? 
_refine.B_iso_min                                ? 
_refine.B_iso_max                                ? 
_refine.overall_SU_R_free                        ? 
_refine.ls_wR_factor_R_free                      ? 
_refine.ls_wR_factor_R_work                      ? 
_refine.overall_FOM_free_R_set                   ? 
_refine.overall_FOM_work_R_set                   ? 
# 
_refine_analyze.pdbx_refine_id                  'X-RAY DIFFRACTION' 
_refine_analyze.entry_id                        1ALZ 
_refine_analyze.Luzzati_coordinate_error_obs    ? 
_refine_analyze.Luzzati_sigma_a_obs             ? 
_refine_analyze.Luzzati_d_res_low_obs           ? 
_refine_analyze.Luzzati_coordinate_error_free   ? 
_refine_analyze.Luzzati_sigma_a_free            ? 
_refine_analyze.Luzzati_d_res_low_free          ? 
_refine_analyze.number_disordered_residues      5 
_refine_analyze.occupancy_sum_hydrogen          365.06 
_refine_analyze.occupancy_sum_non_hydrogen      312.16 
_refine_analyze.pdbx_Luzzati_d_res_high_obs     ? 
# 
_refine_hist.pdbx_refine_id                   'X-RAY DIFFRACTION' 
_refine_hist.cycle_id                         LAST 
_refine_hist.pdbx_number_atoms_protein        294 
_refine_hist.pdbx_number_atoms_nucleic_acid   0 
_refine_hist.pdbx_number_atoms_ligand         42 
_refine_hist.number_atoms_solvent             1 
_refine_hist.number_atoms_total               337 
_refine_hist.d_res_high                       0.86 
_refine_hist.d_res_low                        100.00 
# 
loop_
_refine_ls_restr.type 
_refine_ls_restr.dev_ideal 
_refine_ls_restr.dev_ideal_target 
_refine_ls_restr.weight 
_refine_ls_restr.number 
_refine_ls_restr.pdbx_refine_id 
_refine_ls_restr.pdbx_restraint_function 
s_bond_d               0.016 ? ? ? 'X-RAY DIFFRACTION' ? 
s_angle_d              0.032 ? ? ? 'X-RAY DIFFRACTION' ? 
s_similar_dist         ?     ? ? ? 'X-RAY DIFFRACTION' ? 
s_from_restr_planes    0.339 ? ? ? 'X-RAY DIFFRACTION' ? 
s_zero_chiral_vol      0.114 ? ? ? 'X-RAY DIFFRACTION' ? 
s_non_zero_chiral_vol  0.113 ? ? ? 'X-RAY DIFFRACTION' ? 
s_anti_bump_dis_restr  ?     ? ? ? 'X-RAY DIFFRACTION' ? 
s_rigid_bond_adp_cmpnt 0.005 ? ? ? 'X-RAY DIFFRACTION' ? 
s_similar_adp_cmpnt    0.030 ? ? ? 'X-RAY DIFFRACTION' ? 
s_approx_iso_adps      0.036 ? ? ? 'X-RAY DIFFRACTION' ? 
# 
_pdbx_refine.pdbx_refine_id                              'X-RAY DIFFRACTION' 
_pdbx_refine.entry_id                                    1ALZ 
_pdbx_refine.R_factor_all_no_cutoff                      0.162 
_pdbx_refine.R_factor_obs_no_cutoff                      0.162 
_pdbx_refine.free_R_factor_no_cutoff                     0.185 
_pdbx_refine.free_R_error_no_cutoff                      ? 
_pdbx_refine.free_R_val_test_set_size_perc_no_cutoff     5.000 
_pdbx_refine.free_R_val_test_set_ct_no_cutoff            1033 
_pdbx_refine.R_factor_all_4sig_cutoff                    0.108 
_pdbx_refine.R_factor_obs_4sig_cutoff                    0.108 
_pdbx_refine.free_R_factor_4sig_cutoff                   0.131 
_pdbx_refine.free_R_val_test_set_size_perc_4sig_cutoff   5.000 
_pdbx_refine.free_R_val_test_set_ct_4sig_cutoff          484 
_pdbx_refine.number_reflns_obs_4sig_cutoff               10782 
# 
_struct_ncs_oper.id             1 
_struct_ncs_oper.code           given 
_struct_ncs_oper.details        ? 
_struct_ncs_oper.matrix[1][1]   0.88315445 
_struct_ncs_oper.matrix[1][2]   0.38694523 
_struct_ncs_oper.matrix[1][3]   0.26514612 
_struct_ncs_oper.matrix[2][1]   0.38709665 
_struct_ncs_oper.matrix[2][2]   -0.92045700 
_struct_ncs_oper.matrix[2][3]   0.05394511 
_struct_ncs_oper.matrix[3][1]   0.26492585 
_struct_ncs_oper.matrix[3][2]   0.05499965 
_struct_ncs_oper.matrix[3][3]   -0.96269745 
_struct_ncs_oper.vector[1]      -0.14313 
_struct_ncs_oper.vector[2]      0.77623 
_struct_ncs_oper.vector[3]      -0.42520 
# 
_struct.entry_id                  1ALZ 
_struct.title                     'GRAMICIDIN D FROM BACILLUS BREVIS (ETHANOL SOLVATE)' 
_struct.pdbx_model_details        ? 
_struct.pdbx_CASP_flag            ? 
_struct.pdbx_model_type_details   ? 
# 
_struct_keywords.entry_id        1ALZ 
_struct_keywords.pdbx_keywords   ANTIBIOTIC 
_struct_keywords.text            'GRAMICIDIN, ANTIFUNGAL, ANTIBIOTIC, ANTIBACTERIAL, MEMBRANE ION CHANNEL, LINEAR GRAMICIDIN' 
# 
loop_
_struct_asym.id 
_struct_asym.pdbx_blank_PDB_chainid_flag 
_struct_asym.pdbx_modified 
_struct_asym.entity_id 
_struct_asym.details 
A N N 1 ? 
B N N 2 ? 
C N N 3 ? 
D N N 3 ? 
E N N 3 ? 
F N N 3 ? 
G N N 3 ? 
H N N 3 ? 
I N N 3 ? 
J N N 3 ? 
K N N 3 ? 
L N N 3 ? 
M N N 3 ? 
N N N 3 ? 
O N N 3 ? 
P N N 3 ? 
Q N N 4 ? 
# 
_struct_biol.id        1 
_struct_biol.details   ? 
# 
loop_
_struct_conn.id 
_struct_conn.conn_type_id 
_struct_conn.pdbx_leaving_atom_flag 
_struct_conn.pdbx_PDB_id 
_struct_conn.ptnr1_label_asym_id 
_struct_conn.ptnr1_label_comp_id 
_struct_conn.ptnr1_label_seq_id 
_struct_conn.ptnr1_label_atom_id 
_struct_conn.pdbx_ptnr1_label_alt_id 
_struct_conn.pdbx_ptnr1_PDB_ins_code 
_struct_conn.pdbx_ptnr1_standard_comp_id 
_struct_conn.ptnr1_symmetry 
_struct_conn.ptnr2_label_asym_id 
_struct_conn.ptnr2_label_comp_id 
_struct_conn.ptnr2_label_seq_id 
_struct_conn.ptnr2_label_atom_id 
_struct_conn.pdbx_ptnr2_label_alt_id 
_struct_conn.pdbx_ptnr2_PDB_ins_code 
_struct_conn.ptnr1_auth_asym_id 
_struct_conn.ptnr1_auth_comp_id 
_struct_conn.ptnr1_auth_seq_id 
_struct_conn.ptnr2_auth_asym_id 
_struct_conn.ptnr2_auth_comp_id 
_struct_conn.ptnr2_auth_seq_id 
_struct_conn.ptnr2_symmetry 
_struct_conn.pdbx_ptnr3_label_atom_id 
_struct_conn.pdbx_ptnr3_label_seq_id 
_struct_conn.pdbx_ptnr3_label_comp_id 
_struct_conn.pdbx_ptnr3_label_asym_id 
_struct_conn.pdbx_ptnr3_label_alt_id 
_struct_conn.pdbx_ptnr3_PDB_ins_code 
_struct_conn.details 
_struct_conn.pdbx_dist_value 
_struct_conn.pdbx_value_order 
_struct_conn.pdbx_role 
covale1  covale both ? A FVA 1  C B ? ? 1_555 A GLY 2  N ? ? A FVA 1  A GLY 2  1_555 ? ? ? ? ? ? ? 1.316 ? ? 
covale2  covale both ? A QIL 1  C A ? ? 1_555 A GLY 2  N ? ? A QIL 1  A GLY 2  1_555 ? ? ? ? ? ? ? 1.316 ? ? 
covale3  covale both ? A ALA 3  C ? ? ? 1_555 A DLE 4  N ? ? A ALA 3  A DLE 4  1_555 ? ? ? ? ? ? ? 1.314 ? ? 
covale4  covale both ? A DLE 4  C ? ? ? 1_555 A ALA 5  N ? ? A DLE 4  A ALA 5  1_555 ? ? ? ? ? ? ? 1.343 ? ? 
covale5  covale both ? A ALA 5  C ? ? ? 1_555 A DVA 6  N ? ? A ALA 5  A DVA 6  1_555 ? ? ? ? ? ? ? 1.320 ? ? 
covale6  covale both ? A DVA 6  C ? ? ? 1_555 A VAL 7  N ? ? A DVA 6  A VAL 7  1_555 ? ? ? ? ? ? ? 1.346 ? ? 
covale7  covale both ? A VAL 7  C ? ? ? 1_555 A DVA 8  N ? ? A VAL 7  A DVA 8  1_555 ? ? ? ? ? ? ? 1.317 ? ? 
covale8  covale both ? A DVA 8  C ? ? ? 1_555 A TRP 9  N ? ? A DVA 8  A TRP 9  1_555 ? ? ? ? ? ? ? 1.331 ? ? 
covale9  covale both ? A TRP 9  C ? ? ? 1_555 A DLE 10 N ? ? A TRP 9  A DLE 10 1_555 ? ? ? ? ? ? ? 1.320 ? ? 
covale10 covale both ? A DLE 10 C ? ? ? 1_555 A TRP 11 N B ? A DLE 10 A TRP 11 1_555 ? ? ? ? ? ? ? 1.343 ? ? 
covale11 covale both ? A DLE 10 C ? ? ? 1_555 A TYR 11 N A ? A DLE 10 A TYR 11 1_555 ? ? ? ? ? ? ? 1.331 ? ? 
covale12 covale both ? A TYR 11 C A ? ? 1_555 A DLE 12 N ? ? A TYR 11 A DLE 12 1_555 ? ? ? ? ? ? ? 1.277 ? ? 
covale13 covale both ? A TRP 11 C B ? ? 1_555 A DLE 12 N ? ? A TRP 11 A DLE 12 1_555 ? ? ? ? ? ? ? 1.310 ? ? 
covale14 covale both ? A DLE 12 C ? ? ? 1_555 A TRP 13 N ? ? A DLE 12 A TRP 13 1_555 ? ? ? ? ? ? ? 1.328 ? ? 
covale15 covale both ? A TRP 13 C ? ? ? 1_555 A DLE 14 N ? ? A TRP 13 A DLE 14 1_555 ? ? ? ? ? ? ? 1.329 ? ? 
covale16 covale both ? A DLE 14 C ? ? ? 1_555 A TRP 15 N ? ? A DLE 14 A TRP 15 1_555 ? ? ? ? ? ? ? 1.332 ? ? 
covale17 covale both ? A TRP 15 C ? ? ? 1_555 A ETA 16 N ? ? A TRP 15 A ETA 16 1_555 ? ? ? ? ? ? ? 1.317 ? ? 
covale18 covale both ? B FVA 1  C ? ? ? 1_555 B GLY 2  N ? ? B FVA 1  B GLY 2  1_555 ? ? ? ? ? ? ? 1.323 ? ? 
covale19 covale both ? B ALA 3  C ? ? ? 1_555 B DLE 4  N ? ? B ALA 3  B DLE 4  1_555 ? ? ? ? ? ? ? 1.311 ? ? 
covale20 covale both ? B DLE 4  C ? ? ? 1_555 B ALA 5  N ? ? B DLE 4  B ALA 5  1_555 ? ? ? ? ? ? ? 1.317 ? ? 
covale21 covale both ? B ALA 5  C ? ? ? 1_555 B DVA 6  N ? ? B ALA 5  B DVA 6  1_555 ? ? ? ? ? ? ? 1.326 ? ? 
covale22 covale both ? B DVA 6  C ? ? ? 1_555 B VAL 7  N ? ? B DVA 6  B VAL 7  1_555 ? ? ? ? ? ? ? 1.342 ? ? 
covale23 covale both ? B VAL 7  C ? ? ? 1_555 B DVA 8  N ? ? B VAL 7  B DVA 8  1_555 ? ? ? ? ? ? ? 1.310 ? ? 
covale24 covale both ? B DVA 8  C ? ? ? 1_555 B TRP 9  N ? ? B DVA 8  B TRP 9  1_555 ? ? ? ? ? ? ? 1.344 ? ? 
covale25 covale both ? B TRP 9  C ? ? ? 1_555 B DLE 10 N ? ? B TRP 9  B DLE 10 1_555 ? ? ? ? ? ? ? 1.302 ? ? 
covale26 covale both ? B DLE 10 C ? ? ? 1_555 B TRP 11 N B ? B DLE 10 B TRP 11 1_555 ? ? ? ? ? ? ? 1.331 ? ? 
covale27 covale both ? B DLE 10 C ? ? ? 1_555 B TRP 11 N A ? B DLE 10 B TRP 11 1_555 ? ? ? ? ? ? ? 1.330 ? ? 
covale28 covale both ? B TRP 11 C B ? ? 1_555 B DLE 12 N ? ? B TRP 11 B DLE 12 1_555 ? ? ? ? ? ? ? 1.330 ? ? 
covale29 covale both ? B TRP 11 C A ? ? 1_555 B DLE 12 N ? ? B TRP 11 B DLE 12 1_555 ? ? ? ? ? ? ? 1.346 ? ? 
covale30 covale both ? B DLE 12 C ? ? ? 1_555 B TRP 13 N ? ? B DLE 12 B TRP 13 1_555 ? ? ? ? ? ? ? 1.328 ? ? 
covale31 covale both ? B TRP 13 C ? ? ? 1_555 B DLE 14 N ? ? B TRP 13 B DLE 14 1_555 ? ? ? ? ? ? ? 1.327 ? ? 
covale32 covale both ? B DLE 14 C ? ? ? 1_555 B TRP 15 N ? ? B DLE 14 B TRP 15 1_555 ? ? ? ? ? ? ? 1.338 ? ? 
covale33 covale both ? B TRP 15 C ? ? ? 1_555 B ETA 16 N ? ? B TRP 15 B ETA 16 1_555 ? ? ? ? ? ? ? 1.328 ? ? 
# 
_struct_conn_type.id          covale 
_struct_conn_type.criteria    ? 
_struct_conn_type.reference   ? 
# 
_struct_sheet.id               AA 
_struct_sheet.type             ? 
_struct_sheet.number_strands   2 
_struct_sheet.details          ? 
# 
_struct_sheet_order.sheet_id     AA 
_struct_sheet_order.range_id_1   1 
_struct_sheet_order.range_id_2   2 
_struct_sheet_order.offset       ? 
_struct_sheet_order.sense        anti-parallel 
# 
loop_
_struct_sheet_range.sheet_id 
_struct_sheet_range.id 
_struct_sheet_range.beg_label_comp_id 
_struct_sheet_range.beg_label_asym_id 
_struct_sheet_range.beg_label_seq_id 
_struct_sheet_range.pdbx_beg_PDB_ins_code 
_struct_sheet_range.end_label_comp_id 
_struct_sheet_range.end_label_asym_id 
_struct_sheet_range.end_label_seq_id 
_struct_sheet_range.pdbx_end_PDB_ins_code 
_struct_sheet_range.beg_auth_comp_id 
_struct_sheet_range.beg_auth_asym_id 
_struct_sheet_range.beg_auth_seq_id 
_struct_sheet_range.end_auth_comp_id 
_struct_sheet_range.end_auth_asym_id 
_struct_sheet_range.end_auth_seq_id 
AA 1 GLY A 2 ? DLE A 14 ? GLY A 2 DLE A 14 
AA 2 GLY B 2 ? DLE B 14 ? GLY B 2 DLE B 14 
# 
_pdbx_struct_sheet_hbond.sheet_id                AA 
_pdbx_struct_sheet_hbond.range_id_1              1 
_pdbx_struct_sheet_hbond.range_id_2              2 
_pdbx_struct_sheet_hbond.range_1_label_atom_id   N 
_pdbx_struct_sheet_hbond.range_1_label_comp_id   TRP 
_pdbx_struct_sheet_hbond.range_1_label_asym_id   A 
_pdbx_struct_sheet_hbond.range_1_label_seq_id    13 
_pdbx_struct_sheet_hbond.range_1_PDB_ins_code    ? 
_pdbx_struct_sheet_hbond.range_1_auth_atom_id    N 
_pdbx_struct_sheet_hbond.range_1_auth_comp_id    TRP 
_pdbx_struct_sheet_hbond.range_1_auth_asym_id    A 
_pdbx_struct_sheet_hbond.range_1_auth_seq_id     13 
_pdbx_struct_sheet_hbond.range_2_label_atom_id   O 
_pdbx_struct_sheet_hbond.range_2_label_comp_id   ALA 
_pdbx_struct_sheet_hbond.range_2_label_asym_id   B 
_pdbx_struct_sheet_hbond.range_2_label_seq_id    3 
_pdbx_struct_sheet_hbond.range_2_PDB_ins_code    ? 
_pdbx_struct_sheet_hbond.range_2_auth_atom_id    O 
_pdbx_struct_sheet_hbond.range_2_auth_comp_id    ALA 
_pdbx_struct_sheet_hbond.range_2_auth_asym_id    B 
_pdbx_struct_sheet_hbond.range_2_auth_seq_id     3 
# 
loop_
_struct_site.id 
_struct_site.pdbx_evidence_code 
_struct_site.pdbx_auth_asym_id 
_struct_site.pdbx_auth_comp_id 
_struct_site.pdbx_auth_seq_id 
_struct_site.pdbx_auth_ins_code 
_struct_site.pdbx_num_residues 
_struct_site.details 
AC1 Software A EOH 501 ? 5  'BINDING SITE FOR RESIDUE EOH A 501'           
AC2 Software A EOH 504 ? 8  'BINDING SITE FOR RESIDUE EOH A 504'           
AC3 Software A EOH 505 ? 6  'BINDING SITE FOR RESIDUE EOH A 505'           
AC4 Software A EOH 507 ? 5  'BINDING SITE FOR RESIDUE EOH A 507'           
AC5 Software A EOH 509 ? 6  'BINDING SITE FOR RESIDUE EOH A 509'           
AC6 Software A EOH 510 ? 4  'BINDING SITE FOR RESIDUE EOH A 510'           
AC7 Software A EOH 511 ? 8  'BINDING SITE FOR RESIDUE EOH A 511'           
AC8 Software A EOH 512 ? 4  'BINDING SITE FOR RESIDUE EOH A 512'           
AC9 Software A EOH 513 ? 6  'BINDING SITE FOR RESIDUE EOH A 513'           
BC1 Software A EOH 514 ? 11 'BINDING SITE FOR RESIDUE EOH A 514'           
BC2 Software B EOH 502 ? 4  'BINDING SITE FOR RESIDUE EOH B 502'           
BC3 Software B EOH 503 ? 3  'BINDING SITE FOR RESIDUE EOH B 503'           
BC4 Software B EOH 506 ? 7  'BINDING SITE FOR RESIDUE EOH B 506'           
BC5 Software B EOH 508 ? 4  'BINDING SITE FOR RESIDUE EOH B 508'           
BC6 Software ? ?   ?   ? 44 'BINDING SITE FOR CHAIN A OF ILE-GRAMICIDIN C' 
BC7 Software ? ?   ?   ? 43 'BINDING SITE FOR CHAIN B OF VAL-GRAMICIDIN A' 
# 
loop_
_struct_site_gen.id 
_struct_site_gen.site_id 
_struct_site_gen.pdbx_num_res 
_struct_site_gen.label_comp_id 
_struct_site_gen.label_asym_id 
_struct_site_gen.label_seq_id 
_struct_site_gen.pdbx_auth_ins_code 
_struct_site_gen.auth_comp_id 
_struct_site_gen.auth_asym_id 
_struct_site_gen.auth_seq_id 
_struct_site_gen.label_atom_id 
_struct_site_gen.label_alt_id 
_struct_site_gen.symmetry 
_struct_site_gen.details 
1   AC1 5  GLY A 2  ? GLY A 2    . ? 1_555 ? 
2   AC1 5  EOH H .  ? EOH A 510  . ? 1_555 ? 
3   AC1 5  EOH I .  ? EOH A 511  . ? 1_555 ? 
4   AC1 5  EOH J .  ? EOH A 512  . ? 1_555 ? 
5   AC1 5  DLE B 10 ? DLE B 10   . ? 4_566 ? 
6   AC2 8  DLE A 4  ? DLE A 4    . ? 1_555 ? 
7   AC2 8  EOH K .  ? EOH A 513  . ? 1_555 ? 
8   AC2 8  EOH L .  ? EOH A 514  . ? 4_466 ? 
9   AC2 8  TRP B 9  ? TRP B 9    . ? 3_645 ? 
10  AC2 8  TRP B 13 ? TRP B 13   . ? 4_466 ? 
11  AC2 8  TRP B 15 ? TRP B 15   . ? 1_555 ? 
12  AC2 8  ETA B 16 ? ETA B 16   . ? 1_555 ? 
13  AC2 8  EOH O .  ? EOH B 506  . ? 1_545 ? 
14  AC3 6  TRP A 9  ? TRP A 9    . ? 3_646 ? 
15  AC3 6  TRP A 15 ? TRP A 15   . ? 1_545 ? 
16  AC3 6  ETA A 16 ? ETA A 16   . ? 1_545 ? 
17  AC3 6  EOH G .  ? EOH A 509  . ? 1_545 ? 
18  AC3 6  EOH K .  ? EOH A 513  . ? 1_555 ? 
19  AC3 6  TRP B 13 ? TRP B 13   . ? 4_466 ? 
20  AC4 5  DLE A 4  ? DLE A 4    . ? 3_656 ? 
21  AC4 5  TRP A 9  ? TRP A 9    . ? 1_555 ? 
22  AC4 5  DLE A 10 ? DLE A 10   . ? 1_555 ? 
23  AC4 5  DLE A 12 ? DLE A 12   . ? 4_476 ? 
24  AC4 5  EOH H .  ? EOH A 510  . ? 4_466 ? 
25  AC5 6  VAL A 7  ? VAL A 7    . ? 4_476 ? 
26  AC5 6  DVA A 8  ? DVA A 8    . ? 3_656 ? 
27  AC5 6  TRP A 9  ? TRP A 9    . ? 3_656 ? 
28  AC5 6  TRP A 15 ? TRP A 15   . ? 1_555 ? 
29  AC5 6  EOH E .  ? EOH A 505  . ? 1_565 ? 
30  AC5 6  DLE B 12 ? DLE B 12   . ? 3_656 ? 
31  AC6 4  TRP A 13 ? TRP A 13   . ? 1_545 ? 
32  AC6 4  EOH C .  ? EOH A 501  . ? 1_555 ? 
33  AC6 4  EOH F .  ? EOH A 507  . ? 4_566 ? 
34  AC6 4  EOH I .  ? EOH A 511  . ? 1_555 ? 
35  AC7 8  TRP A 13 ? TRP A 13   . ? 1_545 ? 
36  AC7 8  DLE A 14 ? DLE A 14   . ? 1_545 ? 
37  AC7 8  EOH C .  ? EOH A 501  . ? 1_555 ? 
38  AC7 8  EOH H .  ? EOH A 510  . ? 1_555 ? 
39  AC7 8  EOH J .  ? EOH A 512  . ? 1_555 ? 
40  AC7 8  HOH Q .  ? HOH A 2001 . ? 4_566 ? 
41  AC7 8  GLY B 2  ? GLY B 2    . ? 1_545 ? 
42  AC7 8  DLE B 10 ? DLE B 10   . ? 4_566 ? 
43  AC8 4  GLY A 2  ? GLY A 2    . ? 1_555 ? 
44  AC8 4  EOH C .  ? EOH A 501  . ? 1_555 ? 
45  AC8 4  EOH I .  ? EOH A 511  . ? 1_555 ? 
46  AC8 4  EOH L .  ? EOH A 514  . ? 1_555 ? 
47  AC9 6  ETA A 16 ? ETA A 16   . ? 1_545 ? 
48  AC9 6  EOH D .  ? EOH A 504  . ? 1_555 ? 
49  AC9 6  EOH E .  ? EOH A 505  . ? 1_555 ? 
50  AC9 6  EOH L .  ? EOH A 514  . ? 4_466 ? 
51  AC9 6  TRP B 13 ? TRP B 13   . ? 4_466 ? 
52  AC9 6  ETA B 16 ? ETA B 16   . ? 1_555 ? 
53  BC1 11 ALA A 5  ? ALA A 5    . ? 4_566 ? 
54  BC1 11 VAL A 7  ? VAL A 7    . ? 1_555 ? 
55  BC1 11 DVA A 8  ? DVA A 8    . ? 1_555 ? 
56  BC1 11 EOH D .  ? EOH A 504  . ? 4_566 ? 
57  BC1 11 EOH J .  ? EOH A 512  . ? 1_555 ? 
58  BC1 11 EOH K .  ? EOH A 513  . ? 4_566 ? 
59  BC1 11 TRP B 9  ? TRP B 9    . ? 2_675 ? 
60  BC1 11 TRP B 11 ? TRP B 11   . ? 4_566 ? 
61  BC1 11 TRP B 13 ? TRP B 13   . ? 1_555 ? 
62  BC1 11 EOH O .  ? EOH B 506  . ? 4_576 ? 
63  BC1 11 EOH P .  ? EOH B 508  . ? 4_576 ? 
64  BC2 4  TRP A 15 ? TRP A 15   . ? 1_555 ? 
65  BC2 4  ETA A 16 ? ETA A 16   . ? 1_555 ? 
66  BC2 4  DLE B 4  ? DLE B 4    . ? 1_555 ? 
67  BC2 4  EOH P .  ? EOH B 508  . ? 1_555 ? 
68  BC3 3  ETA A 16 ? ETA A 16   . ? 1_555 ? 
69  BC3 3  HOH Q .  ? HOH A 2001 . ? 3_655 ? 
70  BC3 3  TRP B 15 ? TRP B 15   . ? 1_565 ? 
71  BC4 7  TYR A 11 ? TYR A 11   . ? 3_655 ? 
72  BC4 7  ETA A 16 ? ETA A 16   . ? 1_555 ? 
73  BC4 7  EOH D .  ? EOH A 504  . ? 1_565 ? 
74  BC4 7  EOH L .  ? EOH A 514  . ? 4_476 ? 
75  BC4 7  TRP B 9  ? TRP B 9    . ? 3_655 ? 
76  BC4 7  DLE B 10 ? DLE B 10   . ? 3_655 ? 
77  BC4 7  EOH P .  ? EOH B 508  . ? 1_555 ? 
78  BC5 4  EOH L .  ? EOH A 514  . ? 4_476 ? 
79  BC5 4  TRP B 13 ? TRP B 13   . ? 4_476 ? 
80  BC5 4  EOH M .  ? EOH B 502  . ? 1_555 ? 
81  BC5 4  EOH O .  ? EOH B 506  . ? 1_555 ? 
82  BC6 44 EOH C .  ? EOH A 501  . ? 1_555 ? 
83  BC6 44 EOH D .  ? EOH A 504  . ? 1_555 ? 
84  BC6 44 EOH E .  ? EOH A 505  . ? 3_656 ? 
85  BC6 44 EOH E .  ? EOH A 505  . ? 1_565 ? 
86  BC6 44 EOH F .  ? EOH A 507  . ? 3_646 ? 
87  BC6 44 EOH F .  ? EOH A 507  . ? 1_555 ? 
88  BC6 44 EOH F .  ? EOH A 507  . ? 4_576 ? 
89  BC6 44 EOH G .  ? EOH A 509  . ? 1_555 ? 
90  BC6 44 EOH G .  ? EOH A 509  . ? 4_576 ? 
91  BC6 44 EOH G .  ? EOH A 509  . ? 3_646 ? 
92  BC6 44 EOH H .  ? EOH A 510  . ? 1_555 ? 
93  BC6 44 EOH H .  ? EOH A 510  . ? 1_565 ? 
94  BC6 44 EOH I .  ? EOH A 511  . ? 1_565 ? 
95  BC6 44 EOH J .  ? EOH A 512  . ? 1_555 ? 
96  BC6 44 EOH K .  ? EOH A 513  . ? 1_565 ? 
97  BC6 44 EOH L .  ? EOH A 514  . ? 4_466 ? 
98  BC6 44 EOH L .  ? EOH A 514  . ? 1_555 ? 
99  BC6 44 HOH Q .  ? HOH A 2001 . ? 1_555 ? 
100 BC6 44 GLY B 2  ? GLY B 2    . ? 1_555 ? 
101 BC6 44 GLY B 2  ? GLY B 2    . ? 1_545 ? 
102 BC6 44 ALA B 3  ? ALA B 3    . ? 1_555 ? 
103 BC6 44 ALA B 3  ? ALA B 3    . ? 1_545 ? 
104 BC6 44 DLE B 4  ? DLE B 4    . ? 1_555 ? 
105 BC6 44 ALA B 5  ? ALA B 5    . ? 1_555 ? 
106 BC6 44 ALA B 5  ? ALA B 5    . ? 4_576 ? 
107 BC6 44 DVA B 6  ? DVA B 6    . ? 1_555 ? 
108 BC6 44 VAL B 7  ? VAL B 7    . ? 1_555 ? 
109 BC6 44 DVA B 8  ? DVA B 8    . ? 1_555 ? 
110 BC6 44 TRP B 9  ? TRP B 9    . ? 1_555 ? 
111 BC6 44 DLE B 10 ? DLE B 10   . ? 1_555 ? 
112 BC6 44 TRP B 11 ? TRP B 11   . ? 4_566 ? 
113 BC6 44 TRP B 11 ? TRP B 11   . ? 3_656 ? 
114 BC6 44 TRP B 11 ? TRP B 11   . ? 1_555 ? 
115 BC6 44 DLE B 12 ? DLE B 12   . ? 1_555 ? 
116 BC6 44 TRP B 13 ? TRP B 13   . ? 1_555 ? 
117 BC6 44 DLE B 14 ? DLE B 14   . ? 1_555 ? 
118 BC6 44 TRP B 15 ? TRP B 15   . ? 2_675 ? 
119 BC6 44 TRP B 15 ? TRP B 15   . ? 3_655 ? 
120 BC6 44 TRP B 15 ? TRP B 15   . ? 1_555 ? 
121 BC6 44 ETA B 16 ? ETA B 16   . ? 1_555 ? 
122 BC6 44 EOH M .  ? EOH B 502  . ? 1_555 ? 
123 BC6 44 EOH N .  ? EOH B 503  . ? 1_555 ? 
124 BC6 44 EOH O .  ? EOH B 506  . ? 1_555 ? 
125 BC6 44 EOH O .  ? EOH B 506  . ? 3_645 ? 
126 BC7 43 GLY A 2  ? GLY A 2    . ? 1_555 ? 
127 BC7 43 GLY A 2  ? GLY A 2    . ? 1_565 ? 
128 BC7 43 ALA A 3  ? ALA A 3    . ? 1_555 ? 
129 BC7 43 ALA A 3  ? ALA A 3    . ? 1_565 ? 
130 BC7 43 DLE A 4  ? DLE A 4    . ? 1_555 ? 
131 BC7 43 ALA A 5  ? ALA A 5    . ? 1_555 ? 
132 BC7 43 DVA A 6  ? DVA A 6    . ? 1_555 ? 
133 BC7 43 VAL A 7  ? VAL A 7    . ? 1_555 ? 
134 BC7 43 DVA A 8  ? DVA A 8    . ? 1_555 ? 
135 BC7 43 TRP A 9  ? TRP A 9    . ? 1_555 ? 
136 BC7 43 DLE A 10 ? DLE A 10   . ? 1_555 ? 
137 BC7 43 TYR A 11 ? TYR A 11   . ? 1_555 ? 
138 BC7 43 TYR A 11 ? TYR A 11   . ? 3_645 ? 
139 BC7 43 DLE A 12 ? DLE A 12   . ? 1_555 ? 
140 BC7 43 TRP A 13 ? TRP A 13   . ? 2_674 ? 
141 BC7 43 TRP A 13 ? TRP A 13   . ? 4_476 ? 
142 BC7 43 TRP A 13 ? TRP A 13   . ? 1_555 ? 
143 BC7 43 DLE A 14 ? DLE A 14   . ? 1_555 ? 
144 BC7 43 DLE A 14 ? DLE A 14   . ? 2_674 ? 
145 BC7 43 TRP A 15 ? TRP A 15   . ? 1_555 ? 
146 BC7 43 TRP A 15 ? TRP A 15   . ? 3_646 ? 
147 BC7 43 ETA A 16 ? ETA A 16   . ? 1_555 ? 
148 BC7 43 EOH C .  ? EOH A 501  . ? 4_466 ? 
149 BC7 43 EOH D .  ? EOH A 504  . ? 3_655 ? 
150 BC7 43 EOH D .  ? EOH A 504  . ? 4_566 ? 
151 BC7 43 EOH D .  ? EOH A 504  . ? 1_555 ? 
152 BC7 43 EOH E .  ? EOH A 505  . ? 1_565 ? 
153 BC7 43 EOH E .  ? EOH A 505  . ? 4_566 ? 
154 BC7 43 EOH F .  ? EOH A 507  . ? 3_656 ? 
155 BC7 43 EOH G .  ? EOH A 509  . ? 3_646 ? 
156 BC7 43 EOH I .  ? EOH A 511  . ? 1_565 ? 
157 BC7 43 EOH I .  ? EOH A 511  . ? 4_466 ? 
158 BC7 43 EOH J .  ? EOH A 512  . ? 1_565 ? 
159 BC7 43 EOH K .  ? EOH A 513  . ? 1_555 ? 
160 BC7 43 EOH K .  ? EOH A 513  . ? 4_566 ? 
161 BC7 43 EOH K .  ? EOH A 513  . ? 1_565 ? 
162 BC7 43 EOH L .  ? EOH A 514  . ? 1_555 ? 
163 BC7 43 EOH L .  ? EOH A 514  . ? 4_466 ? 
164 BC7 43 EOH L .  ? EOH A 514  . ? 2_674 ? 
165 BC7 43 EOH M .  ? EOH B 502  . ? 1_555 ? 
166 BC7 43 EOH N .  ? EOH B 503  . ? 1_545 ? 
167 BC7 43 EOH O .  ? EOH B 506  . ? 3_645 ? 
168 BC7 43 EOH P .  ? EOH B 508  . ? 4_576 ? 
# 
_atom_sites.entry_id                    1ALZ 
_atom_sites.fract_transf_matrix[1][1]   0.03164509 
_atom_sites.fract_transf_matrix[1][2]   -0.00061148 
_atom_sites.fract_transf_matrix[1][3]   -0.00001795 
_atom_sites.fract_transf_matrix[2][1]   0.00045091 
_atom_sites.fract_transf_matrix[2][2]   0.02390946 
_atom_sites.fract_transf_matrix[2][3]   -0.01955949 
_atom_sites.fract_transf_matrix[3][1]   0.00052316 
_atom_sites.fract_transf_matrix[3][2]   0.02613615 
_atom_sites.fract_transf_matrix[3][3]   0.03196079 
_atom_sites.fract_transf_vector[1]      0.664980 
_atom_sites.fract_transf_vector[2]      1.055388 
_atom_sites.fract_transf_vector[3]      0.498633 
# 
loop_
_atom_type.symbol 
C 
H 
N 
O 
# 
loop_
_atom_site.group_PDB 
_atom_site.id 
_atom_site.type_symbol 
_atom_site.label_atom_id 
_atom_site.label_alt_id 
_atom_site.label_comp_id 
_atom_site.label_asym_id 
_atom_site.label_entity_id 
_atom_site.label_seq_id 
_atom_site.pdbx_PDB_ins_code 
_atom_site.Cartn_x 
_atom_site.Cartn_y 
_atom_site.Cartn_z 
_atom_site.occupancy 
_atom_site.B_iso_or_equiv 
_atom_site.pdbx_formal_charge 
_atom_site.auth_seq_id 
_atom_site.auth_comp_id 
_atom_site.auth_asym_id 
_atom_site.auth_atom_id 
_atom_site.pdbx_PDB_model_num 
HETATM 1   C C    A QIL A 1 1  ? 3.893   -11.626 7.673   0.50 5.72  ? 1    QIL A C    1 
HETATM 2   N N    A QIL A 1 1  ? 2.920   -13.763 7.225   0.50 5.35  ? 1    QIL A N    1 
HETATM 3   O O    A QIL A 1 1  ? 3.046   -11.101 6.956   0.50 6.85  ? 1    QIL A O    1 
HETATM 4   C CA   A QIL A 1 1  ? 4.176   -13.109 7.563   0.50 5.62  ? 1    QIL A CA   1 
HETATM 5   C CB   A QIL A 1 1  ? 5.377   -13.360 6.659   0.50 6.71  ? 1    QIL A CB   1 
HETATM 6   C CD1  A QIL A 1 1  ? 6.765   -15.151 5.600   0.20 8.65  ? 1    QIL A CD1  1 
HETATM 7   C CG1  A QIL A 1 1  ? 5.883   -14.806 6.780   0.50 6.56  ? 1    QIL A CG1  1 
HETATM 8   C CG2  A QIL A 1 1  ? 6.493   -12.364 6.964   0.50 8.37  ? 1    QIL A CG2  1 
HETATM 9   C CN   A QIL A 1 1  ? 2.519   -14.900 7.770   0.50 8.35  ? 1    QIL A CN   1 
HETATM 10  O O1   A QIL A 1 1  ? 3.166   -15.618 8.534   0.50 11.44 ? 1    QIL A O1   1 
HETATM 11  H H    A QIL A 1 1  ? 2.400   -13.382 6.627   0.50 6.41  ? 1    QIL A H    1 
HETATM 12  H HA   A QIL A 1 1  ? 4.483   -13.443 8.453   0.50 6.74  ? 1    QIL A HA   1 
HETATM 13  H HB   A QIL A 1 1  ? 5.085   -13.215 5.714   0.50 8.05  ? 1    QIL A HB   1 
HETATM 14  H HD11 A QIL A 1 1  ? 6.269   -15.004 4.768   0.20 12.97 ? 1    QIL A HD11 1 
HETATM 15  H HD12 A QIL A 1 1  ? 7.562   -14.582 5.611   0.20 12.97 ? 1    QIL A HD12 1 
HETATM 16  H HD13 A QIL A 1 1  ? 7.034   -16.091 5.657   0.20 12.97 ? 1    QIL A HD13 1 
HETATM 17  H HG12 A QIL A 1 1  ? 5.112   -15.427 6.812   0.50 7.87  ? 1    QIL A HG12 1 
HETATM 18  H HG13 A QIL A 1 1  ? 6.397   -14.909 7.621   0.50 7.87  ? 1    QIL A HG13 1 
HETATM 19  H HG21 A QIL A 1 1  ? 6.135   -11.452 6.930   0.50 12.55 ? 1    QIL A HG21 1 
HETATM 20  H HG22 A QIL A 1 1  ? 6.853   -12.541 7.858   0.50 12.55 ? 1    QIL A HG22 1 
HETATM 21  H HG23 A QIL A 1 1  ? 7.206   -12.461 6.299   0.50 12.55 ? 1    QIL A HG23 1 
HETATM 22  H HN   A QIL A 1 1  ? 1.642   -15.192 7.549   0.50 10.01 ? 1    QIL A HN   1 
HETATM 23  C C    B FVA A 1 1  ? 3.893   -11.626 7.673   0.50 5.72  ? 1    FVA A C    1 
HETATM 24  N N    B FVA A 1 1  ? 2.920   -13.763 7.225   0.50 5.35  ? 1    FVA A N    1 
HETATM 25  O O    B FVA A 1 1  ? 3.046   -11.101 6.956   0.50 6.85  ? 1    FVA A O    1 
HETATM 26  C CA   B FVA A 1 1  ? 4.176   -13.109 7.563   0.50 5.62  ? 1    FVA A CA   1 
HETATM 27  C CB   B FVA A 1 1  ? 5.285   -13.381 6.523   0.50 6.29  ? 1    FVA A CB   1 
HETATM 28  C CG1  B FVA A 1 1  ? 5.654   -14.855 6.393   0.50 7.49  ? 1    FVA A CG1  1 
HETATM 29  C CG2  B FVA A 1 1  ? 4.892   -12.863 5.135   0.50 7.07  ? 1    FVA A CG2  1 
HETATM 30  H H    B FVA A 1 1  ? 2.400   -13.382 6.627   0.50 6.41  ? 1    FVA A H    1 
HETATM 31  H HA   B FVA A 1 1  ? 4.483   -13.443 8.453   0.50 6.74  ? 1    FVA A HA   1 
HETATM 32  H HB   B FVA A 1 1  ? 6.104   -12.885 6.813   0.50 7.55  ? 1    FVA A HB   1 
HETATM 33  H HG11 B FVA A 1 1  ? 5.062   -15.391 6.961   0.80 11.23 ? 1    FVA A HG11 1 
HETATM 34  H HG12 B FVA A 1 1  ? 5.553   -15.136 5.460   0.50 11.23 ? 1    FVA A HG12 1 
HETATM 35  H HG13 B FVA A 1 1  ? 6.583   -14.986 6.675   0.50 11.23 ? 1    FVA A HG13 1 
HETATM 36  O O1   B FVA A 1 1  ? 3.166   -15.618 8.534   0.50 11.44 ? 1    FVA A O1   1 
HETATM 37  H HG21 B FVA A 1 1  ? 3.967   -12.539 5.158   0.50 10.60 ? 1    FVA A HG21 1 
HETATM 38  C CN   B FVA A 1 1  ? 2.519   -14.900 7.770   0.50 8.35  ? 1    FVA A CN   1 
HETATM 39  H HG22 B FVA A 1 1  ? 5.489   -12.130 4.880   0.50 10.60 ? 1    FVA A HG22 1 
HETATM 40  H HG23 B FVA A 1 1  ? 4.968   -13.590 4.482   0.50 10.60 ? 1    FVA A HG23 1 
HETATM 41  H HN   B FVA A 1 1  ? 1.642   -15.192 7.549   0.50 10.01 ? 1    FVA A HN   1 
ATOM   42  N N    . GLY A 1 2  ? 4.575   -10.963 8.582   1.00 5.86  ? 2    GLY A N    1 
ATOM   43  C CA   . GLY A 1 2  ? 4.353   -9.541  8.776   1.00 5.67  ? 2    GLY A CA   1 
ATOM   44  C C    . GLY A 1 2  ? 2.947   -9.272  9.292   1.00 5.37  ? 2    GLY A C    1 
ATOM   45  O O    . GLY A 1 2  ? 2.482   -9.981  10.199  1.00 6.48  ? 2    GLY A O    1 
ATOM   46  H H    . GLY A 1 2  ? 5.169   -11.383 9.076   1.00 7.04  ? 2    GLY A H    1 
ATOM   47  H HA2  . GLY A 1 2  ? 5.014   -9.189  9.423   1.00 6.80  ? 2    GLY A HA2  1 
ATOM   48  H HA3  . GLY A 1 2  ? 4.483   -9.067  7.916   1.00 6.80  ? 2    GLY A HA3  1 
ATOM   49  N N    . ALA A 1 3  ? 2.310   -8.239  8.770   1.00 5.38  ? 3    ALA A N    1 
ATOM   50  C CA   . ALA A 1 3  ? 1.024   -7.804  9.257   1.00 5.30  ? 3    ALA A CA   1 
ATOM   51  C C    . ALA A 1 3  ? 0.258   -7.143  8.146   1.00 5.01  ? 3    ALA A C    1 
ATOM   52  O O    . ALA A 1 3  ? 0.799   -6.356  7.387   1.00 9.79  ? 3    ALA A O    1 
ATOM   53  C CB   . ALA A 1 3  ? 1.116   -6.850  10.434  1.00 6.87  ? 3    ALA A CB   1 
ATOM   54  H H    . ALA A 1 3  ? 2.684   -7.802  8.104   1.00 6.45  ? 3    ALA A H    1 
ATOM   55  H HA   . ALA A 1 3  ? 0.512   -8.612  9.550   1.00 6.36  ? 3    ALA A HA   1 
ATOM   56  H HB1  . ALA A 1 3  ? 1.577   -6.031  10.156  1.00 10.30 ? 3    ALA A HB1  1 
ATOM   57  H HB2  . ALA A 1 3  ? 0.214   -6.628  10.746  1.00 10.30 ? 3    ALA A HB2  1 
ATOM   58  H HB3  . ALA A 1 3  ? 1.617   -7.276  11.161  1.00 10.30 ? 3    ALA A HB3  1 
HETATM 59  N N    . DLE A 1 4  ? -1.021  -7.423  8.033   1.00 5.83  ? 4    DLE A N    1 
HETATM 60  C CA   . DLE A 1 4  ? -1.930  -6.789  7.099   1.00 5.24  ? 4    DLE A CA   1 
HETATM 61  C CB   . DLE A 1 4  ? -3.329  -6.694  7.687   1.00 6.57  ? 4    DLE A CB   1 
HETATM 62  C CG   . DLE A 1 4  ? -3.427  -5.842  8.954   1.00 9.83  ? 4    DLE A CG   1 
HETATM 63  C CD1  . DLE A 1 4  ? -3.107  -4.403  8.646   1.00 14.73 ? 4    DLE A CD1  1 
HETATM 64  C CD2  . DLE A 1 4  ? -4.863  -5.966  9.498   1.00 15.64 ? 4    DLE A CD2  1 
HETATM 65  C C    . DLE A 1 4  ? -2.014  -7.561  5.799   1.00 4.89  ? 4    DLE A C    1 
HETATM 66  O O    . DLE A 1 4  ? -2.156  -8.774  5.808   1.00 6.08  ? 4    DLE A O    1 
HETATM 67  H H    . DLE A 1 4  ? -1.350  -8.043  8.563   1.00 7.00  ? 4    DLE A H    1 
HETATM 68  H HA   . DLE A 1 4  ? -1.599  -5.865  6.904   1.00 6.29  ? 4    DLE A HA   1 
HETATM 69  H HB2  . DLE A 1 4  ? -3.936  -6.314  7.003   1.00 7.88  ? 4    DLE A HB2  1 
HETATM 70  H HB3  . DLE A 1 4  ? -3.648  -7.608  7.895   1.00 7.88  ? 4    DLE A HB3  1 
HETATM 71  H HG   . DLE A 1 4  ? -2.782  -6.187  9.638   1.00 11.79 ? 4    DLE A HG   1 
HETATM 72  H HD11 . DLE A 1 4  ? -2.895  -4.313  7.693   1.00 22.10 ? 4    DLE A HD11 1 
HETATM 73  H HD12 . DLE A 1 4  ? -3.881  -3.843  8.863   1.00 22.10 ? 4    DLE A HD12 1 
HETATM 74  H HD13 . DLE A 1 4  ? -2.337  -4.118  9.180   1.00 22.10 ? 4    DLE A HD13 1 
HETATM 75  H HD21 . DLE A 1 4  ? -5.472  -6.186  8.762   1.00 23.47 ? 4    DLE A HD21 1 
HETATM 76  H HD22 . DLE A 1 4  ? -4.897  -6.676  10.172  1.00 23.47 ? 4    DLE A HD22 1 
HETATM 77  H HD23 . DLE A 1 4  ? -5.133  -5.117  9.903   1.00 23.47 ? 4    DLE A HD23 1 
ATOM   78  N N    . ALA A 1 5  ? -2.037  -6.831  4.673   1.00 4.51  ? 5    ALA A N    1 
ATOM   79  C CA   . ALA A 1 5  ? -2.314  -7.406  3.378   1.00 4.50  ? 5    ALA A CA   1 
ATOM   80  C C    . ALA A 1 5  ? -1.793  -6.448  2.300   1.00 4.42  ? 5    ALA A C    1 
ATOM   81  O O    . ALA A 1 5  ? -2.511  -5.573  1.834   1.00 5.04  ? 5    ALA A O    1 
ATOM   82  C CB   . ALA A 1 5  ? -3.832  -7.659  3.207   1.00 7.71  ? 5    ALA A CB   1 
ATOM   83  H H    . ALA A 1 5  ? -1.877  -5.967  4.726   1.00 5.41  ? 5    ALA A H    1 
ATOM   84  H HA   . ALA A 1 5  ? -1.830  -8.277  3.300   1.00 5.39  ? 5    ALA A HA   1 
ATOM   85  H HB1  . ALA A 1 5  ? -4.314  -6.810  3.280   1.00 11.56 ? 5    ALA A HB1  1 
ATOM   86  H HB2  . ALA A 1 5  ? -3.999  -8.055  2.325   1.00 11.56 ? 5    ALA A HB2  1 
ATOM   87  H HB3  . ALA A 1 5  ? -4.141  -8.273  3.904   1.00 11.56 ? 5    ALA A HB3  1 
HETATM 88  N N    . DVA A 1 6  ? -0.531  -6.625  1.958   1.00 4.35  ? 6    DVA A N    1 
HETATM 89  C CA   . DVA A 1 6  ? 0.161   -5.745  1.014   1.00 4.45  ? 6    DVA A CA   1 
HETATM 90  C CB   . DVA A 1 6  ? 0.788   -6.488  -0.175  1.00 5.10  ? 6    DVA A CB   1 
HETATM 91  C CG1  . DVA A 1 6  ? 1.818   -7.512  0.267   1.00 5.81  ? 6    DVA A CG1  1 
HETATM 92  C CG2  . DVA A 1 6  ? -0.294  -7.140  -1.014  1.00 6.70  ? 6    DVA A CG2  1 
HETATM 93  C C    . DVA A 1 6  ? 1.184   -4.900  1.745   1.00 4.13  ? 6    DVA A C    1 
HETATM 94  O O    . DVA A 1 6  ? 1.758   -5.313  2.742   1.00 4.92  ? 6    DVA A O    1 
HETATM 95  H H    . DVA A 1 6  ? -0.087  -7.298  2.311   1.00 5.22  ? 6    DVA A H    1 
HETATM 96  H HA   . DVA A 1 6  ? -0.524  -5.119  0.640   1.00 5.34  ? 6    DVA A HA   1 
HETATM 97  H HB   . DVA A 1 6  ? 1.254   -5.813  -0.747  1.00 6.12  ? 6    DVA A HB   1 
HETATM 98  H HG11 . DVA A 1 6  ? 1.834   -7.557  1.246   1.00 8.72  ? 6    DVA A HG11 1 
HETATM 99  H HG12 . DVA A 1 6  ? 1.581   -8.391  -0.095  1.00 8.72  ? 6    DVA A HG12 1 
HETATM 100 H HG13 . DVA A 1 6  ? 2.702   -7.250  -0.063  1.00 8.72  ? 6    DVA A HG13 1 
HETATM 101 H HG21 . DVA A 1 6  ? -1.165  -7.010  -0.583  1.00 10.05 ? 6    DVA A HG21 1 
HETATM 102 H HG22 . DVA A 1 6  ? -0.308  -6.731  -1.905  1.00 10.05 ? 6    DVA A HG22 1 
HETATM 103 H HG23 . DVA A 1 6  ? -0.111  -8.099  -1.099  1.00 10.05 ? 6    DVA A HG23 1 
ATOM   104 N N    . VAL A 1 7  ? 1.412   -3.693  1.196   1.00 4.67  ? 7    VAL A N    1 
ATOM   105 C CA   . VAL A 1 7  ? 2.435   -2.824  1.716   1.00 5.10  ? 7    VAL A CA   1 
ATOM   106 C C    . VAL A 1 7  ? 1.928   -1.412  1.701   1.00 4.86  ? 7    VAL A C    1 
ATOM   107 O O    . VAL A 1 7  ? 1.508   -0.899  0.662   1.00 6.76  ? 7    VAL A O    1 
ATOM   108 C CB   . VAL A 1 7  ? 3.761   -2.927  0.901   1.00 9.11  ? 7    VAL A CB   1 
ATOM   109 C CG1  . VAL A 1 7  ? 4.813   -1.971  1.393   1.00 14.56 ? 7    VAL A CG1  1 
ATOM   110 C CG2  . VAL A 1 7  ? 4.339   -4.347  0.993   1.00 11.13 ? 7    VAL A CG2  1 
ATOM   111 H H    . VAL A 1 7  ? 0.928   -3.430  0.511   1.00 5.61  ? 7    VAL A H    1 
ATOM   112 H HA   . VAL A 1 7  ? 2.623   -3.085  2.662   1.00 6.12  ? 7    VAL A HA   1 
ATOM   113 H HB   . VAL A 1 7  ? 3.565   -2.722  -0.058  1.00 10.93 ? 7    VAL A HB   1 
ATOM   114 H HG11 . VAL A 1 7  ? 4.482   -1.502  2.188   1.00 21.84 ? 7    VAL A HG11 1 
ATOM   115 H HG12 . VAL A 1 7  ? 5.625   -2.469  1.623   1.00 21.84 ? 7    VAL A HG12 1 
ATOM   116 H HG13 . VAL A 1 7  ? 5.018   -1.319  0.690   1.00 21.84 ? 7    VAL A HG13 1 
ATOM   117 H HG21 . VAL A 1 7  ? 3.796   -4.881  1.609   1.00 16.70 ? 7    VAL A HG21 1 
ATOM   118 H HG22 . VAL A 1 7  ? 4.329   -4.762  0.105   1.00 16.70 ? 7    VAL A HG22 1 
ATOM   119 H HG23 . VAL A 1 7  ? 5.260   -4.304  1.324   1.00 16.70 ? 7    VAL A HG23 1 
HETATM 120 N N    . DVA A 1 8  ? 2.032   -0.704  2.807   1.00 3.85  ? 8    DVA A N    1 
HETATM 121 C CA   . DVA A 1 8  ? 1.827   0.741   2.851   1.00 4.38  ? 8    DVA A CA   1 
HETATM 122 C CB   . DVA A 1 8  ? 2.682   1.386   3.929   1.00 4.77  ? 8    DVA A CB   1 
HETATM 123 C CG1  . DVA A 1 8  ? 4.155   1.130   3.741   1.00 6.84  ? 8    DVA A CG1  1 
HETATM 124 C CG2  . DVA A 1 8  ? 2.434   2.890   3.978   1.00 6.57  ? 8    DVA A CG2  1 
HETATM 125 C C    . DVA A 1 8  ? 0.367   1.069   3.102   1.00 3.32  ? 8    DVA A C    1 
HETATM 126 O O    . DVA A 1 8  ? -0.278  0.556   4.042   1.00 3.83  ? 8    DVA A O    1 
HETATM 127 H H    . DVA A 1 8  ? 2.235   -1.122  3.554   1.00 4.62  ? 8    DVA A H    1 
HETATM 128 H HA   . DVA A 1 8  ? 2.089   1.125   1.966   1.00 5.26  ? 8    DVA A HA   1 
HETATM 129 H HB   . DVA A 1 8  ? 2.411   1.000   4.810   1.00 5.72  ? 8    DVA A HB   1 
HETATM 130 H HG11 . DVA A 1 8  ? 4.297   0.639   2.905   1.00 10.25 ? 8    DVA A HG11 1 
HETATM 131 H HG12 . DVA A 1 8  ? 4.634   1.984   3.704   1.00 10.25 ? 8    DVA A HG12 1 
HETATM 132 H HG13 . DVA A 1 8  ? 4.492   0.599   4.494   1.00 10.25 ? 8    DVA A HG13 1 
HETATM 133 H HG21 . DVA A 1 8  ? 2.139   3.202   3.097   1.00 9.86  ? 8    DVA A HG21 1 
HETATM 134 H HG22 . DVA A 1 8  ? 1.740   3.085   4.643   1.00 9.86  ? 8    DVA A HG22 1 
HETATM 135 H HG23 . DVA A 1 8  ? 3.263   3.349   4.227   1.00 9.86  ? 8    DVA A HG23 1 
ATOM   136 N N    . TRP A 1 9  ? -0.198  1.917   2.245   1.00 3.75  ? 9    TRP A N    1 
ATOM   137 C CA   . TRP A 1 9  ? -1.598  2.320   2.305   1.00 4.12  ? 9    TRP A CA   1 
ATOM   138 C C    . TRP A 1 9  ? -2.040  2.821   0.937   1.00 3.68  ? 9    TRP A C    1 
ATOM   139 O O    . TRP A 1 9  ? -1.717  3.948   0.545   1.00 4.27  ? 9    TRP A O    1 
ATOM   140 C CB   . TRP A 1 9  ? -1.808  3.431   3.330   1.00 4.53  ? 9    TRP A CB   1 
ATOM   141 C CG   . TRP A 1 9  ? -3.261  3.864   3.404   1.00 4.55  ? 9    TRP A CG   1 
ATOM   142 C CD1  . TRP A 1 9  ? -3.756  5.077   3.040   1.00 5.56  ? 9    TRP A CD1  1 
ATOM   143 C CD2  . TRP A 1 9  ? -4.390  3.072   3.812   1.00 4.63  ? 9    TRP A CD2  1 
ATOM   144 N NE1  . TRP A 1 9  ? -5.100  5.124   3.227   1.00 6.20  ? 9    TRP A NE1  1 
ATOM   145 C CE2  . TRP A 1 9  ? -5.514  3.892   3.698   1.00 5.48  ? 9    TRP A CE2  1 
ATOM   146 C CE3  . TRP A 1 9  ? -4.542  1.781   4.282   1.00 5.48  ? 9    TRP A CE3  1 
ATOM   147 C CZ2  . TRP A 1 9  ? -6.796  3.451   4.027   1.00 6.93  ? 9    TRP A CZ2  1 
ATOM   148 C CZ3  . TRP A 1 9  ? -5.808  1.347   4.604   1.00 6.49  ? 9    TRP A CZ3  1 
ATOM   149 C CH2  . TRP A 1 9  ? -6.924  2.178   4.471   1.00 7.73  ? 9    TRP A CH2  1 
ATOM   150 H H    . TRP A 1 9  ? 0.304   2.255   1.605   1.00 4.50  ? 9    TRP A H    1 
ATOM   151 H HA   . TRP A 1 9  ? -2.155  1.530   2.560   1.00 4.94  ? 9    TRP A HA   1 
ATOM   152 H HB2  . TRP A 1 9  ? -1.516  3.113   4.221   1.00 5.44  ? 9    TRP A HB2  1 
ATOM   153 H HB3  . TRP A 1 9  ? -1.247  4.210   3.086   1.00 5.44  ? 9    TRP A HB3  1 
ATOM   154 H HD1  . TRP A 1 9  ? -3.233  5.794   2.703   1.00 6.67  ? 9    TRP A HD1  1 
ATOM   155 H HE1  . TRP A 1 9  ? -5.618  5.818   3.073   1.00 7.44  ? 9    TRP A HE1  1 
ATOM   156 H HE3  . TRP A 1 9  ? -3.790  1.209   4.381   1.00 6.58  ? 9    TRP A HE3  1 
ATOM   157 H HZ2  . TRP A 1 9  ? -7.550  4.022   3.943   1.00 8.32  ? 9    TRP A HZ2  1 
ATOM   158 H HZ3  . TRP A 1 9  ? -5.926  0.460   4.924   1.00 7.79  ? 9    TRP A HZ3  1 
ATOM   159 H HH2  . TRP A 1 9  ? -7.786  1.845   4.695   1.00 9.28  ? 9    TRP A HH2  1 
HETATM 160 N N    . DLE A 1 10 ? -2.777  1.989   0.225   1.00 3.91  ? 10   DLE A N    1 
HETATM 161 C CA   . DLE A 1 10 ? -3.434  2.371   -1.004  1.00 4.24  ? 10   DLE A CA   1 
HETATM 162 C CB   . DLE A 1 10 ? -4.877  1.884   -1.030  1.00 6.90  ? 10   DLE A CB   1 
HETATM 163 C CG   . DLE A 1 10 ? -5.770  2.395   0.095   1.00 10.24 ? 10   DLE A CG   1 
HETATM 164 C CD1  . DLE A 1 10 ? -5.898  3.891   -0.005  1.00 14.71 ? 10   DLE A CD1  1 
HETATM 165 C CD2  . DLE A 1 10 ? -7.125  1.717   0.057   1.00 19.94 ? 10   DLE A CD2  1 
HETATM 166 C C    . DLE A 1 10 ? -2.723  1.804   -2.204  1.00 4.57  ? 10   DLE A C    1 
HETATM 167 O O    . DLE A 1 10 ? -2.288  0.681   -2.203  1.00 5.74  ? 10   DLE A O    1 
HETATM 168 H H    . DLE A 1 10 ? -2.872  1.164   0.512   1.00 4.69  ? 10   DLE A H    1 
HETATM 169 H HA   . DLE A 1 10 ? -3.431  3.369   -1.071  1.00 5.09  ? 10   DLE A HA   1 
HETATM 170 H HB2  . DLE A 1 10 ? -5.280  2.152   -1.894  1.00 8.28  ? 10   DLE A HB2  1 
HETATM 171 H HB3  . DLE A 1 10 ? -4.873  0.895   -0.999  1.00 8.28  ? 10   DLE A HB3  1 
HETATM 172 H HG   . DLE A 1 10 ? -5.332  2.176   0.968   1.00 12.28 ? 10   DLE A HG   1 
HETATM 173 H HD11 . DLE A 1 10 ? -5.409  4.209   -0.792  1.00 22.06 ? 10   DLE A HD11 1 
HETATM 174 H HD12 . DLE A 1 10 ? -6.844  4.133   -0.089  1.00 22.06 ? 10   DLE A HD12 1 
HETATM 175 H HD13 . DLE A 1 10 ? -5.525  4.306   0.801   1.00 22.06 ? 10   DLE A HD13 1 
HETATM 176 H HD21 . DLE A 1 10 ? -7.305  1.398   -0.853  1.00 29.91 ? 10   DLE A HD21 1 
HETATM 177 H HD22 . DLE A 1 10 ? -7.127  0.958   0.676   1.00 29.91 ? 10   DLE A HD22 1 
HETATM 178 H HD23 . DLE A 1 10 ? -7.818  2.357   0.322   1.00 29.91 ? 10   DLE A HD23 1 
ATOM   179 N N    A TYR A 1 11 ? -2.597  2.618   -3.250  0.50 4.82  ? 11   TYR A N    1 
ATOM   180 C CA   A TYR A 1 11 ? -2.208  2.233   -4.592  0.50 6.76  ? 11   TYR A CA   1 
ATOM   181 C C    A TYR A 1 11 ? -1.206  3.239   -5.158  0.50 6.13  ? 11   TYR A C    1 
ATOM   182 O O    A TYR A 1 11 ? -1.521  4.422   -5.359  0.50 5.81  ? 11   TYR A O    1 
ATOM   183 C CB   A TYR A 1 11 ? -3.470  2.173   -5.462  0.50 8.69  ? 11   TYR A CB   1 
ATOM   184 C CG   A TYR A 1 11 ? -4.366  1.015   -5.063  0.50 8.21  ? 11   TYR A CG   1 
ATOM   185 C CD1  A TYR A 1 11 ? -3.940  -0.308  -5.212  0.50 9.49  ? 11   TYR A CD1  1 
ATOM   186 C CD2  A TYR A 1 11 ? -5.575  1.251   -4.481  0.50 9.19  ? 11   TYR A CD2  1 
ATOM   187 C CE1  A TYR A 1 11 ? -4.730  -1.371  -4.832  0.31 10.14 ? 11   TYR A CE1  1 
ATOM   188 C CE2  A TYR A 1 11 ? -6.404  0.225   -4.079  0.50 8.94  ? 11   TYR A CE2  1 
ATOM   189 C CZ   A TYR A 1 11 ? -5.961  -1.084  -4.259  0.31 10.60 ? 11   TYR A CZ   1 
ATOM   190 O OH   A TYR A 1 11 ? -6.705  -2.166  -3.911  0.31 11.34 ? 11   TYR A OH   1 
ATOM   191 H H    A TYR A 1 11 ? -2.765  3.471   -3.113  0.50 5.78  ? 11   TYR A H    1 
ATOM   192 H HA   A TYR A 1 11 ? -1.784  1.328   -4.566  0.50 8.12  ? 11   TYR A HA   1 
ATOM   193 H HB2  A TYR A 1 11 ? -3.971  3.022   -5.371  0.50 10.43 ? 11   TYR A HB2  1 
ATOM   194 H HB3  A TYR A 1 11 ? -3.208  2.075   -6.412  0.50 10.43 ? 11   TYR A HB3  1 
ATOM   195 H HD1  A TYR A 1 11 ? -3.084  -0.479  -5.587  0.50 11.38 ? 11   TYR A HD1  1 
ATOM   196 H HD2  A TYR A 1 11 ? -5.856  2.148   -4.347  0.31 11.03 ? 11   TYR A HD2  1 
ATOM   197 H HE1  A TYR A 1 11 ? -4.442  -2.267  -4.957  0.50 12.17 ? 11   TYR A HE1  1 
ATOM   198 H HE2  A TYR A 1 11 ? -7.251  0.406   -3.691  0.31 10.73 ? 11   TYR A HE2  1 
ATOM   199 H HH   A TYR A 1 11 ? -7.432  -1.911  -3.578  0.31 17.00 ? 11   TYR A HH   1 
ATOM   200 N N    B TRP A 1 11 ? -2.659  2.563   -3.310  0.50 4.70  ? 11   TRP A N    1 
ATOM   201 C CA   B TRP A 1 11 ? -2.158  2.070   -4.572  0.50 6.49  ? 11   TRP A CA   1 
ATOM   202 C C    B TRP A 1 11 ? -1.281  3.131   -5.275  0.50 6.10  ? 11   TRP A C    1 
ATOM   203 O O    B TRP A 1 11 ? -1.828  4.111   -5.823  0.50 6.91  ? 11   TRP A O    1 
ATOM   204 C CB   B TRP A 1 11 ? -3.208  1.635   -5.580  0.50 8.16  ? 11   TRP A CB   1 
ATOM   205 C CG   B TRP A 1 11 ? -4.153  0.612   -5.060  0.50 7.77  ? 11   TRP A CG   1 
ATOM   206 C CD1  B TRP A 1 11 ? -3.996  -0.715  -5.010  0.50 8.57  ? 11   TRP A CD1  1 
ATOM   207 C CD2  B TRP A 1 11 ? -5.412  0.821   -4.491  0.50 7.50  ? 11   TRP A CD2  1 
ATOM   208 N NE1  B TRP A 1 11 ? -5.055  -1.440  -4.433  0.69 10.16 ? 11   TRP A NE1  1 
ATOM   209 C CE2  B TRP A 1 11 ? -5.963  -0.408  -4.134  0.50 9.88  ? 11   TRP A CE2  1 
ATOM   210 C CE3  B TRP A 1 11 ? -6.155  2.028   -4.280  0.69 9.01  ? 11   TRP A CE3  1 
ATOM   211 C CZ2  B TRP A 1 11 ? -7.214  -0.650  -3.571  0.69 9.73  ? 11   TRP A CZ2  1 
ATOM   212 C CZ3  B TRP A 1 11 ? -7.344  1.747   -3.718  0.69 9.52  ? 11   TRP A CZ3  1 
ATOM   213 C CH2  B TRP A 1 11 ? -7.891  0.540   -3.362  0.69 12.33 ? 11   TRP A CH2  1 
ATOM   214 H H    B TRP A 1 11 ? -2.935  3.397   -3.263  0.50 5.64  ? 11   TRP A H    1 
ATOM   215 H HA   B TRP A 1 11 ? -1.578  1.279   -4.379  0.50 7.78  ? 11   TRP A HA   1 
ATOM   216 H HB2  B TRP A 1 11 ? -3.725  2.430   -5.865  0.50 9.79  ? 11   TRP A HB2  1 
ATOM   217 H HB3  B TRP A 1 11 ? -2.751  1.272   -6.379  0.50 9.79  ? 11   TRP A HB3  1 
ATOM   218 H HD1  B TRP A 1 11 ? -3.216  -1.142  -5.344  0.50 10.28 ? 11   TRP A HD1  1 
ATOM   219 H HE1  B TRP A 1 11 ? -5.130  -2.306  -4.298  0.50 12.19 ? 11   TRP A HE1  1 
ATOM   220 H HE3  B TRP A 1 11 ? -5.852  2.900   -4.505  0.69 10.81 ? 11   TRP A HE3  1 
ATOM   221 H HZ2  B TRP A 1 11 ? -7.555  -1.511  -3.360  0.69 11.68 ? 11   TRP A HZ2  1 
ATOM   222 H HZ3  B TRP A 1 11 ? -7.891  2.503   -3.538  0.69 11.43 ? 11   TRP A HZ3  1 
ATOM   223 H HH2  B TRP A 1 11 ? -8.752  0.521   -2.964  0.69 14.79 ? 11   TRP A HH2  1 
HETATM 224 N N    . DLE A 1 12 ? 0.005   2.894   -5.366  1.00 5.32  ? 12   DLE A N    1 
HETATM 225 C CA   . DLE A 1 12 ? 0.917   3.697   -6.120  1.00 5.05  ? 12   DLE A CA   1 
HETATM 226 C CB   A DLE A 1 12 ? 1.962   2.863   -6.868  0.50 6.50  ? 12   DLE A CB   1 
HETATM 227 C CB   B DLE A 1 12 ? 1.667   2.709   -7.030  0.50 6.74  ? 12   DLE A CB   1 
HETATM 228 C CG   A DLE A 1 12 ? 2.757   3.604   -7.946  0.50 6.69  ? 12   DLE A CG   1 
HETATM 229 C CG   B DLE A 1 12 ? 0.868   2.268   -8.279  0.50 7.96  ? 12   DLE A CG   1 
HETATM 230 C CD1  A DLE A 1 12 ? 3.986   2.799   -8.337  0.50 9.98  ? 12   DLE A CD1  1 
HETATM 231 C CD1  B DLE A 1 12 ? 0.880   3.468   -9.214  0.50 10.95 ? 12   DLE A CD1  1 
HETATM 232 C CD2  A DLE A 1 12 ? 1.931   3.834   -9.196  0.50 10.32 ? 12   DLE A CD2  1 
HETATM 233 C CD2  B DLE A 1 12 ? 1.422   1.068   -9.004  0.50 9.51  ? 12   DLE A CD2  1 
HETATM 234 C C    . DLE A 1 12 ? 1.710   4.642   -5.258  1.00 4.51  ? 12   DLE A C    1 
HETATM 235 O O    . DLE A 1 12 ? 2.301   4.239   -4.260  1.00 5.30  ? 12   DLE A O    1 
HETATM 236 H H    . DLE A 1 12 ? 0.327   2.197   -4.937  1.00 6.38  ? 12   DLE A H    1 
HETATM 237 H HA   . DLE A 1 12 ? 0.398   4.232   -6.786  1.00 6.07  ? 12   DLE A HA   1 
HETATM 238 H HB2  A DLE A 1 12 ? 2.600   2.497   -6.206  0.50 7.80  ? 12   DLE A HB2  1 
HETATM 239 H HB2  B DLE A 1 12 ? 2.513   3.127   -7.325  0.50 8.08  ? 12   DLE A HB2  1 
HETATM 240 H HB3  A DLE A 1 12 ? 1.503   2.095   -7.292  0.50 7.80  ? 12   DLE A HB3  1 
HETATM 241 H HB3  B DLE A 1 12 ? 1.899   1.905   -6.501  0.50 8.08  ? 12   DLE A HB3  1 
HETATM 242 H HG   A DLE A 1 12 ? 3.050   4.489   -7.583  0.50 8.03  ? 12   DLE A HG   1 
HETATM 243 H HG   B DLE A 1 12 ? -0.076  2.076   -8.011  0.50 9.55  ? 12   DLE A HG   1 
HETATM 244 H HD11 A DLE A 1 12 ? 3.968   1.932   -7.879  0.50 14.98 ? 12   DLE A HD11 1 
HETATM 245 H HD11 B DLE A 1 12 ? 1.418   4.185   -8.818  0.50 13.14 ? 12   DLE A HD11 1 
HETATM 246 H HD12 A DLE A 1 12 ? 3.988   2.655   -9.307  0.50 14.98 ? 12   DLE A HD12 1 
HETATM 247 H HD12 B DLE A 1 12 ? 1.268   3.207   -10.076 0.50 13.14 ? 12   DLE A HD12 1 
HETATM 248 H HD13 A DLE A 1 12 ? 4.794   3.288   -8.077  0.50 14.98 ? 12   DLE A HD13 1 
HETATM 249 H HD13 B DLE A 1 12 ? -0.037  3.786   -9.351  0.50 13.14 ? 12   DLE A HD13 1 
HETATM 250 H HD21 A DLE A 1 12 ? 1.057   3.402   -9.094  0.50 15.49 ? 12   DLE A HD21 1 
HETATM 251 H HD21 B DLE A 1 12 ? 2.243   0.768   -8.560  0.50 11.42 ? 12   DLE A HD21 1 
HETATM 252 H HD22 A DLE A 1 12 ? 1.808   4.795   -9.335  0.50 15.49 ? 12   DLE A HD22 1 
HETATM 253 H HD22 B DLE A 1 12 ? 0.761   0.345   -8.992  0.50 11.42 ? 12   DLE A HD22 1 
HETATM 254 H HD23 A DLE A 1 12 ? 2.396   3.449   -9.970  0.50 15.49 ? 12   DLE A HD23 1 
HETATM 255 H HD23 B DLE A 1 12 ? 1.623   1.311   -9.932  0.50 11.42 ? 12   DLE A HD23 1 
ATOM   256 N N    . TRP A 1 13 ? 1.817   5.892   -5.692  1.00 4.79  ? 13   TRP A N    1 
ATOM   257 C CA   . TRP A 1 13 ? 2.633   6.865   -5.000  1.00 4.80  ? 13   TRP A CA   1 
ATOM   258 C C    . TRP A 1 13 ? 2.143   8.254   -5.383  1.00 4.90  ? 13   TRP A C    1 
ATOM   259 O O    . TRP A 1 13 ? 2.626   8.882   -6.339  1.00 5.75  ? 13   TRP A O    1 
ATOM   260 C CB   . TRP A 1 13 ? 4.139   6.700   -5.337  1.00 6.26  ? 13   TRP A CB   1 
ATOM   261 C CG   . TRP A 1 13 ? 5.017   6.895   -4.109  1.00 8.50  ? 13   TRP A CG   1 
ATOM   262 C CD1  . TRP A 1 13 ? 5.124   8.052   -3.344  1.00 12.91 ? 13   TRP A CD1  1 
ATOM   263 C CD2  . TRP A 1 13 ? 5.784   5.920   -3.450  1.00 8.49  ? 13   TRP A CD2  1 
ATOM   264 N NE1  . TRP A 1 13 ? 5.952   7.814   -2.283  1.00 14.63 ? 13   TRP A NE1  1 
ATOM   265 C CE2  . TRP A 1 13 ? 6.392   6.522   -2.317  1.00 11.85 ? 13   TRP A CE2  1 
ATOM   266 C CE3  . TRP A 1 13 ? 6.073   4.612   -3.688  1.00 9.44  ? 13   TRP A CE3  1 
ATOM   267 C CZ2  . TRP A 1 13 ? 7.260   5.903   -1.487  1.00 12.97 ? 13   TRP A CZ2  1 
ATOM   268 C CZ3  . TRP A 1 13 ? 6.918   3.898   -2.838  1.00 10.79 ? 13   TRP A CZ3  1 
ATOM   269 C CH2  . TRP A 1 13 ? 7.490   4.564   -1.738  1.00 12.89 ? 13   TRP A CH2  1 
ATOM   270 H H    . TRP A 1 13 ? 1.381   6.134   -6.418  1.00 5.75  ? 13   TRP A H    1 
ATOM   271 H HA   . TRP A 1 13 ? 2.510   6.741   -4.014  1.00 5.76  ? 13   TRP A HA   1 
ATOM   272 H HB2  . TRP A 1 13 ? 4.295   5.795   -5.709  1.00 7.51  ? 13   TRP A HB2  1 
ATOM   273 H HB3  . TRP A 1 13 ? 4.394   7.361   -6.028  1.00 7.51  ? 13   TRP A HB3  1 
ATOM   274 H HD1  . TRP A 1 13 ? 4.690   8.877   -3.530  1.00 15.49 ? 13   TRP A HD1  1 
ATOM   275 H HE1  . TRP A 1 13 ? 6.169   8.406   -1.670  1.00 17.56 ? 13   TRP A HE1  1 
ATOM   276 H HE3  . TRP A 1 13 ? 5.695   4.179   -4.444  1.00 11.33 ? 13   TRP A HE3  1 
ATOM   277 H HZ2  . TRP A 1 13 ? 7.686   6.362   -0.772  1.00 15.56 ? 13   TRP A HZ2  1 
ATOM   278 H HZ3  . TRP A 1 13 ? 7.103   2.980   -2.997  1.00 12.94 ? 13   TRP A HZ3  1 
ATOM   279 H HH2  . TRP A 1 13 ? 8.054   4.077   -1.149  1.00 15.47 ? 13   TRP A HH2  1 
HETATM 280 N N    . DLE A 1 14 ? 1.124   8.717   -4.665  1.00 4.48  ? 14   DLE A N    1 
HETATM 281 C CA   . DLE A 1 14 ? 0.607   10.063  -4.818  1.00 4.03  ? 14   DLE A CA   1 
HETATM 282 C CB   . DLE A 1 14 ? 1.074   10.927  -3.682  1.00 5.62  ? 14   DLE A CB   1 
HETATM 283 C CG   . DLE A 1 14 ? 2.604   11.157  -3.688  1.00 7.56  ? 14   DLE A CG   1 
HETATM 284 C CD1  . DLE A 1 14 ? 3.031   12.267  -4.600  1.00 12.42 ? 14   DLE A CD1  1 
HETATM 285 C CD2  . DLE A 1 14 ? 3.157   11.337  -2.303  1.00 13.11 ? 14   DLE A CD2  1 
HETATM 286 C C    . DLE A 1 14 ? -0.925  10.057  -4.850  1.00 3.87  ? 14   DLE A C    1 
HETATM 287 O O    . DLE A 1 14 ? -1.591  9.319   -4.131  1.00 5.01  ? 14   DLE A O    1 
HETATM 288 H H    . DLE A 1 14 ? 0.748   8.184   -4.074  1.00 5.37  ? 14   DLE A H    1 
HETATM 289 H HA   . DLE A 1 14 ? 0.947   10.446  -5.677  1.00 4.83  ? 14   DLE A HA   1 
HETATM 290 H HB2  . DLE A 1 14 ? 0.616   11.803  -3.734  1.00 6.74  ? 14   DLE A HB2  1 
HETATM 291 H HB3  . DLE A 1 14 ? 0.817   10.500  -2.827  1.00 6.74  ? 14   DLE A HB3  1 
HETATM 292 H HG   . DLE A 1 14 ? 3.015   10.319  -4.050  1.00 9.07  ? 14   DLE A HG   1 
HETATM 293 H HD11 . DLE A 1 14 ? 2.246   12.786  -4.873  1.00 18.62 ? 14   DLE A HD11 1 
HETATM 294 H HD12 . DLE A 1 14 ? 3.662   12.851  -4.129  1.00 18.62 ? 14   DLE A HD12 1 
HETATM 295 H HD13 . DLE A 1 14 ? 3.466   11.890  -5.393  1.00 18.62 ? 14   DLE A HD13 1 
HETATM 296 H HD21 . DLE A 1 14 ? 2.418   11.415  -1.665  1.00 19.66 ? 14   DLE A HD21 1 
HETATM 297 H HD22 . DLE A 1 14 ? 3.711   10.563  -2.069  1.00 19.66 ? 14   DLE A HD22 1 
HETATM 298 H HD23 . DLE A 1 14 ? 3.702   12.150  -2.273  1.00 19.66 ? 14   DLE A HD23 1 
ATOM   299 N N    . TRP A 1 15 ? -1.438  10.951  -5.695  1.00 4.55  ? 15   TRP A N    1 
ATOM   300 C CA   . TRP A 1 15 ? -2.869  11.242  -5.689  1.00 4.79  ? 15   TRP A CA   1 
ATOM   301 C C    . TRP A 1 15 ? -3.227  11.829  -7.043  1.00 4.99  ? 15   TRP A C    1 
ATOM   302 O O    . TRP A 1 15 ? -3.287  13.057  -7.214  1.00 6.43  ? 15   TRP A O    1 
ATOM   303 C CB   . TRP A 1 15 ? -3.210  12.203  -4.553  1.00 5.16  ? 15   TRP A CB   1 
ATOM   304 C CG   . TRP A 1 15 ? -4.688  12.280  -4.290  1.00 5.85  ? 15   TRP A CG   1 
ATOM   305 C CD1  . TRP A 1 15 ? -5.541  13.306  -4.594  1.00 6.05  ? 15   TRP A CD1  1 
ATOM   306 C CD2  . TRP A 1 15 ? -5.480  11.300  -3.613  1.00 5.87  ? 15   TRP A CD2  1 
ATOM   307 N NE1  . TRP A 1 15 ? -6.797  13.020  -4.179  1.00 6.73  ? 15   TRP A NE1  1 
ATOM   308 C CE2  . TRP A 1 15 ? -6.790  11.809  -3.569  1.00 6.92  ? 15   TRP A CE2  1 
ATOM   309 C CE3  . TRP A 1 15 ? -5.199  10.071  -3.014  1.00 6.26  ? 15   TRP A CE3  1 
ATOM   310 C CZ2  . TRP A 1 15 ? -7.819  11.072  -2.970  1.00 7.91  ? 15   TRP A CZ2  1 
ATOM   311 C CZ3  . TRP A 1 15 ? -6.209  9.361   -2.414  1.00 7.87  ? 15   TRP A CZ3  1 
ATOM   312 C CH2  . TRP A 1 15 ? -7.535  9.861   -2.387  1.00 8.90  ? 15   TRP A CH2  1 
ATOM   313 H H    . TRP A 1 15 ? -0.909  11.370  -6.260  1.00 5.46  ? 15   TRP A H    1 
ATOM   314 H HA   . TRP A 1 15 ? -3.375  10.389  -5.559  1.00 5.75  ? 15   TRP A HA   1 
ATOM   315 H HB2  . TRP A 1 15 ? -2.750  11.904  -3.728  1.00 6.19  ? 15   TRP A HB2  1 
ATOM   316 H HB3  . TRP A 1 15 ? -2.873  13.105  -4.779  1.00 6.19  ? 15   TRP A HB3  1 
ATOM   317 H HD1  . TRP A 1 15 ? -5.287  14.107  -5.035  1.00 7.26  ? 15   TRP A HD1  1 
ATOM   318 H HE1  . TRP A 1 15 ? -7.503  13.534  -4.288  1.00 8.08  ? 15   TRP A HE1  1 
ATOM   319 H HE3  . TRP A 1 15 ? -4.313  9.728   -3.021  1.00 7.51  ? 15   TRP A HE3  1 
ATOM   320 H HZ2  . TRP A 1 15 ? -8.708  11.408  -2.968  1.00 9.49  ? 15   TRP A HZ2  1 
ATOM   321 H HZ3  . TRP A 1 15 ? -6.017  8.522   -2.010  1.00 9.44  ? 15   TRP A HZ3  1 
ATOM   322 H HH2  . TRP A 1 15 ? -8.226  9.360   -1.969  1.00 10.68 ? 15   TRP A HH2  1 
HETATM 323 C CA   . ETA A 1 16 ? -3.788  11.338  -9.361  1.00 7.73  ? 16   ETA A CA   1 
HETATM 324 N N    . ETA A 1 16 ? -3.452  10.942  -7.991  1.00 5.88  ? 16   ETA A N    1 
HETATM 325 C C    . ETA A 1 16 ? -2.801  10.746  -10.384 1.00 8.03  ? 16   ETA A C    1 
HETATM 326 O O    . ETA A 1 16 ? -2.934  9.334   -10.411 1.00 8.89  ? 16   ETA A O    1 
HETATM 327 H HA1  . ETA A 1 16 ? -3.775  12.326  -9.428  1.00 9.27  ? 16   ETA A HA1  1 
HETATM 328 H HA2  . ETA A 1 16 ? -4.704  11.030  -9.575  1.00 9.27  ? 16   ETA A HA2  1 
HETATM 329 H H    . ETA A 1 16 ? -3.399  10.086  -7.796  1.00 7.05  ? 16   ETA A H    1 
HETATM 330 H HB1  . ETA A 1 16 ? -2.989  11.117  -11.283 1.00 9.64  ? 16   ETA A HB1  1 
HETATM 331 H HB2  . ETA A 1 16 ? -1.875  10.991  -10.136 1.00 9.64  ? 16   ETA A HB2  1 
HETATM 332 H HO   . ETA A 1 16 ? -3.712  9.130   -10.653 1.00 13.33 ? 16   ETA A HO   1 
HETATM 333 C C    . FVA B 2 1  ? 0.755   13.327  -8.008  1.00 6.50  ? 1    FVA B C    1 
HETATM 334 N N    . FVA B 2 1  ? -1.109  14.843  -8.043  1.00 7.75  ? 1    FVA B N    1 
HETATM 335 O O    . FVA B 2 1  ? 0.071   12.454  -7.443  1.00 7.58  ? 1    FVA B O    1 
HETATM 336 C CA   . FVA B 2 1  ? 0.347   14.788  -7.973  1.00 6.65  ? 1    FVA B CA   1 
HETATM 337 C CB   . FVA B 2 1  ? 0.878   15.474  -6.719  1.00 7.96  ? 1    FVA B CB   1 
HETATM 338 C CG1  . FVA B 2 1  ? 0.292   14.905  -5.441  1.00 10.27 ? 1    FVA B CG1  1 
HETATM 339 C CG2  . FVA B 2 1  ? 2.401   15.536  -6.700  1.00 10.30 ? 1    FVA B CG2  1 
HETATM 340 H H    . FVA B 2 1  ? -1.563  14.126  -7.809  1.00 9.29  ? 1    FVA B H    1 
HETATM 341 H HA   . FVA B 2 1  ? 0.726   15.248  -8.776  1.00 7.98  ? 1    FVA B HA   1 
HETATM 342 H HB   . FVA B 2 1  ? 0.564   16.422  -6.768  1.00 9.55  ? 1    FVA B HB   1 
HETATM 343 H HG11 . FVA B 2 1  ? 0.069   13.960  -5.576  1.00 15.40 ? 1    FVA B HG11 1 
HETATM 344 H HG12 . FVA B 2 1  ? 0.947   14.986  -4.717  1.00 15.40 ? 1    FVA B HG12 1 
HETATM 345 H HG13 . FVA B 2 1  ? -0.519  15.402  -5.204  1.00 15.40 ? 1    FVA B HG13 1 
HETATM 346 O O1   . FVA B 2 1  ? -1.214  16.950  -8.789  1.00 14.40 ? 1    FVA B O1   1 
HETATM 347 H HG21 . FVA B 2 1  ? 2.759   14.996  -7.435  1.00 15.45 ? 1    FVA B HG21 1 
HETATM 348 C CN   . FVA B 2 1  ? -1.778  15.895  -8.436  1.00 11.33 ? 1    FVA B CN   1 
HETATM 349 H HG22 . FVA B 2 1  ? 2.692   16.466  -6.805  1.00 15.45 ? 1    FVA B HG22 1 
HETATM 350 H HG23 . FVA B 2 1  ? 2.732   15.185  -5.846  1.00 15.45 ? 1    FVA B HG23 1 
HETATM 351 H HN   . FVA B 2 1  ? -2.727  15.854  -8.452  1.00 13.59 ? 1    FVA B HN   1 
ATOM   352 N N    . GLY B 2 2  ? 1.855   12.987  -8.661  1.00 5.62  ? 2    GLY B N    1 
ATOM   353 C CA   . GLY B 2 2  ? 2.295   11.597  -8.691  1.00 5.53  ? 2    GLY B CA   1 
ATOM   354 C C    . GLY B 2 2  ? 1.313   10.700  -9.411  1.00 5.60  ? 2    GLY B C    1 
ATOM   355 O O    . GLY B 2 2  ? 0.730   11.080  -10.429 1.00 6.86  ? 2    GLY B O    1 
ATOM   356 H H    . GLY B 2 2  ? 2.323   13.603  -9.080  1.00 6.74  ? 2    GLY B H    1 
ATOM   357 H HA2  . GLY B 2 2  ? 3.175   11.544  -9.141  1.00 6.63  ? 2    GLY B HA2  1 
ATOM   358 H HA3  . GLY B 2 2  ? 2.409   11.272  -7.762  1.00 6.63  ? 2    GLY B HA3  1 
ATOM   359 N N    . ALA B 2 3  ? 1.240   9.446   -8.926  1.00 5.48  ? 3    ALA B N    1 
ATOM   360 C CA   . ALA B 2 3  ? 0.424   8.442   -9.610  1.00 6.39  ? 3    ALA B CA   1 
ATOM   361 C C    . ALA B 2 3  ? -0.317  7.576   -8.608  1.00 5.62  ? 3    ALA B C    1 
ATOM   362 O O    . ALA B 2 3  ? 0.314   6.920   -7.790  1.00 9.16  ? 3    ALA B O    1 
ATOM   363 C CB   . ALA B 2 3  ? 1.289   7.546   -10.495 1.00 8.54  ? 3    ALA B CB   1 
ATOM   364 H H    . ALA B 2 3  ? 1.684   9.230   -8.199  1.00 6.58  ? 3    ALA B H    1 
ATOM   365 H HA   . ALA B 2 3  ? -0.246  8.911   -10.184 1.00 7.66  ? 3    ALA B HA   1 
ATOM   366 H HB1  . ALA B 2 3  ? 1.926   7.053   -9.938  1.00 12.80 ? 3    ALA B HB1  1 
ATOM   367 H HB2  . ALA B 2 3  ? 0.717   6.912   -10.977 1.00 12.80 ? 3    ALA B HB2  1 
ATOM   368 H HB3  . ALA B 2 3  ? 1.778   8.098   -11.140 1.00 12.80 ? 3    ALA B HB3  1 
HETATM 369 N N    . DLE B 2 4  ? -1.617  7.471   -8.744  1.00 5.62  ? 4    DLE B N    1 
HETATM 370 C CA   . DLE B 2 4  ? -2.405  6.511   -7.992  1.00 5.27  ? 4    DLE B CA   1 
HETATM 371 C CB   . DLE B 2 4  ? -3.436  5.888   -8.945  1.00 6.73  ? 4    DLE B CB   1 
HETATM 372 C CG   . DLE B 2 4  ? -2.799  4.996   -10.032 1.00 9.35  ? 4    DLE B CG   1 
HETATM 373 C CD1  . DLE B 2 4  ? -2.435  3.646   -9.390  1.00 13.51 ? 4    DLE B CD1  1 
HETATM 374 C CD2  . DLE B 2 4  ? -3.765  4.820   -11.194 1.00 12.41 ? 4    DLE B CD2  1 
HETATM 375 C C    . DLE B 2 4  ? -3.154  7.201   -6.854  1.00 5.14  ? 4    DLE B C    1 
HETATM 376 O O    . DLE B 2 4  ? -3.720  8.284   -7.007  1.00 5.45  ? 4    DLE B O    1 
HETATM 377 H H    . DLE B 2 4  ? -2.027  8.003   -9.311  1.00 6.74  ? 4    DLE B H    1 
HETATM 378 H HA   . DLE B 2 4  ? -1.809  5.797   -7.622  1.00 6.32  ? 4    DLE B HA   1 
HETATM 379 H HB2  . DLE B 2 4  ? -4.075  5.347   -8.418  1.00 8.08  ? 4    DLE B HB2  1 
HETATM 380 H HB3  . DLE B 2 4  ? -3.946  6.615   -9.385  1.00 8.08  ? 4    DLE B HB3  1 
HETATM 381 H HG   . DLE B 2 4  ? -1.965  5.434   -10.367 1.00 11.22 ? 4    DLE B HG   1 
HETATM 382 H HD11 . DLE B 2 4  ? -2.996  3.498   -8.600  1.00 20.27 ? 4    DLE B HD11 1 
HETATM 383 H HD12 . DLE B 2 4  ? -2.585  2.926   -10.037 1.00 20.27 ? 4    DLE B HD12 1 
HETATM 384 H HD13 . DLE B 2 4  ? -1.492  3.656   -9.124  1.00 20.27 ? 4    DLE B HD13 1 
HETATM 385 H HD21 . DLE B 2 4  ? -4.587  5.321   -11.014 1.00 18.62 ? 4    DLE B HD21 1 
HETATM 386 H HD22 . DLE B 2 4  ? -3.351  5.155   -12.016 1.00 18.62 ? 4    DLE B HD22 1 
HETATM 387 H HD23 . DLE B 2 4  ? -3.978  3.869   -11.300 1.00 18.62 ? 4    DLE B HD23 1 
ATOM   388 N N    . ALA B 2 5  ? -3.182  6.503   -5.738  1.00 4.39  ? 5    ALA B N    1 
ATOM   389 C CA   . ALA B 2 5  ? -3.971  6.917   -4.581  1.00 5.00  ? 5    ALA B CA   1 
ATOM   390 C C    . ALA B 2 5  ? -3.365  6.279   -3.336  1.00 4.74  ? 5    ALA B C    1 
ATOM   391 O O    . ALA B 2 5  ? -3.851  5.216   -2.916  1.00 6.36  ? 5    ALA B O    1 
ATOM   392 C CB   . ALA B 2 5  ? -5.417  6.527   -4.736  1.00 6.16  ? 5    ALA B CB   1 
ATOM   393 H H    . ALA B 2 5  ? -2.709  5.763   -5.688  1.00 5.27  ? 5    ALA B H    1 
ATOM   394 H HA   . ALA B 2 5  ? -3.915  7.912   -4.491  1.00 6.00  ? 5    ALA B HA   1 
ATOM   395 H HB1  . ALA B 2 5  ? -5.485  5.553   -4.822  1.00 9.24  ? 5    ALA B HB1  1 
ATOM   396 H HB2  . ALA B 2 5  ? -5.921  6.821   -3.949  1.00 9.24  ? 5    ALA B HB2  1 
ATOM   397 H HB3  . ALA B 2 5  ? -5.786  6.952   -5.538  1.00 9.24  ? 5    ALA B HB3  1 
HETATM 398 N N    . DVA B 2 6  ? -2.380  6.953   -2.759  1.00 4.79  ? 6    DVA B N    1 
HETATM 399 C CA   . DVA B 2 6  ? -1.718  6.465   -1.542  1.00 4.54  ? 6    DVA B CA   1 
HETATM 400 C CB   . DVA B 2 6  ? -1.915  7.445   -0.375  1.00 5.10  ? 6    DVA B CB   1 
HETATM 401 C CG1  . DVA B 2 6  ? -1.320  8.799   -0.659  1.00 6.39  ? 6    DVA B CG1  1 
HETATM 402 C CG2  . DVA B 2 6  ? -3.380  7.546   0.029   1.00 7.34  ? 6    DVA B CG2  1 
HETATM 403 C C    . DVA B 2 6  ? -0.234  6.226   -1.803  1.00 4.26  ? 6    DVA B C    1 
HETATM 404 O O    . DVA B 2 6  ? 0.365   6.809   -2.661  1.00 5.16  ? 6    DVA B O    1 
HETATM 405 H H    . DVA B 2 6  ? -2.117  7.713   -3.115  1.00 5.75  ? 6    DVA B H    1 
HETATM 406 H HA   . DVA B 2 6  ? -2.135  5.591   -1.290  1.00 5.44  ? 6    DVA B HA   1 
HETATM 407 H HB   . DVA B 2 6  ? -1.421  7.068   0.408   1.00 6.12  ? 6    DVA B HB   1 
HETATM 408 H HG11 . DVA B 2 6  ? -1.014  8.833   -1.589  1.00 9.59  ? 6    DVA B HG11 1 
HETATM 409 H HG12 . DVA B 2 6  ? -1.998  9.491   -0.512  1.00 9.59  ? 6    DVA B HG12 1 
HETATM 410 H HG13 . DVA B 2 6  ? -0.561  8.953   -0.059  1.00 9.59  ? 6    DVA B HG13 1 
HETATM 411 H HG21 . DVA B 2 6  ? -3.931  7.052   -0.614  1.00 11.01 ? 6    DVA B HG21 1 
HETATM 412 H HG22 . DVA B 2 6  ? -3.499  7.162   0.923   1.00 11.01 ? 6    DVA B HG22 1 
HETATM 413 H HG23 . DVA B 2 6  ? -3.652  8.487   0.039   1.00 11.01 ? 6    DVA B HG23 1 
ATOM   414 N N    . VAL B 2 7  ? 0.311   5.328   -0.967  1.00 4.11  ? 7    VAL B N    1 
ATOM   415 C CA   . VAL B 2 7  ? 1.731   4.983   -0.988  1.00 3.87  ? 7    VAL B CA   1 
ATOM   416 C C    . VAL B 2 7  ? 1.804   3.455   -0.771  1.00 3.98  ? 7    VAL B C    1 
ATOM   417 O O    . VAL B 2 7  ? 1.593   3.007   0.357   1.00 5.20  ? 7    VAL B O    1 
ATOM   418 C CB   . VAL B 2 7  ? 2.527   5.724   0.111   1.00 5.39  ? 7    VAL B CB   1 
ATOM   419 C CG1  . VAL B 2 7  ? 3.962   5.211   0.171   1.00 6.77  ? 7    VAL B CG1  1 
ATOM   420 C CG2  . VAL B 2 7  ? 2.468   7.228   -0.142  1.00 8.18  ? 7    VAL B CG2  1 
ATOM   421 H H    . VAL B 2 7  ? -0.211  4.929   -0.381  1.00 4.93  ? 7    VAL B H    1 
ATOM   422 H HA   . VAL B 2 7  ? 2.113   5.209   -1.884  1.00 4.64  ? 7    VAL B HA   1 
ATOM   423 H HB   . VAL B 2 7  ? 2.092   5.538   0.992   1.00 6.47  ? 7    VAL B HB   1 
ATOM   424 H HG11 . VAL B 2 7  ? 4.100   4.544   -0.533  1.00 10.16 ? 7    VAL B HG11 1 
ATOM   425 H HG12 . VAL B 2 7  ? 4.582   5.959   0.041   1.00 10.16 ? 7    VAL B HG12 1 
ATOM   426 H HG13 . VAL B 2 7  ? 4.125   4.800   1.047   1.00 10.16 ? 7    VAL B HG13 1 
ATOM   427 H HG21 . VAL B 2 7  ? 1.985   7.400   -0.977  1.00 12.28 ? 7    VAL B HG21 1 
ATOM   428 H HG22 . VAL B 2 7  ? 2.003   7.666   0.601   1.00 12.28 ? 7    VAL B HG22 1 
ATOM   429 H HG23 . VAL B 2 7  ? 3.379   7.583   -0.212  1.00 12.28 ? 7    VAL B HG23 1 
HETATM 430 N N    . DVA B 2 8  ? 2.163   2.735   -1.804  1.00 4.22  ? 8    DVA B N    1 
HETATM 431 C CA   . DVA B 2 8  ? 2.343   1.294   -1.688  1.00 5.06  ? 8    DVA B CA   1 
HETATM 432 C CB   . DVA B 2 8  ? 3.788   0.884   -1.995  1.00 6.37  ? 8    DVA B CB   1 
HETATM 433 C CG1  . DVA B 2 8  ? 4.205   1.189   -3.380  1.00 9.24  ? 8    DVA B CG1  1 
HETATM 434 C CG2  . DVA B 2 8  ? 4.735   1.495   -0.957  1.00 7.35  ? 8    DVA B CG2  1 
HETATM 435 C C    . DVA B 2 8  ? 1.377   0.533   -2.549  1.00 4.55  ? 8    DVA B C    1 
HETATM 436 O O    . DVA B 2 8  ? 1.068   0.885   -3.690  1.00 5.25  ? 8    DVA B O    1 
HETATM 437 H H    . DVA B 2 8  ? 2.298   3.127   -2.580  1.00 5.06  ? 8    DVA B H    1 
HETATM 438 H HA   . DVA B 2 8  ? 2.156   1.044   -0.737  1.00 6.08  ? 8    DVA B HA   1 
HETATM 439 H HB   . DVA B 2 8  ? 3.839   -0.109  -1.887  1.00 7.64  ? 8    DVA B HB   1 
HETATM 440 H HG11 . DVA B 2 8  ? 3.485   1.668   -3.840  1.00 13.86 ? 8    DVA B HG11 1 
HETATM 441 H HG12 . DVA B 2 8  ? 5.010   1.747   -3.363  1.00 13.86 ? 8    DVA B HG12 1 
HETATM 442 H HG13 . DVA B 2 8  ? 4.398   0.354   -3.855  1.00 13.86 ? 8    DVA B HG13 1 
HETATM 443 H HG21 . DVA B 2 8  ? 4.356   2.334   -0.623  1.00 11.03 ? 8    DVA B HG21 1 
HETATM 444 H HG22 . DVA B 2 8  ? 4.851   0.869   -0.212  1.00 11.03 ? 8    DVA B HG22 1 
HETATM 445 H HG23 . DVA B 2 8  ? 5.605   1.672   -1.373  1.00 11.03 ? 8    DVA B HG23 1 
ATOM   446 N N    . TRP B 2 9  ? 0.929   -0.622  -2.028  1.00 4.85  ? 9    TRP B N    1 
ATOM   447 C CA   . TRP B 2 9  ? 0.001   -1.471  -2.742  1.00 4.89  ? 9    TRP B CA   1 
ATOM   448 C C    . TRP B 2 9  ? -0.672  -2.362  -1.689  1.00 4.70  ? 9    TRP B C    1 
ATOM   449 O O    . TRP B 2 9  ? -0.102  -3.374  -1.260  1.00 6.07  ? 9    TRP B O    1 
ATOM   450 C CB   . TRP B 2 9  ? 0.668   -2.309  -3.810  1.00 5.96  ? 9    TRP B CB   1 
ATOM   451 C CG   . TRP B 2 9  ? -0.311  -2.753  -4.847  1.00 7.47  ? 9    TRP B CG   1 
ATOM   452 C CD1  . TRP B 2 9  ? -1.001  -3.906  -4.876  1.00 11.05 ? 9    TRP B CD1  1 
ATOM   453 C CD2  . TRP B 2 9  ? -0.706  -1.972  -6.008  1.00 9.40  ? 9    TRP B CD2  1 
ATOM   454 N NE1  . TRP B 2 9  ? -1.815  -3.870  -5.982  1.00 12.79 ? 9    TRP B NE1  1 
ATOM   455 C CE2  . TRP B 2 9  ? -1.658  -2.701  -6.695  1.00 12.27 ? 9    TRP B CE2  1 
ATOM   456 C CE3  . TRP B 2 9  ? -0.346  -0.729  -6.493  1.00 11.35 ? 9    TRP B CE3  1 
ATOM   457 C CZ2  . TRP B 2 9  ? -2.285  -2.268  -7.875  1.00 13.85 ? 9    TRP B CZ2  1 
ATOM   458 C CZ3  . TRP B 2 9  ? -0.967  -0.301  -7.641  1.00 14.81 ? 9    TRP B CZ3  1 
ATOM   459 C CH2  . TRP B 2 9  ? -1.890  -1.046  -8.333  1.00 16.17 ? 9    TRP B CH2  1 
ATOM   460 H H    . TRP B 2 9  ? 1.209   -0.867  -1.230  1.00 5.82  ? 9    TRP B H    1 
ATOM   461 H HA   . TRP B 2 9  ? -0.695  -0.897  -3.171  1.00 5.87  ? 9    TRP B HA   1 
ATOM   462 H HB2  . TRP B 2 9  ? 1.384   -1.780  -4.242  1.00 7.16  ? 9    TRP B HB2  1 
ATOM   463 H HB3  . TRP B 2 9  ? 1.084   -3.103  -3.391  1.00 7.16  ? 9    TRP B HB3  1 
ATOM   464 H HD1  . TRP B 2 9  ? -0.938  -4.615  -4.247  1.00 13.26 ? 9    TRP B HD1  1 
ATOM   465 H HE1  . TRP B 2 9  ? -2.370  -4.516  -6.207  1.00 15.35 ? 9    TRP B HE1  1 
ATOM   466 H HE3  . TRP B 2 9  ? 0.303   -0.194  -6.051  1.00 13.62 ? 9    TRP B HE3  1 
ATOM   467 H HZ2  . TRP B 2 9  ? -2.940  -2.790  -8.324  1.00 16.62 ? 9    TRP B HZ2  1 
ATOM   468 H HZ3  . TRP B 2 9  ? -0.746  0.560   -7.976  1.00 17.77 ? 9    TRP B HZ3  1 
ATOM   469 H HH2  . TRP B 2 9  ? -2.258  -0.707  -9.141  1.00 19.40 ? 9    TRP B HH2  1 
HETATM 470 N N    . DLE B 2 10 ? -1.834  -1.979  -1.244  1.00 4.59  ? 10   DLE B N    1 
HETATM 471 C CA   . DLE B 2 10 ? -2.565  -2.672  -0.179  1.00 4.97  ? 10   DLE B CA   1 
HETATM 472 C CB   A DLE B 2 10 ? -4.029  -2.861  -0.398  0.50 6.12  ? 10   DLE B CB   1 
HETATM 473 C CB   B DLE B 2 10 ? -4.010  -2.702  -0.700  0.50 5.70  ? 10   DLE B CB   1 
HETATM 474 C CG   A DLE B 2 10 ? -4.370  -3.703  -1.617  0.50 7.24  ? 10   DLE B CG   1 
HETATM 475 C CG   B DLE B 2 10 ? -5.236  -3.132  0.069   0.50 6.69  ? 10   DLE B CG   1 
HETATM 476 C CD1  A DLE B 2 10 ? -3.685  -5.047  -1.640  0.50 8.70  ? 10   DLE B CD1  1 
HETATM 477 C CD1  B DLE B 2 10 ? -6.558  -2.612  -0.501  0.50 8.33  ? 10   DLE B CD1  1 
HETATM 478 C CD2  A DLE B 2 10 ? -5.880  -3.823  -1.638  0.50 9.92  ? 10   DLE B CD2  1 
HETATM 479 C CD2  B DLE B 2 10 ? -5.315  -4.635  0.115   0.50 7.02  ? 10   DLE B CD2  1 
HETATM 480 C C    . DLE B 2 10 ? -2.421  -1.939  1.135   1.00 4.79  ? 10   DLE B C    1 
HETATM 481 O O    . DLE B 2 10 ? -2.602  -0.721  1.231   1.00 5.88  ? 10   DLE B O    1 
HETATM 482 H H    . DLE B 2 10 ? -2.201  -1.263  -1.602  1.00 5.50  ? 10   DLE B H    1 
HETATM 483 H HA   . DLE B 2 10 ? -2.155  -3.578  -0.068  1.00 5.97  ? 10   DLE B HA   1 
HETATM 484 H HB2  A DLE B 2 10 ? -4.419  -3.290  0.404   0.50 7.35  ? 10   DLE B HB2  1 
HETATM 485 H HB2  B DLE B 2 10 ? -4.200  -1.782  -1.014  0.50 6.84  ? 10   DLE B HB2  1 
HETATM 486 H HB3  A DLE B 2 10 ? -4.453  -1.971  -0.498  0.50 7.35  ? 10   DLE B HB3  1 
HETATM 487 H HB3  B DLE B 2 10 ? -3.990  -3.270  -1.511  0.50 6.84  ? 10   DLE B HB3  1 
HETATM 488 H HG   A DLE B 2 10 ? -4.088  -3.198  -2.433  0.50 8.69  ? 10   DLE B HG   1 
HETATM 489 H HG   B DLE B 2 10 ? -5.149  -2.797  1.008   0.50 8.03  ? 10   DLE B HG   1 
HETATM 490 H HD11 A DLE B 2 10 ? -3.424  -5.295  -0.728  0.50 13.05 ? 10   DLE B HD11 1 
HETATM 491 H HD11 B DLE B 2 10 ? -6.381  -1.848  -1.089  0.50 12.50 ? 10   DLE B HD11 1 
HETATM 492 H HD12 A DLE B 2 10 ? -4.299  -5.720  -1.998  0.50 13.05 ? 10   DLE B HD12 1 
HETATM 493 H HD12 B DLE B 2 10 ? -6.995  -3.325  -1.013  0.50 12.50 ? 10   DLE B HD12 1 
HETATM 494 H HD13 A DLE B 2 10 ? -2.887  -4.997  -2.206  0.50 13.05 ? 10   DLE B HD13 1 
HETATM 495 H HD13 B DLE B 2 10 ? -7.143  -2.331  0.234   0.50 12.50 ? 10   DLE B HD13 1 
HETATM 496 H HD21 A DLE B 2 10 ? -6.226  -3.749  -0.724  0.50 14.88 ? 10   DLE B HD21 1 
HETATM 497 H HD21 B DLE B 2 10 ? -4.449  -5.015  -0.140  0.50 10.53 ? 10   DLE B HD21 1 
HETATM 498 H HD22 A DLE B 2 10 ? -6.256  -3.106  -2.190  0.50 14.88 ? 10   DLE B HD22 1 
HETATM 499 H HD22 B DLE B 2 10 ? -5.543  -4.923  1.023   0.50 10.53 ? 10   DLE B HD22 1 
HETATM 500 H HD23 A DLE B 2 10 ? -6.133  -4.692  -2.014  0.50 14.88 ? 10   DLE B HD23 1 
HETATM 501 H HD23 B DLE B 2 10 ? -6.004  -4.945  -0.509  0.50 10.53 ? 10   DLE B HD23 1 
ATOM   502 N N    A TRP B 2 11 ? -2.051  -2.693  2.166   0.50 4.53  ? 11   TRP B N    1 
ATOM   503 N N    B TRP B 2 11 ? -2.237  -2.697  2.214   0.50 4.54  ? 11   TRP B N    1 
ATOM   504 C CA   A TRP B 2 11 ? -2.246  -2.273  3.553   0.50 4.34  ? 11   TRP B CA   1 
ATOM   505 C CA   B TRP B 2 11 ? -2.072  -2.016  3.489   0.50 4.66  ? 11   TRP B CA   1 
ATOM   506 C C    A TRP B 2 11 ? -1.266  -2.973  4.462   0.50 4.54  ? 11   TRP B C    1 
ATOM   507 C C    B TRP B 2 11 ? -1.272  -2.911  4.433   0.50 4.60  ? 11   TRP B C    1 
ATOM   508 O O    A TRP B 2 11 ? -1.303  -4.184  4.651   0.50 6.30  ? 11   TRP B O    1 
ATOM   509 O O    B TRP B 2 11 ? -1.502  -4.095  4.597   0.50 7.01  ? 11   TRP B O    1 
ATOM   510 C CB   A TRP B 2 11 ? -3.692  -2.649  3.913   0.50 4.01  ? 11   TRP B CB   1 
ATOM   511 C CB   B TRP B 2 11 ? -3.342  -1.619  4.168   0.50 5.42  ? 11   TRP B CB   1 
ATOM   512 C CG   A TRP B 2 11 ? -4.104  -2.229  5.295   0.50 3.72  ? 11   TRP B CG   1 
ATOM   513 C CG   B TRP B 2 11 ? -4.336  -2.669  4.495   0.50 5.26  ? 11   TRP B CG   1 
ATOM   514 C CD1  A TRP B 2 11 ? -3.616  -1.290  6.139   0.50 4.26  ? 11   TRP B CD1  1 
ATOM   515 C CD1  B TRP B 2 11 ? -4.646  -3.814  3.825   0.50 6.82  ? 11   TRP B CD1  1 
ATOM   516 C CD2  A TRP B 2 11 ? -5.249  -2.826  5.989   0.50 5.23  ? 11   TRP B CD2  1 
ATOM   517 C CD2  B TRP B 2 11 ? -5.236  -2.634  5.610   0.50 6.15  ? 11   TRP B CD2  1 
ATOM   518 N NE1  A TRP B 2 11 ? -4.345  -1.265  7.294   0.50 4.69  ? 11   TRP B NE1  1 
ATOM   519 N NE1  B TRP B 2 11 ? -5.659  -4.473  4.454   0.50 7.55  ? 11   TRP B NE1  1 
ATOM   520 C CE2  A TRP B 2 11 ? -5.358  -2.196  7.228   0.50 5.26  ? 11   TRP B CE2  1 
ATOM   521 C CE2  B TRP B 2 11 ? -6.040  -3.788  5.566   0.50 6.41  ? 11   TRP B CE2  1 
ATOM   522 C CE3  A TRP B 2 11 ? -6.168  -3.811  5.617   0.50 5.57  ? 11   TRP B CE3  1 
ATOM   523 C CE3  B TRP B 2 11 ? -5.432  -1.749  6.665   0.50 6.88  ? 11   TRP B CE3  1 
ATOM   524 C CZ2  A TRP B 2 11 ? -6.345  -2.552  8.144   0.50 6.66  ? 11   TRP B CZ2  1 
ATOM   525 C CZ2  B TRP B 2 11 ? -7.019  -4.060  6.508   0.50 7.80  ? 11   TRP B CZ2  1 
ATOM   526 C CZ3  A TRP B 2 11 ? -7.146  -4.150  6.528   0.50 7.54  ? 11   TRP B CZ3  1 
ATOM   527 C CZ3  B TRP B 2 11 ? -6.394  -2.029  7.616   0.50 7.69  ? 11   TRP B CZ3  1 
ATOM   528 C CH2  A TRP B 2 11 ? -7.233  -3.539  7.783   0.50 8.20  ? 11   TRP B CH2  1 
ATOM   529 C CH2  B TRP B 2 11 ? -7.171  -3.192  7.551   0.50 8.12  ? 11   TRP B CH2  1 
ATOM   530 H H    A TRP B 2 11 ? -1.675  -3.473  2.007   0.50 5.44  ? 11   TRP B H    1 
ATOM   531 H H    B TRP B 2 11 ? -2.217  -3.576  2.158   0.50 5.45  ? 11   TRP B H    1 
ATOM   532 H HA   A TRP B 2 11 ? -2.127  -1.284  3.627   0.50 5.21  ? 11   TRP B HA   1 
ATOM   533 H HA   B TRP B 2 11 ? -1.538  -1.187  3.327   0.50 5.60  ? 11   TRP B HA   1 
ATOM   534 H HB2  A TRP B 2 11 ? -4.304  -2.230  3.257   0.50 4.82  ? 11   TRP B HB2  1 
ATOM   535 H HB2  B TRP B 2 11 ? -3.101  -1.162  5.013   0.50 6.50  ? 11   TRP B HB2  1 
ATOM   536 H HB3  A TRP B 2 11 ? -3.795  -3.631  3.835   0.50 4.82  ? 11   TRP B HB3  1 
ATOM   537 H HB3  B TRP B 2 11 ? -3.792  -0.949  3.595   0.50 6.50  ? 11   TRP B HB3  1 
ATOM   538 H HD1  A TRP B 2 11 ? -2.873  -0.728  5.955   0.50 5.11  ? 11   TRP B HD1  1 
ATOM   539 H HD1  B TRP B 2 11 ? -4.218  -4.110  3.030   0.50 8.19  ? 11   TRP B HD1  1 
ATOM   540 H HE1  A TRP B 2 11 ? -4.189  -0.734  7.979   0.50 5.63  ? 11   TRP B HE1  1 
ATOM   541 H HE1  B TRP B 2 11 ? -6.014  -5.232  4.182   0.50 9.06  ? 11   TRP B HE1  1 
ATOM   542 H HE3  A TRP B 2 11 ? -6.122  -4.232  4.767   0.50 6.68  ? 11   TRP B HE3  1 
ATOM   543 H HE3  B TRP B 2 11 ? -4.908  -0.959  6.731   0.50 8.25  ? 11   TRP B HE3  1 
ATOM   544 H HZ2  A TRP B 2 11 ? -6.403  -2.128  8.991   0.50 7.99  ? 11   TRP B HZ2  1 
ATOM   545 H HZ2  B TRP B 2 11 ? -7.569  -4.831  6.430   0.50 9.36  ? 11   TRP B HZ2  1 
ATOM   546 H HZ3  A TRP B 2 11 ? -7.779  -4.820  6.297   0.50 9.04  ? 11   TRP B HZ3  1 
ATOM   547 H HZ3  B TRP B 2 11 ? -6.531  -1.420  8.331   0.50 9.23  ? 11   TRP B HZ3  1 
ATOM   548 H HH2  A TRP B 2 11 ? -7.912  -3.808  8.391   0.50 9.84  ? 11   TRP B HH2  1 
ATOM   549 H HH2  B TRP B 2 11 ? -7.807  -3.377  8.233   0.50 9.75  ? 11   TRP B HH2  1 
HETATM 550 N N    . DLE B 2 12 ? -0.357  -2.209  5.094   1.00 4.20  ? 12   DLE B N    1 
HETATM 551 C CA   . DLE B 2 12 ? 0.459   -2.758  6.150   1.00 4.61  ? 12   DLE B CA   1 
HETATM 552 C CB   . DLE B 2 12 ? 0.623   -1.697  7.230   1.00 5.40  ? 12   DLE B CB   1 
HETATM 553 C CG   . DLE B 2 12 ? 1.340   -2.145  8.485   1.00 8.76  ? 12   DLE B CG   1 
HETATM 554 C CD1  . DLE B 2 12 ? 1.650   -0.998  9.412   1.00 11.06 ? 12   DLE B CD1  1 
HETATM 555 C CD2  . DLE B 2 12 ? 0.493   -3.173  9.221   1.00 16.65 ? 12   DLE B CD2  1 
HETATM 556 C C    . DLE B 2 12 ? 1.835   -3.188  5.633   1.00 4.67  ? 12   DLE B C    1 
HETATM 557 O O    . DLE B 2 12 ? 2.528   -2.396  4.991   1.00 4.87  ? 12   DLE B O    1 
HETATM 558 H H    . DLE B 2 12 ? -0.258  -1.365  4.860   1.00 5.04  ? 12   DLE B H    1 
HETATM 559 H HA   . DLE B 2 12 ? -0.007  -3.552  6.541   1.00 5.53  ? 12   DLE B HA   1 
HETATM 560 H HB2  . DLE B 2 12 ? 1.118   -0.932  6.843   1.00 6.48  ? 12   DLE B HB2  1 
HETATM 561 H HB3  . DLE B 2 12 ? -0.276  -1.370  7.484   1.00 6.48  ? 12   DLE B HB3  1 
HETATM 562 H HG   . DLE B 2 12 ? 2.202   -2.578  8.219   1.00 10.51 ? 12   DLE B HG   1 
HETATM 563 H HD11 . DLE B 2 12 ? 1.250   -0.175  9.059   1.00 16.59 ? 12   DLE B HD11 1 
HETATM 564 H HD12 . DLE B 2 12 ? 1.279   -1.184  10.299  1.00 16.59 ? 12   DLE B HD12 1 
HETATM 565 H HD13 . DLE B 2 12 ? 2.621   -0.885  9.480   1.00 16.59 ? 12   DLE B HD13 1 
HETATM 566 H HD21 . DLE B 2 12 ? -0.378  -3.255  8.780   1.00 24.98 ? 12   DLE B HD21 1 
HETATM 567 H HD22 . DLE B 2 12 ? 0.949   -4.040  9.210   1.00 24.98 ? 12   DLE B HD22 1 
HETATM 568 H HD23 . DLE B 2 12 ? 0.363   -2.885  10.150  1.00 24.98 ? 12   DLE B HD23 1 
ATOM   569 N N    . TRP B 2 13 ? 2.207   -4.422  5.954   1.00 4.33  ? 13   TRP B N    1 
ATOM   570 C CA   . TRP B 2 13 ? 3.507   -4.931  5.525   1.00 4.77  ? 13   TRP B CA   1 
ATOM   571 C C    . TRP B 2 13 ? 3.487   -6.454  5.610   1.00 4.59  ? 13   TRP B C    1 
ATOM   572 O O    . TRP B 2 13 ? 3.885   -7.051  6.612   1.00 5.80  ? 13   TRP B O    1 
ATOM   573 C CB   A TRP B 2 13 ? 4.671   -4.311  6.309   0.50 5.64  ? 13   TRP B CB   1 
ATOM   574 C CB   B TRP B 2 13 ? 4.635   -4.402  6.428   0.50 5.70  ? 13   TRP B CB   1 
ATOM   575 C CG   A TRP B 2 13 ? 5.998   -4.418  5.624   0.50 6.05  ? 13   TRP B CG   1 
ATOM   576 C CG   B TRP B 2 13 ? 5.985   -4.908  6.023   0.50 6.28  ? 13   TRP B CG   1 
ATOM   577 C CD1  A TRP B 2 13 ? 6.865   -5.457  5.641   0.50 7.93  ? 13   TRP B CD1  1 
ATOM   578 C CD1  B TRP B 2 13 ? 6.660   -4.450  4.929   0.50 7.55  ? 13   TRP B CD1  1 
ATOM   579 C CD2  A TRP B 2 13 ? 6.591   -3.451  4.741   0.50 5.90  ? 13   TRP B CD2  1 
ATOM   580 C CD2  B TRP B 2 13 ? 6.803   -5.928  6.612   0.50 6.40  ? 13   TRP B CD2  1 
ATOM   581 N NE1  A TRP B 2 13 ? 7.975   -5.181  4.885   0.50 9.19  ? 13   TRP B NE1  1 
ATOM   582 N NE1  B TRP B 2 13 ? 7.864   -5.105  4.822   0.50 9.42  ? 13   TRP B NE1  1 
ATOM   583 C CE2  A TRP B 2 13 ? 7.833   -3.944  4.305   0.50 7.36  ? 13   TRP B CE2  1 
ATOM   584 C CE2  B TRP B 2 13 ? 7.982   -6.015  5.836   0.50 8.47  ? 13   TRP B CE2  1 
ATOM   585 C CE3  A TRP B 2 13 ? 6.174   -2.195  4.332   0.50 7.50  ? 13   TRP B CE3  1 
ATOM   586 C CE3  B TRP B 2 13 ? 6.644   -6.761  7.736   0.50 9.23  ? 13   TRP B CE3  1 
ATOM   587 C CZ2  A TRP B 2 13 ? 8.647   -3.202  3.453   0.50 10.09 ? 13   TRP B CZ2  1 
ATOM   588 C CZ2  B TRP B 2 13 ? 9.021   -6.916  6.146   0.50 10.58 ? 13   TRP B CZ2  1 
ATOM   589 C CZ3  A TRP B 2 13 ? 6.985   -1.497  3.484   0.50 10.46 ? 13   TRP B CZ3  1 
ATOM   590 C CZ3  B TRP B 2 13 ? 7.680   -7.640  8.031   0.50 11.47 ? 13   TRP B CZ3  1 
ATOM   591 C CH2  A TRP B 2 13 ? 8.204   -1.971  3.030   0.50 11.22 ? 13   TRP B CH2  1 
ATOM   592 C CH2  B TRP B 2 13 ? 8.837   -7.733  7.238   0.50 11.96 ? 13   TRP B CH2  1 
ATOM   593 H H    . TRP B 2 13 ? 1.669   -4.934  6.426   1.00 5.20  ? 13   TRP B H    1 
ATOM   594 H HA   . TRP B 2 13 ? 3.626   -4.684  4.562   1.00 5.72  ? 13   TRP B HA   1 
ATOM   595 H HB2  A TRP B 2 13 ? 4.473   -3.355  6.469   0.50 6.77  ? 13   TRP B HB2  1 
ATOM   596 H HB2  B TRP B 2 13 ? 4.637   -3.413  6.395   0.50 6.83  ? 13   TRP B HB2  1 
ATOM   597 H HB3  A TRP B 2 13 ? 4.732   -4.756  7.191   0.50 6.77  ? 13   TRP B HB3  1 
ATOM   598 H HB3  B TRP B 2 13 ? 4.454   -4.674  7.362   0.50 6.83  ? 13   TRP B HB3  1 
ATOM   599 H HD1  A TRP B 2 13 ? 6.724   -6.268  6.115   0.50 9.51  ? 13   TRP B HD1  1 
ATOM   600 H HD1  B TRP B 2 13 ? 6.346   -3.782  4.332   0.50 9.06  ? 13   TRP B HD1  1 
ATOM   601 H HE1  A TRP B 2 13 ? 8.669   -5.712  4.786   0.50 11.03 ? 13   TRP B HE1  1 
ATOM   602 H HE1  B TRP B 2 13 ? 8.465   -4.959  4.197   0.50 11.30 ? 13   TRP B HE1  1 
ATOM   603 H HE3  A TRP B 2 13 ? 5.350   -1.832  4.632   0.50 9.00  ? 13   TRP B HE3  1 
ATOM   604 H HE3  B TRP B 2 13 ? 5.861   -6.724  8.273   0.50 11.08 ? 13   TRP B HE3  1 
ATOM   605 H HZ2  A TRP B 2 13 ? 9.489   -3.539  3.171   0.50 12.10 ? 13   TRP B HZ2  1 
ATOM   606 H HZ2  B TRP B 2 13 ? 9.813   -6.956  5.623   0.50 12.70 ? 13   TRP B HZ2  1 
ATOM   607 H HZ3  A TRP B 2 13 ? 6.696   -0.641  3.191   0.50 12.56 ? 13   TRP B HZ3  1 
ATOM   608 H HZ3  B TRP B 2 13 ? 7.603   -8.198  8.796   0.50 13.76 ? 13   TRP B HZ3  1 
ATOM   609 H HH2  A TRP B 2 13 ? 8.729   -1.450  2.432   0.50 13.46 ? 13   TRP B HH2  1 
ATOM   610 H HH2  B TRP B 2 13 ? 9.505   -8.371  7.461   0.50 14.35 ? 13   TRP B HH2  1 
HETATM 611 N N    . DLE B 2 14 ? 3.045   -7.089  4.533   1.00 4.78  ? 14   DLE B N    1 
HETATM 612 C CA   . DLE B 2 14 ? 3.089   -8.533  4.414   1.00 5.04  ? 14   DLE B CA   1 
HETATM 613 C CB   . DLE B 2 14 ? 3.918   -8.976  3.211   1.00 5.53  ? 14   DLE B CB   1 
HETATM 614 C CG   . DLE B 2 14 ? 5.360   -8.456  3.210   1.00 7.27  ? 14   DLE B CG   1 
HETATM 615 C CD1  . DLE B 2 14 ? 6.156   -8.936  4.424   1.00 8.93  ? 14   DLE B CD1  1 
HETATM 616 C CD2  . DLE B 2 14 ? 6.046   -8.855  1.917   1.00 10.37 ? 14   DLE B CD2  1 
HETATM 617 C C    . DLE B 2 14 ? 1.699   -9.126  4.214   1.00 5.22  ? 14   DLE B C    1 
HETATM 618 O O    . DLE B 2 14 ? 0.891   -8.599  3.428   1.00 5.89  ? 14   DLE B O    1 
HETATM 619 H H    . DLE B 2 14 ? 2.714   -6.618  3.867   1.00 5.73  ? 14   DLE B H    1 
HETATM 620 H HA   . DLE B 2 14 ? 3.491   -8.917  5.246   1.00 6.05  ? 14   DLE B HA   1 
HETATM 621 H HB2  . DLE B 2 14 ? 3.938   -9.965  3.188   1.00 6.63  ? 14   DLE B HB2  1 
HETATM 622 H HB3  . DLE B 2 14 ? 3.469   -8.665  2.385   1.00 6.63  ? 14   DLE B HB3  1 
HETATM 623 H HG   . DLE B 2 14 ? 5.325   -7.458  3.242   1.00 8.73  ? 14   DLE B HG   1 
HETATM 624 H HD11 . DLE B 2 14 ? 5.601   -9.536  4.963   1.00 13.40 ? 14   DLE B HD11 1 
HETATM 625 H HD12 . DLE B 2 14 ? 6.956   -9.415  4.121   1.00 13.40 ? 14   DLE B HD12 1 
HETATM 626 H HD13 . DLE B 2 14 ? 6.424   -8.164  4.965   1.00 13.40 ? 14   DLE B HD13 1 
HETATM 627 H HD21 . DLE B 2 14 ? 5.452   -9.435  1.396   1.00 15.55 ? 14   DLE B HD21 1 
HETATM 628 H HD22 . DLE B 2 14 ? 6.256   -8.052  1.397   1.00 15.55 ? 14   DLE B HD22 1 
HETATM 629 H HD23 . DLE B 2 14 ? 6.875   -9.336  2.122   1.00 15.55 ? 14   DLE B HD23 1 
ATOM   630 N N    . TRP B 2 15 ? 1.412   -10.277 4.833   1.00 4.86  ? 15   TRP B N    1 
ATOM   631 C CA   . TRP B 2 15 ? 0.142   -10.965 4.578   1.00 5.03  ? 15   TRP B CA   1 
ATOM   632 C C    . TRP B 2 15 ? -0.132  -11.832 5.798   1.00 5.35  ? 15   TRP B C    1 
ATOM   633 O O    . TRP B 2 15 ? 0.417   -12.927 5.933   1.00 6.43  ? 15   TRP B O    1 
ATOM   634 C CB   . TRP B 2 15 ? 0.234   -11.774 3.286   1.00 6.58  ? 15   TRP B CB   1 
ATOM   635 C CG   . TRP B 2 15 ? -1.180  -12.229 2.925   1.00 8.23  ? 15   TRP B CG   1 
ATOM   636 C CD1  . TRP B 2 15 ? -1.876  -13.325 3.304   1.00 10.78 ? 15   TRP B CD1  1 
ATOM   637 C CD2  . TRP B 2 15 ? -2.053  -11.487 2.020   1.00 8.18  ? 15   TRP B CD2  1 
ATOM   638 N NE1  . TRP B 2 15 ? -3.119  -13.319 2.741   1.00 13.21 ? 15   TRP B NE1  1 
ATOM   639 C CE2  . TRP B 2 15 ? -3.254  -12.220 1.950   1.00 12.20 ? 15   TRP B CE2  1 
ATOM   640 C CE3  . TRP B 2 15 ? -1.904  -10.338 1.290   1.00 7.77  ? 15   TRP B CE3  1 
ATOM   641 C CZ2  . TRP B 2 15 ? -4.339  -11.794 1.165   1.00 12.78 ? 15   TRP B CZ2  1 
ATOM   642 C CZ3  . TRP B 2 15 ? -2.982  -9.899  0.538   1.00 9.58  ? 15   TRP B CZ3  1 
ATOM   643 C CH2  . TRP B 2 15 ? -4.176  -10.624 0.477   1.00 11.85 ? 15   TRP B CH2  1 
ATOM   644 H H    . TRP B 2 15 ? 1.990   -10.623 5.398   1.00 5.83  ? 15   TRP B H    1 
ATOM   645 H HA   . TRP B 2 15 ? -0.587  -10.287 4.489   1.00 6.03  ? 15   TRP B HA   1 
ATOM   646 H HB2  . TRP B 2 15 ? 0.609   -11.216 2.560   1.00 7.89  ? 15   TRP B HB2  1 
ATOM   647 H HB3  . TRP B 2 15 ? 0.824   -12.559 3.415   1.00 7.89  ? 15   TRP B HB3  1 
ATOM   648 H HD1  . TRP B 2 15 ? -1.545  -14.004 3.881   1.00 12.94 ? 15   TRP B HD1  1 
ATOM   649 H HE1  . TRP B 2 15 ? -3.738  -13.931 2.871   1.00 15.86 ? 15   TRP B HE1  1 
ATOM   650 H HE3  . TRP B 2 15 ? -1.086  -9.855  1.299   1.00 9.32  ? 15   TRP B HE3  1 
ATOM   651 H HZ2  . TRP B 2 15 ? -5.145  -12.294 1.116   1.00 15.34 ? 15   TRP B HZ2  1 
ATOM   652 H HZ3  . TRP B 2 15 ? -2.909  -9.086  0.051   1.00 11.50 ? 15   TRP B HZ3  1 
ATOM   653 H HH2  . TRP B 2 15 ? -4.891  -10.295 -0.055  1.00 14.22 ? 15   TRP B HH2  1 
HETATM 654 C CA   . ETA B 2 16 ? -1.369  -11.989 7.909   1.00 8.00  ? 16   ETA B CA   1 
HETATM 655 N N    . ETA B 2 16 ? -0.973  -11.306 6.681   1.00 6.85  ? 16   ETA B N    1 
HETATM 656 C C    . ETA B 2 16 ? -1.026  -11.167 9.084   1.00 8.83  ? 16   ETA B C    1 
HETATM 657 O O    . ETA B 2 16 ? -1.747  -9.950  9.102   1.00 12.62 ? 16   ETA B O    1 
HETATM 658 H HA1  . ETA B 2 16 ? -0.906  -12.862 7.967   1.00 9.60  ? 16   ETA B HA1  1 
HETATM 659 H HA2  . ETA B 2 16 ? -2.345  -12.158 7.895   1.00 9.60  ? 16   ETA B HA2  1 
HETATM 660 H H    . ETA B 2 16 ? -1.305  -10.508 6.519   1.00 8.22  ? 16   ETA B H    1 
HETATM 661 H HB1  . ETA B 2 16 ? -1.225  -11.677 9.909   1.00 10.60 ? 16   ETA B HB1  1 
HETATM 662 H HB2  . ETA B 2 16 ? -0.056  -10.972 9.073   1.00 10.60 ? 16   ETA B HB2  1 
HETATM 663 H HO   . ETA B 2 16 ? -2.570  -10.112 9.154   1.00 18.92 ? 16   ETA B HO   1 
HETATM 664 C C1   . EOH C 3 .  ? 7.562   -13.209 9.737   1.00 18.07 ? 501  EOH A C1   1 
HETATM 665 C C2   . EOH C 3 .  ? 8.571   -13.762 10.577  1.00 23.03 ? 501  EOH A C2   1 
HETATM 666 O O    . EOH C 3 .  ? 6.373   -12.553 10.298  1.00 15.27 ? 501  EOH A O    1 
HETATM 667 H H11  . EOH C 3 .  ? 7.239   -13.942 9.154   1.00 21.69 ? 501  EOH A H11  1 
HETATM 668 H H12  . EOH C 3 .  ? 8.005   -12.549 9.148   1.00 21.69 ? 501  EOH A H12  1 
HETATM 669 H H21  . EOH C 3 .  ? 9.222   -14.247 10.029  1.00 34.54 ? 501  EOH A H21  1 
HETATM 670 H H22  . EOH C 3 .  ? 8.161   -14.377 11.220  1.00 34.54 ? 501  EOH A H22  1 
HETATM 671 H HO   . EOH C 3 .  ? 6.071   -13.014 10.932  1.00 22.91 ? 501  EOH A HO   1 
HETATM 672 C C1   A EOH D 3 .  ? -4.689  -11.153 5.940   0.50 11.51 ? 504  EOH A C1   1 
HETATM 673 C C1   B EOH D 3 .  ? -4.820  -12.414 5.127   0.50 16.30 ? 504  EOH A C1   1 
HETATM 674 C C2   A EOH D 3 .  ? -5.503  -10.802 4.718   0.50 14.77 ? 504  EOH A C2   1 
HETATM 675 C C2   B EOH D 3 .  ? -5.026  -12.726 6.590   0.50 13.39 ? 504  EOH A C2   1 
HETATM 676 O O    A EOH D 3 .  ? -4.549  -9.997  6.761   0.50 11.78 ? 504  EOH A O    1 
HETATM 677 O O    B EOH D 3 .  ? -4.491  -11.022 5.105   0.50 17.12 ? 504  EOH A O    1 
HETATM 678 H H11  A EOH D 3 .  ? -5.140  -11.873 6.448   0.50 13.81 ? 504  EOH A H11  1 
HETATM 679 H H11  B EOH D 3 .  ? -4.082  -12.958 4.751   0.50 19.56 ? 504  EOH A H11  1 
HETATM 680 H H12  A EOH D 3 .  ? -3.796  -11.481 5.666   0.50 13.81 ? 504  EOH A H12  1 
HETATM 681 H H12  B EOH D 3 .  ? -5.644  -12.590 4.609   0.50 19.56 ? 504  EOH A H12  1 
HETATM 682 H H21  A EOH D 3 .  ? -5.605  -11.597 4.152   0.50 22.16 ? 504  EOH A H21  1 
HETATM 683 H H21  B EOH D 3 .  ? -5.077  -13.697 6.713   0.50 20.08 ? 504  EOH A H21  1 
HETATM 684 H H22  A EOH D 3 .  ? -5.045  -10.098 4.211   0.50 22.16 ? 504  EOH A H22  1 
HETATM 685 H H22  B EOH D 3 .  ? -5.861  -12.314 6.897   0.50 20.08 ? 504  EOH A H22  1 
HETATM 686 H H23  A EOH D 3 .  ? -6.387  -10.482 4.994   0.50 22.16 ? 504  EOH A H23  1 
HETATM 687 H H23  B EOH D 3 .  ? -4.276  -12.370 7.109   0.50 20.08 ? 504  EOH A H23  1 
HETATM 688 H HO   A EOH D 3 .  ? -4.084  -9.424  6.360   0.50 17.66 ? 504  EOH A HO   1 
HETATM 689 H HO   B EOH D 3 .  ? -5.176  -10.569 5.282   0.50 25.69 ? 504  EOH A HO   1 
HETATM 690 C C1   A EOH E 3 .  ? -6.729  -10.095 12.640  0.50 7.17  ? 505  EOH A C1   1 
HETATM 691 C C1   B EOH E 3 .  ? -6.554  -9.744  12.244  0.50 10.24 ? 505  EOH A C1   1 
HETATM 692 C C2   A EOH E 3 .  ? -7.624  -9.280  11.703  0.50 8.22  ? 505  EOH A C2   1 
HETATM 693 C C2   B EOH E 3 .  ? -7.813  -10.442 12.683  0.50 13.34 ? 505  EOH A C2   1 
HETATM 694 O O    A EOH E 3 .  ? -5.492  -10.236 11.948  0.50 9.95  ? 505  EOH A O    1 
HETATM 695 O O    B EOH E 3 .  ? -5.641  -10.716 11.748  0.50 7.63  ? 505  EOH A O    1 
HETATM 696 H H11  A EOH E 3 .  ? -6.597  -9.620  13.499  0.50 8.60  ? 505  EOH A H11  1 
HETATM 697 H H11  B EOH E 3 .  ? -6.764  -9.085  11.535  0.50 12.29 ? 505  EOH A H11  1 
HETATM 698 H H12  A EOH E 3 .  ? -7.130  -10.981 12.824  0.50 8.60  ? 505  EOH A H12  1 
HETATM 699 H H12  B EOH E 3 .  ? -6.151  -9.260  13.009  0.50 12.29 ? 505  EOH A H12  1 
HETATM 700 H H21  A EOH E 3 .  ? -8.482  -9.106  12.142  0.50 12.34 ? 505  EOH A H21  1 
HETATM 701 H H21  B EOH E 3 .  ? -8.438  -9.785  13.055  0.50 20.00 ? 505  EOH A H21  1 
HETATM 702 H H22  A EOH E 3 .  ? -7.775  -9.783  10.876  0.50 12.34 ? 505  EOH A H22  1 
HETATM 703 H H22  B EOH E 3 .  ? -7.594  -11.109 13.368  0.50 20.00 ? 505  EOH A H22  1 
HETATM 704 H H23  A EOH E 3 .  ? -7.186  -8.429  11.493  0.50 12.34 ? 505  EOH A H23  1 
HETATM 705 H H23  B EOH E 3 .  ? -8.225  -10.887 11.914  0.50 20.00 ? 505  EOH A H23  1 
HETATM 706 H HO   A EOH E 3 .  ? -4.962  -10.694 12.412  0.50 14.93 ? 505  EOH A HO   1 
HETATM 707 H HO   B EOH E 3 .  ? -5.472  -11.275 12.352  0.50 11.45 ? 505  EOH A HO   1 
HETATM 708 C C1   A EOH F 3 .  ? -8.088  6.728   1.772   0.50 9.72  ? 507  EOH A C1   1 
HETATM 709 C C1   B EOH F 3 .  ? -8.160  7.286   1.314   0.50 10.57 ? 507  EOH A C1   1 
HETATM 710 C C2   A EOH F 3 .  ? -7.510  7.141   0.444   0.50 8.98  ? 507  EOH A C2   1 
HETATM 711 C C2   B EOH F 3 .  ? -9.313  6.328   1.227   0.50 17.18 ? 507  EOH A C2   1 
HETATM 712 O O    A EOH F 3 .  ? -7.221  7.065   2.853   0.50 8.22  ? 507  EOH A O    1 
HETATM 713 O O    B EOH F 3 .  ? -7.316  6.866   2.395   0.50 9.31  ? 507  EOH A O    1 
HETATM 714 H H11  A EOH F 3 .  ? -8.962  7.176   1.901   0.50 11.67 ? 507  EOH A H11  1 
HETATM 715 H H11  B EOH F 3 .  ? -7.651  7.283   0.465   0.50 12.69 ? 507  EOH A H11  1 
HETATM 716 H H12  A EOH F 3 .  ? -8.245  5.751   1.771   0.50 11.67 ? 507  EOH A H12  1 
HETATM 717 H H12  B EOH F 3 .  ? -8.491  8.203   1.477   0.50 12.69 ? 507  EOH A H12  1 
HETATM 718 H H21  A EOH F 3 .  ? -8.137  6.907   -0.272  0.50 13.47 ? 507  EOH A H21  1 
HETATM 719 H H21  B EOH F 3 .  ? -9.872  6.558   0.456   0.50 25.77 ? 507  EOH A H21  1 
HETATM 720 H H22  A EOH F 3 .  ? -6.660  6.674   0.300   0.50 13.47 ? 507  EOH A H22  1 
HETATM 721 H H22  B EOH F 3 .  ? -9.847  6.386   2.047   0.50 25.77 ? 507  EOH A H22  1 
HETATM 722 H H23  A EOH F 3 .  ? -7.357  8.109   0.442   0.50 13.47 ? 507  EOH A H23  1 
HETATM 723 H H23  B EOH F 3 .  ? -8.972  5.415   1.124   0.50 25.77 ? 507  EOH A H23  1 
HETATM 724 H HO   A EOH F 3 .  ? -6.502  6.637   2.779   0.50 12.33 ? 507  EOH A HO   1 
HETATM 725 H HO   B EOH F 3 .  ? -7.778  6.770   3.090   0.50 13.96 ? 507  EOH A HO   1 
HETATM 726 C C1   A EOH G 3 .  ? -10.289 14.205  -4.732  0.50 7.80  ? 509  EOH A C1   1 
HETATM 727 C C1   B EOH G 3 .  ? -10.638 13.908  -4.359  0.50 8.33  ? 509  EOH A C1   1 
HETATM 728 C C2   A EOH G 3 .  ? -10.549 12.786  -5.112  0.50 9.02  ? 509  EOH A C2   1 
HETATM 729 C C2   B EOH G 3 .  ? -10.225 14.233  -5.774  0.50 14.46 ? 509  EOH A C2   1 
HETATM 730 O O    A EOH G 3 .  ? -9.155  14.416  -3.914  0.50 3.71  ? 509  EOH A O    1 
HETATM 731 O O    B EOH G 3 .  ? -9.461  14.352  -3.629  0.50 6.84  ? 509  EOH A O    1 
HETATM 732 H H11  A EOH G 3 .  ? -10.181 14.736  -5.561  0.50 9.36  ? 509  EOH A H11  1 
HETATM 733 H H11  B EOH G 3 .  ? -11.446 14.412  -4.090  0.50 9.99  ? 509  EOH A H11  1 
HETATM 734 H H12  A EOH G 3 .  ? -11.086 14.554  -4.258  0.50 9.36  ? 509  EOH A H12  1 
HETATM 735 H H12  B EOH G 3 .  ? -10.798 12.939  -4.240  0.50 9.99  ? 509  EOH A H12  1 
HETATM 736 H H21  A EOH G 3 .  ? -11.400 12.727  -5.594  0.50 13.53 ? 509  EOH A H21  1 
HETATM 737 H H21  B EOH G 3 .  ? -10.946 13.985  -6.389  0.50 21.70 ? 509  EOH A H21  1 
HETATM 738 H H22  A EOH G 3 .  ? -10.592 12.234  -4.304  0.50 13.53 ? 509  EOH A H22  1 
HETATM 739 H H22  B EOH G 3 .  ? -9.415  13.730  -6.001  0.50 21.70 ? 509  EOH A H22  1 
HETATM 740 H H23  A EOH G 3 .  ? -9.824  12.465  -5.688  0.50 13.53 ? 509  EOH A H23  1 
HETATM 741 H H23  B EOH G 3 .  ? -10.046 15.193  -5.850  0.50 21.70 ? 509  EOH A H23  1 
HETATM 742 H HO   A EOH G 3 .  ? -9.125  15.222  -3.680  0.50 5.57  ? 509  EOH A HO   1 
HETATM 743 H HO   B EOH G 3 .  ? -8.780  13.968  -3.935  0.50 10.26 ? 509  EOH A HO   1 
HETATM 744 C C1   A EOH H 3 .  ? 4.617   -16.615 11.384  0.50 12.60 ? 510  EOH A C1   1 
HETATM 745 C C1   B EOH H 3 .  ? 5.186   -17.966 10.231  0.50 12.14 ? 510  EOH A C1   1 
HETATM 746 C C2   A EOH H 3 .  ? 4.667   -17.931 10.660  0.50 10.65 ? 510  EOH A C2   1 
HETATM 747 C C2   B EOH H 3 .  ? 4.778   -18.224 11.649  0.50 13.32 ? 510  EOH A C2   1 
HETATM 748 O O    A EOH H 3 .  ? 4.871   -15.492 10.541  0.50 11.98 ? 510  EOH A O    1 
HETATM 749 O O    B EOH H 3 .  ? 5.088   -16.540 10.054  0.50 13.94 ? 510  EOH A O    1 
HETATM 750 H H11  A EOH H 3 .  ? 3.724   -16.509 11.797  0.50 15.13 ? 510  EOH A H11  1 
HETATM 751 H H11  B EOH H 3 .  ? 6.113   -18.275 10.073  0.50 14.57 ? 510  EOH A H11  1 
HETATM 752 H H12  A EOH H 3 .  ? 5.286   -16.625 12.114  0.50 15.13 ? 510  EOH A H12  1 
HETATM 753 H H12  B EOH H 3 .  ? 4.582   -18.438 9.603   0.50 14.57 ? 510  EOH A H12  1 
HETATM 754 H H21  A EOH H 3 .  ? 4.602   -18.663 11.308  0.50 15.97 ? 510  EOH A H21  1 
HETATM 755 H H21  B EOH H 3 .  ? 4.787   -17.382 12.150  0.50 19.99 ? 510  EOH A H21  1 
HETATM 756 H H22  A EOH H 3 .  ? 5.513   -18.002 10.170  0.50 15.97 ? 510  EOH A H22  1 
HETATM 757 H H22  B EOH H 3 .  ? 5.405   -18.855 12.060  0.50 19.99 ? 510  EOH A H22  1 
HETATM 758 H H23  A EOH H 3 .  ? 3.919   -17.985 10.029  0.50 15.97 ? 510  EOH A H23  1 
HETATM 759 H H23  B EOH H 3 .  ? 3.874   -18.604 11.665  0.50 19.99 ? 510  EOH A H23  1 
HETATM 760 H HO   A EOH H 3 .  ? 4.606   -15.662 9.762   0.50 17.97 ? 510  EOH A HO   1 
HETATM 761 H HO   B EOH H 3 .  ? 4.388   -16.259 10.422  0.50 20.92 ? 510  EOH A HO   1 
HETATM 762 C C1   . EOH I 3 .  ? 5.230   -14.475 13.227  1.00 19.08 ? 511  EOH A C1   1 
HETATM 763 C C2   . EOH I 3 .  ? 5.611   -13.137 13.888  1.00 25.38 ? 511  EOH A C2   1 
HETATM 764 O O    . EOH I 3 .  ? 5.211   -14.120 11.780  1.00 20.72 ? 511  EOH A O    1 
HETATM 765 H H11  . EOH I 3 .  ? 5.905   -15.174 13.418  1.00 22.90 ? 511  EOH A H11  1 
HETATM 766 H H12  . EOH I 3 .  ? 4.342   -14.788 13.534  1.00 22.90 ? 511  EOH A H12  1 
HETATM 767 H H21  . EOH I 3 .  ? 5.649   -13.251 14.861  1.00 38.07 ? 511  EOH A H21  1 
HETATM 768 H H22  . EOH I 3 .  ? 4.938   -12.460 13.666  1.00 38.07 ? 511  EOH A H22  1 
HETATM 769 H H23  . EOH I 3 .  ? 6.488   -12.848 13.558  1.00 38.07 ? 511  EOH A H23  1 
HETATM 770 H HO   . EOH I 3 .  ? 5.006   -14.798 11.328  1.00 31.08 ? 511  EOH A HO   1 
HETATM 771 C C1   . EOH J 3 .  ? 6.030   -9.979  12.614  1.00 34.29 ? 512  EOH A C1   1 
HETATM 772 C C2   . EOH J 3 .  ? 5.178   -8.731  12.544  1.00 31.02 ? 512  EOH A C2   1 
HETATM 773 O O    . EOH J 3 .  ? 6.797   -9.964  11.350  1.00 30.64 ? 512  EOH A O    1 
HETATM 774 H H11  . EOH J 3 .  ? 6.636   -9.949  13.396  1.00 41.15 ? 512  EOH A H11  1 
HETATM 775 H H12  . EOH J 3 .  ? 5.465   -10.790 12.675  1.00 41.15 ? 512  EOH A H12  1 
HETATM 776 H H21  . EOH J 3 .  ? 4.753   -8.576  13.414  1.00 46.52 ? 512  EOH A H21  1 
HETATM 777 H H22  . EOH J 3 .  ? 4.486   -8.845  11.859  1.00 46.52 ? 512  EOH A H22  1 
HETATM 778 H H23  . EOH J 3 .  ? 5.740   -7.963  12.315  1.00 46.52 ? 512  EOH A H23  1 
HETATM 779 H HO   . EOH J 3 .  ? 7.297   -9.289  11.334  1.00 45.95 ? 512  EOH A HO   1 
HETATM 780 C C1   B EOH K 3 .  ? -5.300  -10.831 8.766   0.42 12.30 ? 513  EOH A C1   1 
HETATM 781 C C2   B EOH K 3 .  ? -6.203  -11.662 9.608   0.42 16.62 ? 513  EOH A C2   1 
HETATM 782 O O    B EOH K 3 .  ? -4.255  -10.303 9.516   0.42 8.36  ? 513  EOH A O    1 
HETATM 783 H H11  B EOH K 3 .  ? -4.931  -11.385 8.034   0.42 14.76 ? 513  EOH A H11  1 
HETATM 784 H H12  B EOH K 3 .  ? -5.818  -10.092 8.359   0.42 14.76 ? 513  EOH A H12  1 
HETATM 785 H H21  B EOH K 3 .  ? -6.935  -12.010 9.057   0.42 24.93 ? 513  EOH A H21  1 
HETATM 786 H H22  B EOH K 3 .  ? -6.571  -11.113 10.332  0.42 24.93 ? 513  EOH A H22  1 
HETATM 787 H H23  B EOH K 3 .  ? -5.697  -12.410 9.989   0.42 24.93 ? 513  EOH A H23  1 
HETATM 788 H HO   B EOH K 3 .  ? -3.778  -9.814  9.027   0.42 12.54 ? 513  EOH A HO   1 
HETATM 789 C C1   A EOH L 3 .  ? 8.091   -7.319  9.315   0.50 16.84 ? 514  EOH A C1   1 
HETATM 790 C C1   B EOH L 3 .  ? 8.311   -1.511  3.671   0.50 14.73 ? 514  EOH A C1   1 
HETATM 791 C C2   A EOH L 3 .  ? 8.752   -6.986  8.009   0.50 20.03 ? 514  EOH A C2   1 
HETATM 792 C C2   B EOH L 3 .  ? 7.193   -0.535  3.428   0.50 22.29 ? 514  EOH A C2   1 
HETATM 793 O O    A EOH L 3 .  ? 8.233   -8.748  9.423   0.50 17.99 ? 514  EOH A O    1 
HETATM 794 O O    B EOH L 3 .  ? 9.233   -0.851  4.553   0.50 22.85 ? 514  EOH A O    1 
HETATM 795 H H11  A EOH L 3 .  ? 8.542   -6.860  10.068  0.50 20.21 ? 514  EOH A H11  1 
HETATM 796 H H11  B EOH L 3 .  ? 7.963   -2.338  4.090   0.50 17.67 ? 514  EOH A H11  1 
HETATM 797 H H12  A EOH L 3 .  ? 7.136   -7.057  9.306   0.50 20.21 ? 514  EOH A H12  1 
HETATM 798 H H12  B EOH L 3 .  ? 8.755   -1.749  2.820   0.50 17.67 ? 514  EOH A H12  1 
HETATM 799 H H21  A EOH L 3 .  ? 9.354   -6.223  8.133   0.50 30.05 ? 514  EOH A H21  1 
HETATM 800 H H21  B EOH L 3 .  ? 6.644   -0.849  2.679   0.50 33.43 ? 514  EOH A H21  1 
HETATM 801 H H22  A EOH L 3 .  ? 8.068   -6.758  7.345   0.50 30.05 ? 514  EOH A H22  1 
HETATM 802 H H22  B EOH L 3 .  ? 7.569   0.344   3.209   0.50 33.43 ? 514  EOH A H22  1 
HETATM 803 H H23  A EOH L 3 .  ? 9.265   -7.761  7.697   0.50 30.05 ? 514  EOH A H23  1 
HETATM 804 H H23  B EOH L 3 .  ? 6.640   -0.464  4.232   0.50 33.43 ? 514  EOH A H23  1 
HETATM 805 H HO   A EOH L 3 .  ? 7.806   -9.023  10.092  0.50 26.98 ? 514  EOH A HO   1 
HETATM 806 H HO   B EOH L 3 .  ? 9.659   -0.266  4.127   0.50 34.27 ? 514  EOH A HO   1 
HETATM 807 C C1   . EOH M 3 .  ? -6.798  9.643   -6.630  1.00 11.08 ? 502  EOH B C1   1 
HETATM 808 C C2   . EOH M 3 .  ? -7.426  10.848  -7.130  1.00 12.16 ? 502  EOH B C2   1 
HETATM 809 O O    . EOH M 3 .  ? -6.257  8.850   -7.698  1.00 10.12 ? 502  EOH B O    1 
HETATM 810 H H11  . EOH M 3 .  ? -6.070  9.888   -6.004  1.00 13.30 ? 502  EOH B H11  1 
HETATM 811 H H12  . EOH M 3 .  ? -7.465  9.109   -6.130  1.00 13.30 ? 502  EOH B H12  1 
HETATM 812 H H21  . EOH M 3 .  ? -7.812  11.350  -6.382  1.00 18.24 ? 502  EOH B H21  1 
HETATM 813 H H22  . EOH M 3 .  ? -8.135  10.609  -7.763  1.00 18.24 ? 502  EOH B H22  1 
HETATM 814 H H23  . EOH M 3 .  ? -6.756  11.401  -7.584  1.00 18.24 ? 502  EOH B H23  1 
HETATM 815 H HO   . EOH M 3 .  ? -6.863  8.681   -8.256  1.00 15.17 ? 502  EOH B HO   1 
HETATM 816 C C1   . EOH N 3 .  ? -1.071  9.195   -13.485 1.00 12.78 ? 503  EOH B C1   1 
HETATM 817 C C2   . EOH N 3 .  ? -1.485  7.733   -13.464 1.00 14.53 ? 503  EOH B C2   1 
HETATM 818 O O    . EOH N 3 .  ? -0.334  9.475   -14.623 1.00 17.53 ? 503  EOH B O    1 
HETATM 819 H H11  . EOH N 3 .  ? -1.877  9.769   -13.463 1.00 15.33 ? 503  EOH B H11  1 
HETATM 820 H H12  . EOH N 3 .  ? -0.529  9.397   -12.682 1.00 15.33 ? 503  EOH B H12  1 
HETATM 821 H H21  . EOH N 3 .  ? -1.968  7.542   -12.631 1.00 21.79 ? 503  EOH B H21  1 
HETATM 822 H H22  . EOH N 3 .  ? -0.688  7.166   -13.517 1.00 21.79 ? 503  EOH B H22  1 
HETATM 823 H H23  . EOH N 3 .  ? -2.069  7.548   -14.229 1.00 21.79 ? 503  EOH B H23  1 
HETATM 824 H HO   . EOH N 3 .  ? -0.098  10.282  -14.612 1.00 26.30 ? 503  EOH B HO   1 
HETATM 825 C C1   . EOH O 3 .  ? -5.635  8.846   -13.066 1.00 25.87 ? 506  EOH B C1   1 
HETATM 826 C C2   . EOH O 3 .  ? -4.766  9.504   -14.118 1.00 28.53 ? 506  EOH B C2   1 
HETATM 827 O O    . EOH O 3 .  ? -4.992  8.534   -11.833 1.00 20.89 ? 506  EOH B O    1 
HETATM 828 H H11  . EOH O 3 .  ? -6.400  9.446   -12.874 1.00 31.05 ? 506  EOH B H11  1 
HETATM 829 H H12  . EOH O 3 .  ? -6.003  8.009   -13.444 1.00 31.05 ? 506  EOH B H12  1 
HETATM 830 H H21  . EOH O 3 .  ? -5.308  9.703   -14.911 1.00 42.79 ? 506  EOH B H21  1 
HETATM 831 H H22  . EOH O 3 .  ? -4.036  8.899   -14.364 1.00 42.79 ? 506  EOH B H22  1 
HETATM 832 H H23  . EOH O 3 .  ? -4.394  10.338  -13.760 1.00 42.79 ? 506  EOH B H23  1 
HETATM 833 H HO   . EOH O 3 .  ? -5.522  8.108   -11.340 1.00 31.33 ? 506  EOH B HO   1 
HETATM 834 C C1   A EOH P 3 .  ? -7.440  6.535   -10.277 0.50 10.00 ? 508  EOH B C1   1 
HETATM 835 C C1   B EOH P 3 .  ? -8.097  7.645   -10.142 0.50 13.23 ? 508  EOH B C1   1 
HETATM 836 C C2   A EOH P 3 .  ? -8.743  6.723   -9.556  0.50 8.41  ? 508  EOH B C2   1 
HETATM 837 C C2   B EOH P 3 .  ? -7.384  6.354   -9.805  0.50 12.33 ? 508  EOH B C2   1 
HETATM 838 O O    A EOH P 3 .  ? -6.632  7.681   -10.252 0.50 11.54 ? 508  EOH B O    1 
HETATM 839 O O    B EOH P 3 .  ? -7.083  8.653   -10.117 0.50 13.67 ? 508  EOH B O    1 
HETATM 840 H H11  A EOH P 3 .  ? -6.946  5.784   -9.861  0.50 12.01 ? 508  EOH B H11  1 
HETATM 841 H H11  B EOH P 3 .  ? -8.516  7.591   -11.037 0.50 15.87 ? 508  EOH B H11  1 
HETATM 842 H H12  A EOH P 3 .  ? -7.624  6.292   -11.218 0.50 12.01 ? 508  EOH B H12  1 
HETATM 843 H H12  B EOH P 3 .  ? -8.801  7.840   -9.473  0.50 15.87 ? 508  EOH B H12  1 
HETATM 844 H H21  A EOH P 3 .  ? -9.170  5.851   -9.423  0.50 12.62 ? 508  EOH B H21  1 
HETATM 845 H H21  B EOH P 3 .  ? -7.984  5.597   -9.969  0.50 18.49 ? 508  EOH B H21  1 
HETATM 846 H H22  A EOH P 3 .  ? -9.331  7.297   -10.090 0.50 12.62 ? 508  EOH B H22  1 
HETATM 847 H H22  B EOH P 3 .  ? -7.119  6.362   -8.862  0.50 18.49 ? 508  EOH B H22  1 
HETATM 848 H H23  A EOH P 3 .  ? -8.577  7.142   -8.686  0.50 12.62 ? 508  EOH B H23  1 
HETATM 849 H H23  B EOH P 3 .  ? -6.586  6.265   -10.367 0.50 18.49 ? 508  EOH B H23  1 
HETATM 850 H HO   A EOH P 3 .  ? -6.692  8.050   -9.499  0.50 17.30 ? 508  EOH B HO   1 
HETATM 851 H HO   B EOH P 3 .  ? -6.928  8.875   -9.321  0.50 20.50 ? 508  EOH B HO   1 
HETATM 852 O O    B HOH Q 4 .  ? -9.290  -1.806  -3.600  0.31 12.31 ? 2001 HOH A O    1 
# 
loop_
_atom_site_anisotrop.id 
_atom_site_anisotrop.type_symbol 
_atom_site_anisotrop.pdbx_label_atom_id 
_atom_site_anisotrop.pdbx_label_alt_id 
_atom_site_anisotrop.pdbx_label_comp_id 
_atom_site_anisotrop.pdbx_label_asym_id 
_atom_site_anisotrop.pdbx_label_seq_id 
_atom_site_anisotrop.pdbx_PDB_ins_code 
_atom_site_anisotrop.U[1][1] 
_atom_site_anisotrop.U[2][2] 
_atom_site_anisotrop.U[3][3] 
_atom_site_anisotrop.U[1][2] 
_atom_site_anisotrop.U[1][3] 
_atom_site_anisotrop.U[2][3] 
_atom_site_anisotrop.pdbx_auth_seq_id 
_atom_site_anisotrop.pdbx_auth_comp_id 
_atom_site_anisotrop.pdbx_auth_asym_id 
_atom_site_anisotrop.pdbx_auth_atom_id 
1   C C    A QIL A 1  ? 0.0750 0.0712 0.0712 0.0043  -0.0095 0.0316  1    QIL A C    
2   N N    A QIL A 1  ? 0.0721 0.0620 0.0688 0.0065  -0.0044 0.0380  1    QIL A N    
3   O O    A QIL A 1  ? 0.1169 0.0665 0.0770 0.0236  -0.0376 0.0111  1    QIL A O    
4   C CA   A QIL A 1  ? 0.0805 0.0664 0.0665 0.0052  0.0019  0.0283  1    QIL A CA   
5   C CB   A QIL A 1  ? 0.0745 0.0934 0.0870 0.0074  0.0089  0.0316  1    QIL A CB   
6   C CD1  A QIL A 1  ? 0.0996 0.1217 0.1073 0.0214  0.0502  0.0411  1    QIL A CD1  
7   C CG1  A QIL A 1  ? 0.0507 0.0969 0.1015 0.0047  0.0220  0.0306  1    QIL A CG1  
8   C CG2  A QIL A 1  ? 0.0667 0.0956 0.1556 0.0165  0.0088  0.0054  1    QIL A CG2  
9   C CN   A QIL A 1  ? 0.0813 0.0997 0.1361 0.0015  0.0136  0.0709  1    QIL A CN   
10  O O1   A QIL A 1  ? 0.1023 0.1423 0.1901 0.0011  -0.0032 0.1267  1    QIL A O1   
11  H H    A QIL A 1  ? 0.0812 0.0812 0.0812 0.0000  0.0000  0.0000  1    QIL A H    
12  H HA   A QIL A 1  ? 0.0854 0.0854 0.0854 0.0000  0.0000  0.0000  1    QIL A HA   
13  H HB   A QIL A 1  ? 0.1020 0.1020 0.1020 0.0000  0.0000  0.0000  1    QIL A HB   
14  H HD11 A QIL A 1  ? 0.1643 0.1643 0.1643 0.0000  0.0000  0.0000  1    QIL A HD11 
15  H HD12 A QIL A 1  ? 0.1643 0.1643 0.1643 0.0000  0.0000  0.0000  1    QIL A HD12 
16  H HD13 A QIL A 1  ? 0.1643 0.1643 0.1643 0.0000  0.0000  0.0000  1    QIL A HD13 
17  H HG12 A QIL A 1  ? 0.0997 0.0997 0.0997 0.0000  0.0000  0.0000  1    QIL A HG12 
18  H HG13 A QIL A 1  ? 0.0997 0.0997 0.0997 0.0000  0.0000  0.0000  1    QIL A HG13 
19  H HG21 A QIL A 1  ? 0.1589 0.1589 0.1589 0.0000  0.0000  0.0000  1    QIL A HG21 
20  H HG22 A QIL A 1  ? 0.1589 0.1589 0.1589 0.0000  0.0000  0.0000  1    QIL A HG22 
21  H HG23 A QIL A 1  ? 0.1589 0.1589 0.1589 0.0000  0.0000  0.0000  1    QIL A HG23 
22  H HN   A QIL A 1  ? 0.1268 0.1268 0.1268 0.0000  0.0000  0.0000  1    QIL A HN   
23  C C    B FVA A 1  ? 0.0750 0.0712 0.0712 0.0043  -0.0095 0.0316  1    FVA A C    
24  N N    B FVA A 1  ? 0.0721 0.0620 0.0688 0.0065  -0.0044 0.0380  1    FVA A N    
25  O O    B FVA A 1  ? 0.1169 0.0665 0.0770 0.0236  -0.0376 0.0111  1    FVA A O    
26  C CA   B FVA A 1  ? 0.0805 0.0664 0.0665 0.0052  0.0019  0.0283  1    FVA A CA   
27  C CB   B FVA A 1  ? 0.0719 0.0751 0.0920 0.0093  0.0120  0.0365  1    FVA A CB   
28  C CG1  B FVA A 1  ? 0.0979 0.0797 0.1067 0.0101  0.0111  -0.0022 1    FVA A CG1  
29  C CG2  B FVA A 1  ? 0.1098 0.0853 0.0733 -0.0092 0.0193  0.0147  1    FVA A CG2  
30  H H    B FVA A 1  ? 0.0812 0.0812 0.0812 0.0000  0.0000  0.0000  1    FVA A H    
31  H HA   B FVA A 1  ? 0.0854 0.0854 0.0854 0.0000  0.0000  0.0000  1    FVA A HA   
32  H HB   B FVA A 1  ? 0.0956 0.0956 0.0956 0.0000  0.0000  0.0000  1    FVA A HB   
33  H HG11 B FVA A 1  ? 0.1422 0.1422 0.1422 0.0000  0.0000  0.0000  1    FVA A HG11 
34  H HG12 B FVA A 1  ? 0.1422 0.1422 0.1422 0.0000  0.0000  0.0000  1    FVA A HG12 
35  H HG13 B FVA A 1  ? 0.1422 0.1422 0.1422 0.0000  0.0000  0.0000  1    FVA A HG13 
36  O O1   B FVA A 1  ? 0.1023 0.1423 0.1901 0.0011  -0.0032 0.1267  1    FVA A O1   
37  H HG21 B FVA A 1  ? 0.1343 0.1343 0.1343 0.0000  0.0000  0.0000  1    FVA A HG21 
38  C CN   B FVA A 1  ? 0.0813 0.0997 0.1361 0.0015  0.0136  0.0709  1    FVA A CN   
39  H HG22 B FVA A 1  ? 0.1343 0.1343 0.1343 0.0000  0.0000  0.0000  1    FVA A HG22 
40  H HG23 B FVA A 1  ? 0.1343 0.1343 0.1343 0.0000  0.0000  0.0000  1    FVA A HG23 
41  H HN   B FVA A 1  ? 0.1268 0.1268 0.1268 0.0000  0.0000  0.0000  1    FVA A HN   
42  N N    . GLY A 2  ? 0.0841 0.0672 0.0714 -0.0017 -0.0153 0.0325  2    GLY A N    
43  C CA   . GLY A 2  ? 0.0703 0.0702 0.0748 -0.0009 -0.0172 0.0318  2    GLY A CA   
44  C C    . GLY A 2  ? 0.0782 0.0573 0.0686 -0.0134 -0.0055 0.0244  2    GLY A C    
45  O O    . GLY A 2  ? 0.1052 0.0639 0.0770 -0.0147 0.0055  0.0301  2    GLY A O    
46  H H    . GLY A 2  ? 0.0892 0.0892 0.0892 0.0000  0.0000  0.0000  2    GLY A H    
47  H HA2  . GLY A 2  ? 0.0861 0.0861 0.0861 0.0000  0.0000  0.0000  2    GLY A HA2  
48  H HA3  . GLY A 2  ? 0.0861 0.0861 0.0861 0.0000  0.0000  0.0000  2    GLY A HA3  
49  N N    . ALA A 3  ? 0.0603 0.0686 0.0755 -0.0125 0.0014  0.0387  3    ALA A N    
50  C CA   . ALA A 3  ? 0.0761 0.0562 0.0691 -0.0101 0.0034  0.0244  3    ALA A CA   
51  C C    . ALA A 3  ? 0.0773 0.0516 0.0614 -0.0035 0.0034  0.0167  3    ALA A C    
52  O O    . ALA A 3  ? 0.0762 0.1439 0.1519 -0.0080 0.0114  0.1026  3    ALA A O    
53  C CB   . ALA A 3  ? 0.0945 0.0843 0.0820 -0.0133 -0.0080 0.0051  3    ALA A CB   
54  H H    . ALA A 3  ? 0.0817 0.0817 0.0817 0.0000  0.0000  0.0000  3    ALA A H    
55  H HA   . ALA A 3  ? 0.0806 0.0806 0.0806 0.0000  0.0000  0.0000  3    ALA A HA   
56  H HB1  . ALA A 3  ? 0.1305 0.1305 0.1305 0.0000  0.0000  0.0000  3    ALA A HB1  
57  H HB2  . ALA A 3  ? 0.1305 0.1305 0.1305 0.0000  0.0000  0.0000  3    ALA A HB2  
58  H HB3  . ALA A 3  ? 0.1305 0.1305 0.1305 0.0000  0.0000  0.0000  3    ALA A HB3  
59  N N    . DLE A 4  ? 0.0829 0.0696 0.0690 -0.0101 -0.0007 0.0321  4    DLE A N    
60  C CA   . DLE A 4  ? 0.0863 0.0560 0.0568 0.0029  0.0073  0.0137  4    DLE A CA   
61  C CB   . DLE A 4  ? 0.0813 0.0971 0.0714 0.0146  0.0080  -0.0025 4    DLE A CB   
62  C CG   . DLE A 4  ? 0.1526 0.1494 0.0714 0.0382  0.0276  -0.0130 4    DLE A CG   
63  C CD1  . DLE A 4  ? 0.3360 0.1187 0.1051 0.0526  0.0000  -0.0438 4    DLE A CD1  
64  C CD2  . DLE A 4  ? 0.1631 0.3206 0.1106 0.1291  0.0627  0.0271  4    DLE A CD2  
65  C C    . DLE A 4  ? 0.0680 0.0503 0.0673 -0.0024 0.0132  0.0151  4    DLE A C    
66  O O    . DLE A 4  ? 0.1007 0.0413 0.0890 -0.0113 0.0004  0.0125  4    DLE A O    
67  H H    . DLE A 4  ? 0.0887 0.0887 0.0887 0.0000  0.0000  0.0000  4    DLE A H    
68  H HA   . DLE A 4  ? 0.0797 0.0797 0.0797 0.0000  0.0000  0.0000  4    DLE A HA   
69  H HB2  . DLE A 4  ? 0.0998 0.0998 0.0998 0.0000  0.0000  0.0000  4    DLE A HB2  
70  H HB3  . DLE A 4  ? 0.0998 0.0998 0.0998 0.0000  0.0000  0.0000  4    DLE A HB3  
71  H HG   . DLE A 4  ? 0.1493 0.1493 0.1493 0.0000  0.0000  0.0000  4    DLE A HG   
72  H HD11 . DLE A 4  ? 0.2799 0.2799 0.2799 0.0000  0.0000  0.0000  4    DLE A HD11 
73  H HD12 . DLE A 4  ? 0.2799 0.2799 0.2799 0.0000  0.0000  0.0000  4    DLE A HD12 
74  H HD13 . DLE A 4  ? 0.2799 0.2799 0.2799 0.0000  0.0000  0.0000  4    DLE A HD13 
75  H HD21 . DLE A 4  ? 0.2973 0.2973 0.2973 0.0000  0.0000  0.0000  4    DLE A HD21 
76  H HD22 . DLE A 4  ? 0.2973 0.2973 0.2973 0.0000  0.0000  0.0000  4    DLE A HD22 
77  H HD23 . DLE A 4  ? 0.2973 0.2973 0.2973 0.0000  0.0000  0.0000  4    DLE A HD23 
78  N N    . ALA A 5  ? 0.0707 0.0407 0.0598 -0.0011 0.0046  0.0094  5    ALA A N    
79  C CA   . ALA A 5  ? 0.0679 0.0440 0.0589 -0.0076 0.0054  -0.0075 5    ALA A CA   
80  C C    . ALA A 5  ? 0.0602 0.0380 0.0696 -0.0056 -0.0103 0.0047  5    ALA A C    
81  O O    . ALA A 5  ? 0.0658 0.0435 0.0824 0.0150  0.0034  0.0003  5    ALA A O    
82  C CB   . ALA A 5  ? 0.0725 0.1187 0.1017 -0.0298 -0.0122 0.0184  5    ALA A CB   
83  H H    . ALA A 5  ? 0.0685 0.0685 0.0685 0.0000  0.0000  0.0000  5    ALA A H    
84  H HA   . ALA A 5  ? 0.0683 0.0683 0.0683 0.0000  0.0000  0.0000  5    ALA A HA   
85  H HB1  . ALA A 5  ? 0.1464 0.1464 0.1464 0.0000  0.0000  0.0000  5    ALA A HB1  
86  H HB2  . ALA A 5  ? 0.1464 0.1464 0.1464 0.0000  0.0000  0.0000  5    ALA A HB2  
87  H HB3  . ALA A 5  ? 0.1464 0.1464 0.1464 0.0000  0.0000  0.0000  5    ALA A HB3  
88  N N    . DVA A 6  ? 0.0560 0.0456 0.0636 0.0083  -0.0027 0.0183  6    DVA A N    
89  C CA   . DVA A 6  ? 0.0635 0.0479 0.0577 0.0138  -0.0008 0.0229  6    DVA A CA   
90  C CB   . DVA A 6  ? 0.0685 0.0554 0.0697 0.0016  0.0095  0.0089  6    DVA A CB   
91  C CG1  . DVA A 6  ? 0.0994 0.0637 0.0578 0.0281  0.0074  0.0081  6    DVA A CG1  
92  C CG2  . DVA A 6  ? 0.1007 0.0775 0.0764 -0.0011 -0.0073 0.0036  6    DVA A CG2  
93  C C    . DVA A 6  ? 0.0581 0.0481 0.0507 0.0114  0.0113  0.0152  6    DVA A C    
94  O O    . DVA A 6  ? 0.0754 0.0491 0.0625 -0.0007 -0.0087 0.0224  6    DVA A O    
95  H H    . DVA A 6  ? 0.0661 0.0661 0.0661 0.0000  0.0000  0.0000  6    DVA A H    
96  H HA   . DVA A 6  ? 0.0676 0.0676 0.0676 0.0000  0.0000  0.0000  6    DVA A HA   
97  H HB   . DVA A 6  ? 0.0775 0.0775 0.0775 0.0000  0.0000  0.0000  6    DVA A HB   
98  H HG11 . DVA A 6  ? 0.1104 0.1104 0.1104 0.0000  0.0000  0.0000  6    DVA A HG11 
99  H HG12 . DVA A 6  ? 0.1104 0.1104 0.1104 0.0000  0.0000  0.0000  6    DVA A HG12 
100 H HG13 . DVA A 6  ? 0.1104 0.1104 0.1104 0.0000  0.0000  0.0000  6    DVA A HG13 
101 H HG21 . DVA A 6  ? 0.1273 0.1273 0.1273 0.0000  0.0000  0.0000  6    DVA A HG21 
102 H HG22 . DVA A 6  ? 0.1273 0.1273 0.1273 0.0000  0.0000  0.0000  6    DVA A HG22 
103 H HG23 . DVA A 6  ? 0.1273 0.1273 0.1273 0.0000  0.0000  0.0000  6    DVA A HG23 
104 N N    . VAL A 7  ? 0.0829 0.0457 0.0489 0.0081  0.0044  0.0116  7    VAL A N    
105 C CA   . VAL A 7  ? 0.0770 0.0500 0.0667 0.0001  0.0110  0.0199  7    VAL A CA   
106 C C    . VAL A 7  ? 0.0768 0.0549 0.0528 -0.0102 0.0011  0.0210  7    VAL A C    
107 O O    . VAL A 7  ? 0.1632 0.0469 0.0466 0.0033  -0.0130 0.0108  7    VAL A O    
108 C CB   . VAL A 7  ? 0.1022 0.0862 0.1576 0.0006  0.0629  0.0236  7    VAL A CB   
109 C CG1  . VAL A 7  ? 0.1250 0.1053 0.3227 -0.0361 0.1098  -0.0295 7    VAL A CG1  
110 C CG2  . VAL A 7  ? 0.0812 0.0765 0.2654 0.0080  0.0572  -0.0094 7    VAL A CG2  
111 H H    . VAL A 7  ? 0.0711 0.0711 0.0711 0.0000  0.0000  0.0000  7    VAL A H    
112 H HA   . VAL A 7  ? 0.0775 0.0775 0.0775 0.0000  0.0000  0.0000  7    VAL A HA   
113 H HB   . VAL A 7  ? 0.1384 0.1384 0.1384 0.0000  0.0000  0.0000  7    VAL A HB   
114 H HG11 . VAL A 7  ? 0.2766 0.2766 0.2766 0.0000  0.0000  0.0000  7    VAL A HG11 
115 H HG12 . VAL A 7  ? 0.2766 0.2766 0.2766 0.0000  0.0000  0.0000  7    VAL A HG12 
116 H HG13 . VAL A 7  ? 0.2766 0.2766 0.2766 0.0000  0.0000  0.0000  7    VAL A HG13 
117 H HG21 . VAL A 7  ? 0.2115 0.2115 0.2115 0.0000  0.0000  0.0000  7    VAL A HG21 
118 H HG22 . VAL A 7  ? 0.2115 0.2115 0.2115 0.0000  0.0000  0.0000  7    VAL A HG22 
119 H HG23 . VAL A 7  ? 0.2115 0.2115 0.2115 0.0000  0.0000  0.0000  7    VAL A HG23 
120 N N    . DVA A 8  ? 0.0505 0.0513 0.0446 0.0046  0.0083  0.0214  8    DVA A N    
121 C CA   . DVA A 8  ? 0.0635 0.0567 0.0464 -0.0067 0.0034  0.0194  8    DVA A CA   
122 C CB   . DVA A 8  ? 0.0668 0.0615 0.0528 -0.0057 0.0024  0.0116  8    DVA A CB   
123 C CG1  . DVA A 8  ? 0.0718 0.1024 0.0855 0.0050  -0.0074 0.0062  8    DVA A CG1  
124 C CG2  . DVA A 8  ? 0.0734 0.0628 0.1136 -0.0145 -0.0085 -0.0005 8    DVA A CG2  
125 C C    . DVA A 8  ? 0.0578 0.0344 0.0341 -0.0040 0.0036  -0.0019 8    DVA A C    
126 O O    . DVA A 8  ? 0.0546 0.0412 0.0497 -0.0072 0.0017  0.0097  8    DVA A O    
127 H H    . DVA A 8  ? 0.0585 0.0585 0.0585 0.0000  0.0000  0.0000  8    DVA A H    
128 H HA   . DVA A 8  ? 0.0666 0.0666 0.0666 0.0000  0.0000  0.0000  8    DVA A HA   
129 H HB   . DVA A 8  ? 0.0724 0.0724 0.0724 0.0000  0.0000  0.0000  8    DVA A HB   
130 H HG11 . DVA A 8  ? 0.1298 0.1298 0.1298 0.0000  0.0000  0.0000  8    DVA A HG11 
131 H HG12 . DVA A 8  ? 0.1298 0.1298 0.1298 0.0000  0.0000  0.0000  8    DVA A HG12 
132 H HG13 . DVA A 8  ? 0.1298 0.1298 0.1298 0.0000  0.0000  0.0000  8    DVA A HG13 
133 H HG21 . DVA A 8  ? 0.1249 0.1249 0.1249 0.0000  0.0000  0.0000  8    DVA A HG21 
134 H HG22 . DVA A 8  ? 0.1249 0.1249 0.1249 0.0000  0.0000  0.0000  8    DVA A HG22 
135 H HG23 . DVA A 8  ? 0.1249 0.1249 0.1249 0.0000  0.0000  0.0000  8    DVA A HG23 
136 N N    . TRP A 9  ? 0.0541 0.0470 0.0415 -0.0015 0.0107  0.0160  9    TRP A N    
137 C CA   . TRP A 9  ? 0.0539 0.0576 0.0450 -0.0002 0.0126  0.0112  9    TRP A CA   
138 C C    . TRP A 9  ? 0.0521 0.0479 0.0399 -0.0057 0.0091  0.0078  9    TRP A C    
139 O O    . TRP A 9  ? 0.0655 0.0462 0.0505 -0.0106 -0.0031 0.0123  9    TRP A O    
140 C CB   . TRP A 9  ? 0.0729 0.0615 0.0379 0.0044  0.0064  0.0083  9    TRP A CB   
141 C CG   . TRP A 9  ? 0.0727 0.0539 0.0462 0.0050  0.0133  0.0046  9    TRP A CG   
142 C CD1  . TRP A 9  ? 0.0829 0.0505 0.0778 0.0115  0.0287  0.0108  9    TRP A CD1  
143 C CD2  . TRP A 9  ? 0.0775 0.0553 0.0429 0.0005  0.0185  0.0029  9    TRP A CD2  
144 N NE1  . TRP A 9  ? 0.0784 0.0627 0.0945 0.0159  0.0275  -0.0021 9    TRP A NE1  
145 C CE2  . TRP A 9  ? 0.0704 0.0717 0.0661 -0.0050 0.0087  -0.0101 9    TRP A CE2  
146 C CE3  . TRP A 9  ? 0.0853 0.0641 0.0591 -0.0135 0.0058  -0.0042 9    TRP A CE3  
147 C CZ2  . TRP A 9  ? 0.0667 0.0926 0.1040 0.0032  0.0016  -0.0131 9    TRP A CZ2  
148 C CZ3  . TRP A 9  ? 0.0926 0.0731 0.0809 -0.0244 0.0185  0.0066  9    TRP A CZ3  
149 C CH2  . TRP A 9  ? 0.0800 0.1080 0.1059 -0.0198 0.0231  0.0005  9    TRP A CH2  
150 H H    . TRP A 9  ? 0.0570 0.0570 0.0570 0.0000  0.0000  0.0000  9    TRP A H    
151 H HA   . TRP A 9  ? 0.0626 0.0626 0.0626 0.0000  0.0000  0.0000  9    TRP A HA   
152 H HB2  . TRP A 9  ? 0.0689 0.0689 0.0689 0.0000  0.0000  0.0000  9    TRP A HB2  
153 H HB3  . TRP A 9  ? 0.0689 0.0689 0.0689 0.0000  0.0000  0.0000  9    TRP A HB3  
154 H HD1  . TRP A 9  ? 0.0845 0.0845 0.0845 0.0000  0.0000  0.0000  9    TRP A HD1  
155 H HE1  . TRP A 9  ? 0.0942 0.0942 0.0942 0.0000  0.0000  0.0000  9    TRP A HE1  
156 H HE3  . TRP A 9  ? 0.0833 0.0833 0.0833 0.0000  0.0000  0.0000  9    TRP A HE3  
157 H HZ2  . TRP A 9  ? 0.1054 0.1054 0.1054 0.0000  0.0000  0.0000  9    TRP A HZ2  
158 H HZ3  . TRP A 9  ? 0.0987 0.0987 0.0987 0.0000  0.0000  0.0000  9    TRP A HZ3  
159 H HH2  . TRP A 9  ? 0.1175 0.1175 0.1175 0.0000  0.0000  0.0000  9    TRP A HH2  
160 N N    . DLE A 10 ? 0.0676 0.0335 0.0473 -0.0044 0.0060  0.0116  10   DLE A N    
161 C CA   . DLE A 10 ? 0.0661 0.0479 0.0470 -0.0023 -0.0003 0.0025  10   DLE A CA   
162 C CB   . DLE A 10 ? 0.0621 0.1311 0.0690 -0.0172 0.0064  -0.0318 10   DLE A CB   
163 C CG   . DLE A 10 ? 0.0710 0.2251 0.0931 0.0024  0.0156  -0.0396 10   DLE A CG   
164 C CD1  . DLE A 10 ? 0.1712 0.2354 0.1522 0.0976  0.0233  -0.0565 10   DLE A CD1  
165 C CD2  . DLE A 10 ? 0.0904 0.4446 0.2226 -0.0702 0.0561  -0.1214 10   DLE A CD2  
166 C C    . DLE A 10 ? 0.0644 0.0612 0.0481 0.0048  0.0033  0.0115  10   DLE A C    
167 O O    . DLE A 10 ? 0.1026 0.0683 0.0473 0.0111  0.0145  0.0103  10   DLE A O    
168 H H    . DLE A 10 ? 0.0594 0.0594 0.0594 0.0000  0.0000  0.0000  10   DLE A H    
169 H HA   . DLE A 10 ? 0.0645 0.0645 0.0645 0.0000  0.0000  0.0000  10   DLE A HA   
170 H HB2  . DLE A 10 ? 0.1049 0.1049 0.1049 0.0000  0.0000  0.0000  10   DLE A HB2  
171 H HB3  . DLE A 10 ? 0.1049 0.1049 0.1049 0.0000  0.0000  0.0000  10   DLE A HB3  
172 H HG   . DLE A 10 ? 0.1555 0.1555 0.1555 0.0000  0.0000  0.0000  10   DLE A HG   
173 H HD11 . DLE A 10 ? 0.2794 0.2794 0.2794 0.0000  0.0000  0.0000  10   DLE A HD11 
174 H HD12 . DLE A 10 ? 0.2794 0.2794 0.2794 0.0000  0.0000  0.0000  10   DLE A HD12 
175 H HD13 . DLE A 10 ? 0.2794 0.2794 0.2794 0.0000  0.0000  0.0000  10   DLE A HD13 
176 H HD21 . DLE A 10 ? 0.3788 0.3788 0.3788 0.0000  0.0000  0.0000  10   DLE A HD21 
177 H HD22 . DLE A 10 ? 0.3788 0.3788 0.3788 0.0000  0.0000  0.0000  10   DLE A HD22 
178 H HD23 . DLE A 10 ? 0.3788 0.3788 0.3788 0.0000  0.0000  0.0000  10   DLE A HD23 
179 N N    A TYR A 11 ? 0.0736 0.0596 0.0498 -0.0156 0.0061  0.0110  11   TYR A N    
180 C CA   A TYR A 11 ? 0.1042 0.1029 0.0499 -0.0106 0.0158  0.0109  11   TYR A CA   
181 C C    A TYR A 11 ? 0.1038 0.0873 0.0419 0.0100  0.0248  0.0235  11   TYR A C    
182 O O    A TYR A 11 ? 0.0990 0.0940 0.0279 0.0299  0.0254  0.0222  11   TYR A O    
183 C CB   A TYR A 11 ? 0.1472 0.1282 0.0548 -0.0253 -0.0166 0.0139  11   TYR A CB   
184 C CG   A TYR A 11 ? 0.1371 0.1230 0.0521 -0.0219 -0.0243 0.0069  11   TYR A CG   
185 C CD1  A TYR A 11 ? 0.1686 0.1181 0.0737 -0.0088 -0.0323 0.0100  11   TYR A CD1  
186 C CD2  A TYR A 11 ? 0.1402 0.1488 0.0604 -0.0173 -0.0181 0.0063  11   TYR A CD2  
187 C CE1  A TYR A 11 ? 0.1762 0.1246 0.0843 -0.0146 -0.0336 0.0068  11   TYR A CE1  
188 C CE2  A TYR A 11 ? 0.1495 0.1542 0.0361 -0.0216 -0.0152 0.0154  11   TYR A CE2  
189 C CZ   A TYR A 11 ? 0.1742 0.1518 0.0766 -0.0172 -0.0307 0.0215  11   TYR A CZ   
190 O OH   A TYR A 11 ? 0.2120 0.1530 0.0659 -0.0298 -0.0165 0.0117  11   TYR A OH   
191 H H    A TYR A 11 ? 0.0732 0.0732 0.0732 0.0000  0.0000  0.0000  11   TYR A H    
192 H HA   A TYR A 11 ? 0.1028 0.1028 0.1028 0.0000  0.0000  0.0000  11   TYR A HA   
193 H HB2  A TYR A 11 ? 0.1321 0.1321 0.1321 0.0000  0.0000  0.0000  11   TYR A HB2  
194 H HB3  A TYR A 11 ? 0.1321 0.1321 0.1321 0.0000  0.0000  0.0000  11   TYR A HB3  
195 H HD1  A TYR A 11 ? 0.1441 0.1441 0.1441 0.0000  0.0000  0.0000  11   TYR A HD1  
196 H HD2  A TYR A 11 ? 0.1397 0.1397 0.1397 0.0000  0.0000  0.0000  11   TYR A HD2  
197 H HE1  A TYR A 11 ? 0.1541 0.1541 0.1541 0.0000  0.0000  0.0000  11   TYR A HE1  
198 H HE2  A TYR A 11 ? 0.1359 0.1359 0.1359 0.0000  0.0000  0.0000  11   TYR A HE2  
199 H HH   A TYR A 11 ? 0.2153 0.2153 0.2153 0.0000  0.0000  0.0000  11   TYR A HH   
200 N N    B TRP A 11 ? 0.0636 0.0665 0.0484 -0.0069 0.0015  0.0176  11   TRP A N    
201 C CA   B TRP A 11 ? 0.1026 0.0962 0.0477 -0.0038 0.0156  0.0169  11   TRP A CA   
202 C C    B TRP A 11 ? 0.0994 0.0923 0.0403 0.0109  0.0279  0.0217  11   TRP A C    
203 O O    B TRP A 11 ? 0.0915 0.0895 0.0812 0.0153  0.0204  0.0256  11   TRP A O    
204 C CB   B TRP A 11 ? 0.1428 0.1055 0.0617 -0.0052 -0.0094 0.0113  11   TRP A CB   
205 C CG   B TRP A 11 ? 0.1322 0.0904 0.0724 0.0076  -0.0177 0.0011  11   TRP A CG   
206 C CD1  B TRP A 11 ? 0.1647 0.0831 0.0778 0.0069  -0.0314 0.0184  11   TRP A CD1  
207 C CD2  B TRP A 11 ? 0.1188 0.1178 0.0484 0.0059  -0.0300 0.0048  11   TRP A CD2  
208 N NE1  B TRP A 11 ? 0.1772 0.1167 0.0921 -0.0117 -0.0401 0.0307  11   TRP A NE1  
209 C CE2  B TRP A 11 ? 0.1514 0.1504 0.0737 -0.0227 -0.0342 0.0149  11   TRP A CE2  
210 C CE3  B TRP A 11 ? 0.1348 0.1633 0.0442 0.0493  -0.0326 0.0030  11   TRP A CE3  
211 C CZ2  B TRP A 11 ? 0.1619 0.1416 0.0661 -0.0272 -0.0322 0.0304  11   TRP A CZ2  
212 C CZ3  B TRP A 11 ? 0.1393 0.1511 0.0714 0.0290  -0.0307 0.0052  11   TRP A CZ3  
213 C CH2  B TRP A 11 ? 0.1755 0.1796 0.1132 0.0009  -0.0292 0.0008  11   TRP A CH2  
214 H H    B TRP A 11 ? 0.0714 0.0714 0.0714 0.0000  0.0000  0.0000  11   TRP A H    
215 H HA   B TRP A 11 ? 0.0985 0.0985 0.0985 0.0000  0.0000  0.0000  11   TRP A HA   
216 H HB2  B TRP A 11 ? 0.1240 0.1240 0.1240 0.0000  0.0000  0.0000  11   TRP A HB2  
217 H HB3  B TRP A 11 ? 0.1240 0.1240 0.1240 0.0000  0.0000  0.0000  11   TRP A HB3  
218 H HD1  B TRP A 11 ? 0.1302 0.1302 0.1302 0.0000  0.0000  0.0000  11   TRP A HD1  
219 H HE1  B TRP A 11 ? 0.1544 0.1544 0.1544 0.0000  0.0000  0.0000  11   TRP A HE1  
220 H HE3  B TRP A 11 ? 0.1369 0.1369 0.1369 0.0000  0.0000  0.0000  11   TRP A HE3  
221 H HZ2  B TRP A 11 ? 0.1479 0.1479 0.1479 0.0000  0.0000  0.0000  11   TRP A HZ2  
222 H HZ3  B TRP A 11 ? 0.1448 0.1448 0.1448 0.0000  0.0000  0.0000  11   TRP A HZ3  
223 H HH2  B TRP A 11 ? 0.1873 0.1873 0.1873 0.0000  0.0000  0.0000  11   TRP A HH2  
224 N N    . DLE A 12 ? 0.0942 0.0512 0.0565 -0.0031 0.0068  0.0131  12   DLE A N    
225 C CA   . DLE A 12 ? 0.0837 0.0557 0.0527 0.0036  0.0075  0.0200  12   DLE A CA   
226 C CB   A DLE A 12 ? 0.1221 0.0597 0.0652 0.0145  0.0246  0.0059  12   DLE A CB   
227 C CB   B DLE A 12 ? 0.1126 0.0836 0.0597 0.0330  0.0095  0.0089  12   DLE A CB   
228 C CG   A DLE A 12 ? 0.1050 0.0619 0.0871 -0.0087 0.0431  -0.0148 12   DLE A CG   
229 C CG   B DLE A 12 ? 0.1256 0.1124 0.0644 0.0177  0.0096  -0.0041 12   DLE A CG   
230 C CD1  A DLE A 12 ? 0.1459 0.0893 0.1442 0.0134  0.0749  -0.0227 12   DLE A CD1  
231 C CD1  B DLE A 12 ? 0.1662 0.1895 0.0602 -0.0092 -0.0022 0.0444  12   DLE A CD1  
232 C CD2  A DLE A 12 ? 0.1782 0.1375 0.0766 -0.0015 0.0415  0.0369  12   DLE A CD2  
233 C CD2  B DLE A 12 ? 0.1040 0.1866 0.0709 0.0184  0.0478  -0.0414 12   DLE A CD2  
234 C C    . DLE A 12 ? 0.0563 0.0604 0.0547 0.0026  0.0120  0.0182  12   DLE A C    
235 O O    . DLE A 12 ? 0.0707 0.0659 0.0647 0.0019  0.0018  0.0332  12   DLE A O    
236 H H    . DLE A 12 ? 0.0808 0.0808 0.0808 0.0000  0.0000  0.0000  12   DLE A H    
237 H HA   . DLE A 12 ? 0.0769 0.0769 0.0769 0.0000  0.0000  0.0000  12   DLE A HA   
238 H HB2  A DLE A 12 ? 0.0988 0.0988 0.0988 0.0000  0.0000  0.0000  12   DLE A HB2  
239 H HB2  B DLE A 12 ? 0.1023 0.1023 0.1023 0.0000  0.0000  0.0000  12   DLE A HB2  
240 H HB3  A DLE A 12 ? 0.0988 0.0988 0.0988 0.0000  0.0000  0.0000  12   DLE A HB3  
241 H HB3  B DLE A 12 ? 0.1023 0.1023 0.1023 0.0000  0.0000  0.0000  12   DLE A HB3  
242 H HG   A DLE A 12 ? 0.1017 0.1017 0.1017 0.0000  0.0000  0.0000  12   DLE A HG   
243 H HG   B DLE A 12 ? 0.1210 0.1210 0.1210 0.0000  0.0000  0.0000  12   DLE A HG   
244 H HD11 A DLE A 12 ? 0.1897 0.1897 0.1897 0.0000  0.0000  0.0000  12   DLE A HD11 
245 H HD11 B DLE A 12 ? 0.1664 0.1664 0.1664 0.0000  0.0000  0.0000  12   DLE A HD11 
246 H HD12 A DLE A 12 ? 0.1897 0.1897 0.1897 0.0000  0.0000  0.0000  12   DLE A HD12 
247 H HD12 B DLE A 12 ? 0.1664 0.1664 0.1664 0.0000  0.0000  0.0000  12   DLE A HD12 
248 H HD13 A DLE A 12 ? 0.1897 0.1897 0.1897 0.0000  0.0000  0.0000  12   DLE A HD13 
249 H HD13 B DLE A 12 ? 0.1664 0.1664 0.1664 0.0000  0.0000  0.0000  12   DLE A HD13 
250 H HD21 A DLE A 12 ? 0.1962 0.1962 0.1962 0.0000  0.0000  0.0000  12   DLE A HD21 
251 H HD21 B DLE A 12 ? 0.1446 0.1446 0.1446 0.0000  0.0000  0.0000  12   DLE A HD21 
252 H HD22 A DLE A 12 ? 0.1962 0.1962 0.1962 0.0000  0.0000  0.0000  12   DLE A HD22 
253 H HD22 B DLE A 12 ? 0.1446 0.1446 0.1446 0.0000  0.0000  0.0000  12   DLE A HD22 
254 H HD23 A DLE A 12 ? 0.1962 0.1962 0.1962 0.0000  0.0000  0.0000  12   DLE A HD23 
255 H HD23 B DLE A 12 ? 0.1446 0.1446 0.1446 0.0000  0.0000  0.0000  12   DLE A HD23 
256 N N    . TRP A 13 ? 0.0811 0.0531 0.0479 0.0125  0.0122  0.0178  13   TRP A N    
257 C CA   . TRP A 13 ? 0.0644 0.0580 0.0602 0.0035  0.0101  0.0281  13   TRP A CA   
258 C C    . TRP A 13 ? 0.0692 0.0550 0.0621 0.0035  0.0101  0.0262  13   TRP A C    
259 O O    . TRP A 13 ? 0.0742 0.0674 0.0769 0.0071  0.0192  0.0339  13   TRP A O    
260 C CB   . TRP A 13 ? 0.0712 0.0893 0.0773 0.0155  0.0143  0.0301  13   TRP A CB   
261 C CG   . TRP A 13 ? 0.0800 0.1441 0.0987 0.0225  -0.0078 -0.0119 13   TRP A CG   
262 C CD1  . TRP A 13 ? 0.1518 0.2074 0.1314 0.0824  -0.0540 -0.0666 13   TRP A CD1  
263 C CD2  . TRP A 13 ? 0.0631 0.1730 0.0867 0.0191  0.0104  0.0180  13   TRP A CD2  
264 N NE1  . TRP A 13 ? 0.1487 0.2670 0.1403 0.1049  -0.0610 -0.0776 13   TRP A NE1  
265 C CE2  . TRP A 13 ? 0.1207 0.2633 0.0664 0.0849  -0.0001 -0.0210 13   TRP A CE2  
266 C CE3  . TRP A 13 ? 0.0744 0.1481 0.1362 0.0118  0.0324  0.0529  13   TRP A CE3  
267 C CZ2  . TRP A 13 ? 0.1169 0.2657 0.1101 0.0563  -0.0239 0.0002  13   TRP A CZ2  
268 C CZ3  . TRP A 13 ? 0.0917 0.1788 0.1394 -0.0061 0.0077  0.0727  13   TRP A CZ3  
269 C CH2  . TRP A 13 ? 0.1210 0.2367 0.1323 0.0265  0.0133  0.0384  13   TRP A CH2  
270 H H    . TRP A 13 ? 0.0728 0.0728 0.0728 0.0000  0.0000  0.0000  13   TRP A H    
271 H HA   . TRP A 13 ? 0.0730 0.0730 0.0730 0.0000  0.0000  0.0000  13   TRP A HA   
272 H HB2  . TRP A 13 ? 0.0951 0.0951 0.0951 0.0000  0.0000  0.0000  13   TRP A HB2  
273 H HB3  . TRP A 13 ? 0.0951 0.0951 0.0951 0.0000  0.0000  0.0000  13   TRP A HB3  
274 H HD1  . TRP A 13 ? 0.1962 0.1962 0.1962 0.0000  0.0000  0.0000  13   TRP A HD1  
275 H HE1  . TRP A 13 ? 0.2224 0.2224 0.2224 0.0000  0.0000  0.0000  13   TRP A HE1  
276 H HE3  . TRP A 13 ? 0.1435 0.1435 0.1435 0.0000  0.0000  0.0000  13   TRP A HE3  
277 H HZ2  . TRP A 13 ? 0.1971 0.1971 0.1971 0.0000  0.0000  0.0000  13   TRP A HZ2  
278 H HZ3  . TRP A 13 ? 0.1639 0.1639 0.1639 0.0000  0.0000  0.0000  13   TRP A HZ3  
279 H HH2  . TRP A 13 ? 0.1959 0.1959 0.1959 0.0000  0.0000  0.0000  13   TRP A HH2  
280 N N    . DLE A 14 ? 0.0554 0.0565 0.0584 0.0041  -0.0001 0.0266  14   DLE A N    
281 C CA   . DLE A 14 ? 0.0518 0.0537 0.0475 -0.0024 -0.0047 0.0191  14   DLE A CA   
282 C CB   . DLE A 14 ? 0.0707 0.0793 0.0635 0.0056  -0.0108 0.0059  14   DLE A CB   
283 C CG   . DLE A 14 ? 0.0721 0.0902 0.1250 -0.0027 -0.0329 -0.0023 14   DLE A CG   
284 C CD1  . DLE A 14 ? 0.1131 0.1903 0.1684 -0.0711 0.0016  0.0365  14   DLE A CD1  
285 C CD2  . DLE A 14 ? 0.0828 0.2756 0.1397 -0.0336 -0.0354 0.0129  14   DLE A CD2  
286 C C    . DLE A 14 ? 0.0469 0.0478 0.0525 0.0014  0.0021  0.0109  14   DLE A C    
287 O O    . DLE A 14 ? 0.0602 0.0600 0.0700 -0.0084 0.0069  0.0321  14   DLE A O    
288 H H    . DLE A 14 ? 0.0680 0.0680 0.0680 0.0000  0.0000  0.0000  14   DLE A H    
289 H HA   . DLE A 14 ? 0.0612 0.0612 0.0612 0.0000  0.0000  0.0000  14   DLE A HA   
290 H HB2  . DLE A 14 ? 0.0854 0.0854 0.0854 0.0000  0.0000  0.0000  14   DLE A HB2  
291 H HB3  . DLE A 14 ? 0.0854 0.0854 0.0854 0.0000  0.0000  0.0000  14   DLE A HB3  
292 H HG   . DLE A 14 ? 0.1149 0.1149 0.1149 0.0000  0.0000  0.0000  14   DLE A HG   
293 H HD11 . DLE A 14 ? 0.2358 0.2358 0.2358 0.0000  0.0000  0.0000  14   DLE A HD11 
294 H HD12 . DLE A 14 ? 0.2358 0.2358 0.2358 0.0000  0.0000  0.0000  14   DLE A HD12 
295 H HD13 . DLE A 14 ? 0.2358 0.2358 0.2358 0.0000  0.0000  0.0000  14   DLE A HD13 
296 H HD21 . DLE A 14 ? 0.2490 0.2490 0.2490 0.0000  0.0000  0.0000  14   DLE A HD21 
297 H HD22 . DLE A 14 ? 0.2490 0.2490 0.2490 0.0000  0.0000  0.0000  14   DLE A HD22 
298 H HD23 . DLE A 14 ? 0.2490 0.2490 0.2490 0.0000  0.0000  0.0000  14   DLE A HD23 
299 N N    . TRP A 15 ? 0.0595 0.0616 0.0518 0.0075  0.0047  0.0264  15   TRP A N    
300 C CA   . TRP A 15 ? 0.0569 0.0691 0.0562 0.0089  0.0060  0.0206  15   TRP A CA   
301 C C    . TRP A 15 ? 0.0573 0.0708 0.0615 0.0103  0.0052  0.0277  15   TRP A C    
302 O O    . TRP A 15 ? 0.0818 0.0655 0.0970 0.0086  -0.0126 0.0333  15   TRP A O    
303 C CB   . TRP A 15 ? 0.0675 0.0626 0.0658 -0.0016 -0.0046 0.0065  15   TRP A CB   
304 C CG   . TRP A 15 ? 0.0736 0.0692 0.0795 0.0123  0.0081  -0.0005 15   TRP A CG   
305 C CD1  . TRP A 15 ? 0.0865 0.0771 0.0665 0.0183  0.0022  0.0013  15   TRP A CD1  
306 C CD2  . TRP A 15 ? 0.0728 0.0767 0.0735 0.0183  0.0151  0.0051  15   TRP A CD2  
307 N NE1  . TRP A 15 ? 0.0777 0.0800 0.0982 0.0392  0.0035  0.0010  15   TRP A NE1  
308 C CE2  . TRP A 15 ? 0.0819 0.0852 0.0958 0.0222  0.0323  -0.0012 15   TRP A CE2  
309 C CE3  . TRP A 15 ? 0.0840 0.0692 0.0847 0.0177  0.0235  -0.0018 15   TRP A CE3  
310 C CZ2  . TRP A 15 ? 0.0775 0.0897 0.1333 0.0189  0.0472  -0.0194 15   TRP A CZ2  
311 C CZ3  . TRP A 15 ? 0.1007 0.0884 0.1098 0.0122  0.0321  0.0251  15   TRP A CZ3  
312 C CH2  . TRP A 15 ? 0.0949 0.0782 0.1651 -0.0021 0.0534  -0.0047 15   TRP A CH2  
313 H H    . TRP A 15 ? 0.0692 0.0692 0.0692 0.0000  0.0000  0.0000  15   TRP A H    
314 H HA   . TRP A 15 ? 0.0728 0.0728 0.0728 0.0000  0.0000  0.0000  15   TRP A HA   
315 H HB2  . TRP A 15 ? 0.0784 0.0784 0.0784 0.0000  0.0000  0.0000  15   TRP A HB2  
316 H HB3  . TRP A 15 ? 0.0784 0.0784 0.0784 0.0000  0.0000  0.0000  15   TRP A HB3  
317 H HD1  . TRP A 15 ? 0.0919 0.0919 0.0919 0.0000  0.0000  0.0000  15   TRP A HD1  
318 H HE1  . TRP A 15 ? 0.1023 0.1023 0.1023 0.0000  0.0000  0.0000  15   TRP A HE1  
319 H HE3  . TRP A 15 ? 0.0951 0.0951 0.0951 0.0000  0.0000  0.0000  15   TRP A HE3  
320 H HZ2  . TRP A 15 ? 0.1202 0.1202 0.1202 0.0000  0.0000  0.0000  15   TRP A HZ2  
321 H HZ3  . TRP A 15 ? 0.1196 0.1196 0.1196 0.0000  0.0000  0.0000  15   TRP A HZ3  
322 H HH2  . TRP A 15 ? 0.1353 0.1353 0.1353 0.0000  0.0000  0.0000  15   TRP A HH2  
323 C CA   . ETA A 16 ? 0.1172 0.1079 0.0685 0.0213  -0.0177 0.0355  16   ETA A CA   
324 N N    . ETA A 16 ? 0.0801 0.0765 0.0667 0.0083  -0.0072 0.0246  16   ETA A N    
325 C C    . ETA A 16 ? 0.1304 0.1179 0.0568 -0.0274 0.0021  0.0331  16   ETA A C    
326 O O    . ETA A 16 ? 0.1274 0.1202 0.0902 0.0287  -0.0219 0.0299  16   ETA A O    
327 H HA1  . ETA A 16 ? 0.1174 0.1174 0.1174 0.0000  0.0000  0.0000  16   ETA A HA1  
328 H HA2  . ETA A 16 ? 0.1174 0.1174 0.1174 0.0000  0.0000  0.0000  16   ETA A HA2  
329 H H    . ETA A 16 ? 0.0893 0.0893 0.0893 0.0000  0.0000  0.0000  16   ETA A H    
330 H HB1  . ETA A 16 ? 0.1221 0.1221 0.1221 0.0000  0.0000  0.0000  16   ETA A HB1  
331 H HB2  . ETA A 16 ? 0.1221 0.1221 0.1221 0.0000  0.0000  0.0000  16   ETA A HB2  
332 H HO   . ETA A 16 ? 0.1688 0.1688 0.1688 0.0000  0.0000  0.0000  16   ETA A HO   
333 C C    . FVA B 1  ? 0.0901 0.0668 0.0899 0.0212  0.0364  0.0361  1    FVA B C    
334 N N    . FVA B 1  ? 0.0839 0.0612 0.1491 0.0149  0.0428  0.0405  1    FVA B N    
335 O O    . FVA B 1  ? 0.0961 0.0784 0.1133 0.0240  0.0571  0.0522  1    FVA B O    
336 C CA   . FVA B 1  ? 0.0885 0.0723 0.0919 0.0260  0.0385  0.0297  1    FVA B CA   
337 C CB   . FVA B 1  ? 0.1275 0.0829 0.0919 0.0126  0.0336  0.0209  1    FVA B CB   
338 C CG1  . FVA B 1  ? 0.1664 0.1280 0.0957 -0.0067 0.0464  0.0068  1    FVA B CG1  
339 C CG2  . FVA B 1  ? 0.1351 0.1502 0.1061 -0.0077 0.0197  0.0259  1    FVA B CG2  
340 H H    . FVA B 1  ? 0.1177 0.1177 0.1177 0.0000  0.0000  0.0000  1    FVA B H    
341 H HA   . FVA B 1  ? 0.1011 0.1011 0.1011 0.0000  0.0000  0.0000  1    FVA B HA   
342 H HB   . FVA B 1  ? 0.1210 0.1210 0.1210 0.0000  0.0000  0.0000  1    FVA B HB   
343 H HG11 . FVA B 1  ? 0.1950 0.1950 0.1950 0.0000  0.0000  0.0000  1    FVA B HG11 
344 H HG12 . FVA B 1  ? 0.1950 0.1950 0.1950 0.0000  0.0000  0.0000  1    FVA B HG12 
345 H HG13 . FVA B 1  ? 0.1950 0.1950 0.1950 0.0000  0.0000  0.0000  1    FVA B HG13 
346 O O1   . FVA B 1  ? 0.0987 0.0892 0.3592 0.0135  0.0435  0.1106  1    FVA B O1   
347 H HG21 . FVA B 1  ? 0.1957 0.1957 0.1957 0.0000  0.0000  0.0000  1    FVA B HG21 
348 C CN   . FVA B 1  ? 0.0905 0.0759 0.2640 0.0300  0.0505  0.0833  1    FVA B CN   
349 H HG22 . FVA B 1  ? 0.1957 0.1957 0.1957 0.0000  0.0000  0.0000  1    FVA B HG22 
350 H HG23 . FVA B 1  ? 0.1957 0.1957 0.1957 0.0000  0.0000  0.0000  1    FVA B HG23 
351 H HN   . FVA B 1  ? 0.1721 0.1721 0.1721 0.0000  0.0000  0.0000  1    FVA B HN   
352 N N    . GLY B 2  ? 0.0756 0.0636 0.0742 0.0196  0.0220  0.0329  2    GLY B N    
353 C CA   . GLY B 2  ? 0.0581 0.0662 0.0857 0.0073  0.0182  0.0453  2    GLY B CA   
354 C C    . GLY B 2  ? 0.0615 0.0737 0.0776 0.0102  0.0085  0.0363  2    GLY B C    
355 O O    . GLY B 2  ? 0.0972 0.0790 0.0847 0.0173  0.0002  0.0432  2    GLY B O    
356 H H    . GLY B 2  ? 0.0854 0.0854 0.0854 0.0000  0.0000  0.0000  2    GLY B H    
357 H HA2  . GLY B 2  ? 0.0840 0.0840 0.0840 0.0000  0.0000  0.0000  2    GLY B HA2  
358 H HA3  . GLY B 2  ? 0.0840 0.0840 0.0840 0.0000  0.0000  0.0000  2    GLY B HA3  
359 N N    . ALA B 3  ? 0.0549 0.0770 0.0764 0.0051  0.0029  0.0408  3    ALA B N    
360 C CA   . ALA B 3  ? 0.0765 0.0792 0.0870 0.0069  0.0008  0.0376  3    ALA B CA   
361 C C    . ALA B 3  ? 0.0550 0.0787 0.0800 0.0128  -0.0049 0.0327  3    ALA B C    
362 O O    . ALA B 3  ? 0.0694 0.1316 0.1470 -0.0259 -0.0326 0.0997  3    ALA B O    
363 C CB   . ALA B 3  ? 0.1067 0.0751 0.1425 -0.0071 0.0520  0.0271  3    ALA B CB   
364 H H    . ALA B 3  ? 0.0833 0.0833 0.0833 0.0000  0.0000  0.0000  3    ALA B H    
365 H HA   . ALA B 3  ? 0.0970 0.0970 0.0970 0.0000  0.0000  0.0000  3    ALA B HA   
366 H HB1  . ALA B 3  ? 0.1621 0.1621 0.1621 0.0000  0.0000  0.0000  3    ALA B HB1  
367 H HB2  . ALA B 3  ? 0.1621 0.1621 0.1621 0.0000  0.0000  0.0000  3    ALA B HB2  
368 H HB3  . ALA B 3  ? 0.1621 0.1621 0.1621 0.0000  0.0000  0.0000  3    ALA B HB3  
369 N N    . DLE B 4  ? 0.0632 0.0973 0.0529 0.0119  0.0012  0.0353  4    DLE B N    
370 C CA   . DLE B 4  ? 0.0694 0.0759 0.0549 -0.0051 0.0076  0.0167  4    DLE B CA   
371 C CB   . DLE B 4  ? 0.0960 0.1037 0.0561 -0.0097 0.0082  0.0072  4    DLE B CB   
372 C CG   . DLE B 4  ? 0.1210 0.1587 0.0754 -0.0172 0.0105  -0.0232 4    DLE B CG   
373 C CD1  . DLE B 4  ? 0.2185 0.1521 0.1428 0.0532  -0.0237 -0.0534 4    DLE B CD1  
374 C CD2  . DLE B 4  ? 0.2027 0.2071 0.0618 -0.0549 -0.0119 -0.0122 4    DLE B CD2  
375 C C    . DLE B 4  ? 0.0598 0.0820 0.0536 -0.0082 -0.0038 0.0195  4    DLE B C    
376 O O    . DLE B 4  ? 0.0758 0.0790 0.0521 0.0003  0.0008  0.0213  4    DLE B O    
377 H H    . DLE B 4  ? 0.0854 0.0854 0.0854 0.0000  0.0000  0.0000  4    DLE B H    
378 H HA   . DLE B 4  ? 0.0800 0.0800 0.0800 0.0000  0.0000  0.0000  4    DLE B HA   
379 H HB2  . DLE B 4  ? 0.1023 0.1023 0.1023 0.0000  0.0000  0.0000  4    DLE B HB2  
380 H HB3  . DLE B 4  ? 0.1023 0.1023 0.1023 0.0000  0.0000  0.0000  4    DLE B HB3  
381 H HG   . DLE B 4  ? 0.1421 0.1421 0.1421 0.0000  0.0000  0.0000  4    DLE B HG   
382 H HD11 . DLE B 4  ? 0.2567 0.2567 0.2567 0.0000  0.0000  0.0000  4    DLE B HD11 
383 H HD12 . DLE B 4  ? 0.2567 0.2567 0.2567 0.0000  0.0000  0.0000  4    DLE B HD12 
384 H HD13 . DLE B 4  ? 0.2567 0.2567 0.2567 0.0000  0.0000  0.0000  4    DLE B HD13 
385 H HD21 . DLE B 4  ? 0.2358 0.2358 0.2358 0.0000  0.0000  0.0000  4    DLE B HD21 
386 H HD22 . DLE B 4  ? 0.2358 0.2358 0.2358 0.0000  0.0000  0.0000  4    DLE B HD22 
387 H HD23 . DLE B 4  ? 0.2358 0.2358 0.2358 0.0000  0.0000  0.0000  4    DLE B HD23 
388 N N    . ALA B 5  ? 0.0636 0.0564 0.0469 0.0019  -0.0013 0.0127  5    ALA B N    
389 C CA   . ALA B 5  ? 0.0754 0.0538 0.0608 0.0027  0.0090  0.0082  5    ALA B CA   
390 C C    . ALA B 5  ? 0.0914 0.0410 0.0478 0.0014  0.0121  0.0029  5    ALA B C    
391 O O    . ALA B 5  ? 0.1163 0.0624 0.0630 -0.0232 0.0064  0.0155  5    ALA B O    
392 C CB   . ALA B 5  ? 0.0774 0.0923 0.0644 0.0012  0.0204  0.0274  5    ALA B CB   
393 H H    . ALA B 5  ? 0.0667 0.0667 0.0667 0.0000  0.0000  0.0000  5    ALA B H    
394 H HA   . ALA B 5  ? 0.0760 0.0760 0.0760 0.0000  0.0000  0.0000  5    ALA B HA   
395 H HB1  . ALA B 5  ? 0.1170 0.1170 0.1170 0.0000  0.0000  0.0000  5    ALA B HB1  
396 H HB2  . ALA B 5  ? 0.1170 0.1170 0.1170 0.0000  0.0000  0.0000  5    ALA B HB2  
397 H HB3  . ALA B 5  ? 0.1170 0.1170 0.1170 0.0000  0.0000  0.0000  5    ALA B HB3  
398 N N    . DVA B 6  ? 0.0643 0.0540 0.0637 0.0003  0.0026  0.0313  6    DVA B N    
399 C CA   . DVA B 6  ? 0.0630 0.0479 0.0614 -0.0011 0.0054  0.0278  6    DVA B CA   
400 C CB   . DVA B 6  ? 0.0754 0.0607 0.0576 0.0236  0.0062  0.0197  6    DVA B CB   
401 C CG1  . DVA B 6  ? 0.1054 0.0647 0.0728 0.0164  0.0092  0.0107  6    DVA B CG1  
402 C CG2  . DVA B 6  ? 0.0803 0.1110 0.0874 0.0319  0.0234  0.0244  6    DVA B CG2  
403 C C    . DVA B 6  ? 0.0628 0.0401 0.0591 0.0064  0.0107  0.0153  6    DVA B C    
404 O O    . DVA B 6  ? 0.0666 0.0553 0.0742 0.0047  0.0185  0.0337  6    DVA B O    
405 H H    . DVA B 6  ? 0.0728 0.0728 0.0728 0.0000  0.0000  0.0000  6    DVA B H    
406 H HA   . DVA B 6  ? 0.0689 0.0689 0.0689 0.0000  0.0000  0.0000  6    DVA B HA   
407 H HB   . DVA B 6  ? 0.0775 0.0775 0.0775 0.0000  0.0000  0.0000  6    DVA B HB   
408 H HG11 . DVA B 6  ? 0.1215 0.1215 0.1215 0.0000  0.0000  0.0000  6    DVA B HG11 
409 H HG12 . DVA B 6  ? 0.1215 0.1215 0.1215 0.0000  0.0000  0.0000  6    DVA B HG12 
410 H HG13 . DVA B 6  ? 0.1215 0.1215 0.1215 0.0000  0.0000  0.0000  6    DVA B HG13 
411 H HG21 . DVA B 6  ? 0.1394 0.1394 0.1394 0.0000  0.0000  0.0000  6    DVA B HG21 
412 H HG22 . DVA B 6  ? 0.1394 0.1394 0.1394 0.0000  0.0000  0.0000  6    DVA B HG22 
413 H HG23 . DVA B 6  ? 0.1394 0.1394 0.1394 0.0000  0.0000  0.0000  6    DVA B HG23 
414 N N    . VAL B 7  ? 0.0536 0.0494 0.0532 -0.0019 0.0099  0.0134  7    VAL B N    
415 C CA   . VAL B 7  ? 0.0560 0.0471 0.0439 0.0048  0.0071  0.0094  7    VAL B CA   
416 C C    . VAL B 7  ? 0.0498 0.0476 0.0540 0.0002  -0.0032 0.0156  7    VAL B C    
417 O O    . VAL B 7  ? 0.0658 0.0736 0.0580 0.0084  0.0131  0.0270  7    VAL B O    
418 C CB   . VAL B 7  ? 0.0658 0.0687 0.0702 -0.0069 0.0021  -0.0098 7    VAL B CB   
419 C CG1  . VAL B 7  ? 0.0726 0.0813 0.1033 -0.0063 -0.0134 -0.0053 7    VAL B CG1  
420 C CG2  . VAL B 7  ? 0.1095 0.0728 0.1286 -0.0026 -0.0382 -0.0200 7    VAL B CG2  
421 H H    . VAL B 7  ? 0.0624 0.0624 0.0624 0.0000  0.0000  0.0000  7    VAL B H    
422 H HA   . VAL B 7  ? 0.0588 0.0588 0.0588 0.0000  0.0000  0.0000  7    VAL B HA   
423 H HB   . VAL B 7  ? 0.0819 0.0819 0.0819 0.0000  0.0000  0.0000  7    VAL B HB   
424 H HG11 . VAL B 7  ? 0.1287 0.1287 0.1287 0.0000  0.0000  0.0000  7    VAL B HG11 
425 H HG12 . VAL B 7  ? 0.1287 0.1287 0.1287 0.0000  0.0000  0.0000  7    VAL B HG12 
426 H HG13 . VAL B 7  ? 0.1287 0.1287 0.1287 0.0000  0.0000  0.0000  7    VAL B HG13 
427 H HG21 . VAL B 7  ? 0.1555 0.1555 0.1555 0.0000  0.0000  0.0000  7    VAL B HG21 
428 H HG22 . VAL B 7  ? 0.1555 0.1555 0.1555 0.0000  0.0000  0.0000  7    VAL B HG22 
429 H HG23 . VAL B 7  ? 0.1555 0.1555 0.1555 0.0000  0.0000  0.0000  7    VAL B HG23 
430 N N    . DVA B 8  ? 0.0634 0.0437 0.0533 -0.0017 -0.0006 0.0188  8    DVA B N    
431 C CA   . DVA B 8  ? 0.0758 0.0475 0.0691 -0.0010 -0.0043 0.0133  8    DVA B CA   
432 C CB   . DVA B 8  ? 0.0725 0.0676 0.1018 0.0176  -0.0113 -0.0036 8    DVA B CB   
433 C CG1  . DVA B 8  ? 0.1023 0.1374 0.1114 0.0119  0.0146  -0.0186 8    DVA B CG1  
434 C CG2  . DVA B 8  ? 0.0723 0.0926 0.1145 0.0029  -0.0108 0.0028  8    DVA B CG2  
435 C C    . DVA B 8  ? 0.0756 0.0493 0.0479 -0.0003 0.0004  0.0097  8    DVA B C    
436 O O    . DVA B 8  ? 0.0979 0.0506 0.0509 0.0006  -0.0059 0.0214  8    DVA B O    
437 H H    . DVA B 8  ? 0.0641 0.0641 0.0641 0.0000  0.0000  0.0000  8    DVA B H    
438 H HA   . DVA B 8  ? 0.0770 0.0770 0.0770 0.0000  0.0000  0.0000  8    DVA B HA   
439 H HB   . DVA B 8  ? 0.0968 0.0968 0.0968 0.0000  0.0000  0.0000  8    DVA B HB   
440 H HG11 . DVA B 8  ? 0.1755 0.1755 0.1755 0.0000  0.0000  0.0000  8    DVA B HG11 
441 H HG12 . DVA B 8  ? 0.1755 0.1755 0.1755 0.0000  0.0000  0.0000  8    DVA B HG12 
442 H HG13 . DVA B 8  ? 0.1755 0.1755 0.1755 0.0000  0.0000  0.0000  8    DVA B HG13 
443 H HG21 . DVA B 8  ? 0.1397 0.1397 0.1397 0.0000  0.0000  0.0000  8    DVA B HG21 
444 H HG22 . DVA B 8  ? 0.1397 0.1397 0.1397 0.0000  0.0000  0.0000  8    DVA B HG22 
445 H HG23 . DVA B 8  ? 0.1397 0.1397 0.1397 0.0000  0.0000  0.0000  8    DVA B HG23 
446 N N    . TRP B 9  ? 0.0839 0.0501 0.0502 -0.0091 -0.0089 0.0179  9    TRP B N    
447 C CA   . TRP B 9  ? 0.0775 0.0441 0.0643 -0.0067 -0.0020 0.0088  9    TRP B CA   
448 C C    . TRP B 9  ? 0.0758 0.0463 0.0563 -0.0020 -0.0036 0.0082  9    TRP B C    
449 O O    . TRP B 9  ? 0.0861 0.0504 0.0943 0.0067  -0.0011 0.0246  9    TRP B O    
450 C CB   . TRP B 9  ? 0.0976 0.0553 0.0737 0.0121  0.0135  0.0048  9    TRP B CB   
451 C CG   . TRP B 9  ? 0.1036 0.0729 0.1072 0.0193  0.0098  -0.0303 9    TRP B CG   
452 C CD1  . TRP B 9  ? 0.1458 0.0910 0.1830 0.0009  -0.0066 -0.0460 9    TRP B CD1  
453 C CD2  . TRP B 9  ? 0.1487 0.1261 0.0825 -0.0002 -0.0173 -0.0408 9    TRP B CD2  
454 N NE1  . TRP B 9  ? 0.1584 0.1255 0.2022 -0.0109 -0.0213 -0.0707 9    TRP B NE1  
455 C CE2  . TRP B 9  ? 0.1724 0.1651 0.1286 -0.0035 -0.0310 -0.0651 9    TRP B CE2  
456 C CE3  . TRP B 9  ? 0.1971 0.1450 0.0893 -0.0008 -0.0498 0.0058  9    TRP B CE3  
457 C CZ2  . TRP B 9  ? 0.1751 0.2413 0.1098 0.0251  -0.0392 -0.0845 9    TRP B CZ2  
458 C CZ3  . TRP B 9  ? 0.2370 0.2145 0.1110 0.0153  -0.0814 0.0087  9    TRP B CZ3  
459 C CH2  . TRP B 9  ? 0.2162 0.2560 0.1422 0.0331  -0.0889 -0.0298 9    TRP B CH2  
460 H H    . TRP B 9  ? 0.0737 0.0737 0.0737 0.0000  0.0000  0.0000  9    TRP B H    
461 H HA   . TRP B 9  ? 0.0743 0.0743 0.0743 0.0000  0.0000  0.0000  9    TRP B HA   
462 H HB2  . TRP B 9  ? 0.0907 0.0907 0.0907 0.0000  0.0000  0.0000  9    TRP B HB2  
463 H HB3  . TRP B 9  ? 0.0907 0.0907 0.0907 0.0000  0.0000  0.0000  9    TRP B HB3  
464 H HD1  . TRP B 9  ? 0.1679 0.1679 0.1679 0.0000  0.0000  0.0000  9    TRP B HD1  
465 H HE1  . TRP B 9  ? 0.1944 0.1944 0.1944 0.0000  0.0000  0.0000  9    TRP B HE1  
466 H HE3  . TRP B 9  ? 0.1725 0.1725 0.1725 0.0000  0.0000  0.0000  9    TRP B HE3  
467 H HZ2  . TRP B 9  ? 0.2105 0.2105 0.2105 0.0000  0.0000  0.0000  9    TRP B HZ2  
468 H HZ3  . TRP B 9  ? 0.2251 0.2251 0.2251 0.0000  0.0000  0.0000  9    TRP B HZ3  
469 H HH2  . TRP B 9  ? 0.2457 0.2457 0.2457 0.0000  0.0000  0.0000  9    TRP B HH2  
470 N N    . DLE B 10 ? 0.0807 0.0348 0.0587 0.0026  0.0024  0.0028  10   DLE B N    
471 C CA   . DLE B 10 ? 0.0903 0.0306 0.0680 -0.0109 0.0097  0.0074  10   DLE B CA   
472 C CB   A DLE B 10 ? 0.0892 0.0728 0.0707 -0.0111 0.0086  -0.0075 10   DLE B CB   
473 C CB   B DLE B 10 ? 0.0953 0.0891 0.0322 -0.0072 0.0243  -0.0152 10   DLE B CB   
474 C CG   A DLE B 10 ? 0.1168 0.0605 0.0977 -0.0125 -0.0273 -0.0053 10   DLE B CG   
475 C CG   B DLE B 10 ? 0.0958 0.1033 0.0554 -0.0551 0.0029  -0.0168 10   DLE B CG   
476 C CD1  A DLE B 10 ? 0.1691 0.0637 0.0978 0.0065  -0.0464 -0.0282 10   DLE B CD1  
477 C CD1  B DLE B 10 ? 0.0949 0.1167 0.1049 -0.0236 0.0202  -0.0189 10   DLE B CD1  
478 C CD2  A DLE B 10 ? 0.1142 0.1264 0.1363 -0.0241 -0.0411 -0.0148 10   DLE B CD2  
479 C CD2  B DLE B 10 ? 0.1116 0.0977 0.0574 -0.0338 0.0085  -0.0316 10   DLE B CD2  
480 C C    . DLE B 10 ? 0.0709 0.0468 0.0645 -0.0172 0.0135  0.0118  10   DLE B C    
481 O O    . DLE B 10 ? 0.1216 0.0439 0.0578 -0.0037 0.0123  0.0099  10   DLE B O    
482 H H    . DLE B 10 ? 0.0697 0.0697 0.0697 0.0000  0.0000  0.0000  10   DLE B H    
483 H HA   . DLE B 10 ? 0.0756 0.0756 0.0756 0.0000  0.0000  0.0000  10   DLE B HA   
484 H HB2  A DLE B 10 ? 0.0931 0.0931 0.0931 0.0000  0.0000  0.0000  10   DLE B HB2  
485 H HB2  B DLE B 10 ? 0.0866 0.0866 0.0866 0.0000  0.0000  0.0000  10   DLE B HB2  
486 H HB3  A DLE B 10 ? 0.0931 0.0931 0.0931 0.0000  0.0000  0.0000  10   DLE B HB3  
487 H HB3  B DLE B 10 ? 0.0866 0.0866 0.0866 0.0000  0.0000  0.0000  10   DLE B HB3  
488 H HG   A DLE B 10 ? 0.1101 0.1101 0.1101 0.0000  0.0000  0.0000  10   DLE B HG   
489 H HG   B DLE B 10 ? 0.1017 0.1017 0.1017 0.0000  0.0000  0.0000  10   DLE B HG   
490 H HD11 A DLE B 10 ? 0.1653 0.1653 0.1653 0.0000  0.0000  0.0000  10   DLE B HD11 
491 H HD11 B DLE B 10 ? 0.1583 0.1583 0.1583 0.0000  0.0000  0.0000  10   DLE B HD11 
492 H HD12 A DLE B 10 ? 0.1653 0.1653 0.1653 0.0000  0.0000  0.0000  10   DLE B HD12 
493 H HD12 B DLE B 10 ? 0.1583 0.1583 0.1583 0.0000  0.0000  0.0000  10   DLE B HD12 
494 H HD13 A DLE B 10 ? 0.1653 0.1653 0.1653 0.0000  0.0000  0.0000  10   DLE B HD13 
495 H HD13 B DLE B 10 ? 0.1583 0.1583 0.1583 0.0000  0.0000  0.0000  10   DLE B HD13 
496 H HD21 A DLE B 10 ? 0.1885 0.1885 0.1885 0.0000  0.0000  0.0000  10   DLE B HD21 
497 H HD21 B DLE B 10 ? 0.1334 0.1334 0.1334 0.0000  0.0000  0.0000  10   DLE B HD21 
498 H HD22 A DLE B 10 ? 0.1885 0.1885 0.1885 0.0000  0.0000  0.0000  10   DLE B HD22 
499 H HD22 B DLE B 10 ? 0.1334 0.1334 0.1334 0.0000  0.0000  0.0000  10   DLE B HD22 
500 H HD23 A DLE B 10 ? 0.1885 0.1885 0.1885 0.0000  0.0000  0.0000  10   DLE B HD23 
501 H HD23 B DLE B 10 ? 0.1334 0.1334 0.1334 0.0000  0.0000  0.0000  10   DLE B HD23 
502 N N    A TRP B 11 ? 0.0723 0.0398 0.0603 -0.0223 0.0092  0.0124  11   TRP B N    
503 N N    B TRP B 11 ? 0.0586 0.0493 0.0645 -0.0097 0.0063  0.0166  11   TRP B N    
504 C CA   A TRP B 11 ? 0.0537 0.0447 0.0665 -0.0113 0.0109  0.0074  11   TRP B CA   
505 C CA   B TRP B 11 ? 0.0587 0.0462 0.0725 -0.0061 0.0001  0.0081  11   TRP B CA   
506 C C    A TRP B 11 ? 0.0634 0.0459 0.0633 -0.0049 0.0043  0.0071  11   TRP B C    
507 C C    B TRP B 11 ? 0.0652 0.0481 0.0617 -0.0064 0.0041  0.0084  11   TRP B C    
508 O O    A TRP B 11 ? 0.1132 0.0306 0.0955 0.0052  -0.0361 -0.0195 11   TRP B O    
509 O O    B TRP B 11 ? 0.0563 0.0529 0.1571 -0.0173 -0.0436 0.0416  11   TRP B O    
510 C CB   A TRP B 11 ? 0.0587 0.0404 0.0534 -0.0133 0.0065  0.0052  11   TRP B CB   
511 C CB   B TRP B 11 ? 0.0685 0.0711 0.0661 0.0006  0.0000  0.0053  11   TRP B CB   
512 C CG   A TRP B 11 ? 0.0590 0.0393 0.0433 -0.0042 0.0032  0.0102  11   TRP B CG   
513 C CG   B TRP B 11 ? 0.0616 0.0785 0.0598 -0.0023 -0.0054 0.0155  11   TRP B CG   
514 C CD1  A TRP B 11 ? 0.0701 0.0456 0.0460 -0.0123 0.0006  0.0062  11   TRP B CD1  
515 C CD1  B TRP B 11 ? 0.1008 0.0762 0.0823 -0.0170 0.0154  0.0064  11   TRP B CD1  
516 C CD2  A TRP B 11 ? 0.0790 0.0554 0.0646 -0.0223 0.0105  -0.0016 11   TRP B CD2  
517 C CD2  B TRP B 11 ? 0.0771 0.0754 0.0809 -0.0093 0.0054  0.0024  11   TRP B CD2  
518 N NE1  A TRP B 11 ? 0.0729 0.0368 0.0686 -0.0095 0.0192  -0.0206 11   TRP B NE1  
519 N NE1  B TRP B 11 ? 0.0858 0.0943 0.1065 -0.0177 0.0228  -0.0139 11   TRP B NE1  
520 C CE2  A TRP B 11 ? 0.0825 0.0442 0.0730 -0.0130 0.0251  -0.0026 11   TRP B CE2  
521 C CE2  B TRP B 11 ? 0.0848 0.0772 0.0814 -0.0160 0.0082  0.0036  11   TRP B CE2  
522 C CE3  A TRP B 11 ? 0.0749 0.0597 0.0770 -0.0188 0.0138  -0.0046 11   TRP B CE3  
523 C CE3  B TRP B 11 ? 0.1011 0.0810 0.0791 -0.0126 0.0122  -0.0017 11   TRP B CE3  
524 C CZ2  A TRP B 11 ? 0.0912 0.0831 0.0786 -0.0261 0.0291  -0.0046 11   TRP B CZ2  
525 C CZ2  B TRP B 11 ? 0.1160 0.0827 0.0976 -0.0288 0.0300  -0.0072 11   TRP B CZ2  
526 C CZ3  A TRP B 11 ? 0.1072 0.0713 0.1079 -0.0374 0.0373  -0.0161 11   TRP B CZ3  
527 C CZ3  B TRP B 11 ? 0.1006 0.0858 0.1059 -0.0188 0.0289  -0.0140 11   TRP B CZ3  
528 C CH2  A TRP B 11 ? 0.1174 0.1019 0.0921 -0.0523 0.0530  -0.0029 11   TRP B CH2  
529 C CH2  B TRP B 11 ? 0.1245 0.0772 0.1069 -0.0177 0.0352  -0.0047 11   TRP B CH2  
530 H H    A TRP B 11 ? 0.0689 0.0689 0.0689 0.0000  0.0000  0.0000  11   TRP B H    
531 H H    B TRP B 11 ? 0.0690 0.0690 0.0690 0.0000  0.0000  0.0000  11   TRP B H    
532 H HA   A TRP B 11 ? 0.0660 0.0660 0.0660 0.0000  0.0000  0.0000  11   TRP B HA   
533 H HA   B TRP B 11 ? 0.0709 0.0709 0.0709 0.0000  0.0000  0.0000  11   TRP B HA   
534 H HB2  A TRP B 11 ? 0.0610 0.0610 0.0610 0.0000  0.0000  0.0000  11   TRP B HB2  
535 H HB2  B TRP B 11 ? 0.0823 0.0823 0.0823 0.0000  0.0000  0.0000  11   TRP B HB2  
536 H HB3  A TRP B 11 ? 0.0610 0.0610 0.0610 0.0000  0.0000  0.0000  11   TRP B HB3  
537 H HB3  B TRP B 11 ? 0.0823 0.0823 0.0823 0.0000  0.0000  0.0000  11   TRP B HB3  
538 H HD1  A TRP B 11 ? 0.0647 0.0647 0.0647 0.0000  0.0000  0.0000  11   TRP B HD1  
539 H HD1  B TRP B 11 ? 0.1037 0.1037 0.1037 0.0000  0.0000  0.0000  11   TRP B HD1  
540 H HE1  A TRP B 11 ? 0.0713 0.0713 0.0713 0.0000  0.0000  0.0000  11   TRP B HE1  
541 H HE1  B TRP B 11 ? 0.1147 0.1147 0.1147 0.0000  0.0000  0.0000  11   TRP B HE1  
542 H HE3  A TRP B 11 ? 0.0846 0.0846 0.0846 0.0000  0.0000  0.0000  11   TRP B HE3  
543 H HE3  B TRP B 11 ? 0.1045 0.1045 0.1045 0.0000  0.0000  0.0000  11   TRP B HE3  
544 H HZ2  A TRP B 11 ? 0.1012 0.1012 0.1012 0.0000  0.0000  0.0000  11   TRP B HZ2  
545 H HZ2  B TRP B 11 ? 0.1185 0.1185 0.1185 0.0000  0.0000  0.0000  11   TRP B HZ2  
546 H HZ3  A TRP B 11 ? 0.1145 0.1145 0.1145 0.0000  0.0000  0.0000  11   TRP B HZ3  
547 H HZ3  B TRP B 11 ? 0.1169 0.1169 0.1169 0.0000  0.0000  0.0000  11   TRP B HZ3  
548 H HH2  A TRP B 11 ? 0.1246 0.1246 0.1246 0.0000  0.0000  0.0000  11   TRP B HH2  
549 H HH2  B TRP B 11 ? 0.1235 0.1235 0.1235 0.0000  0.0000  0.0000  11   TRP B HH2  
550 N N    . DLE B 12 ? 0.0595 0.0414 0.0588 -0.0031 0.0035  0.0165  12   DLE B N    
551 C CA   . DLE B 12 ? 0.0656 0.0472 0.0621 -0.0033 -0.0011 0.0150  12   DLE B CA   
552 C CB   . DLE B 12 ? 0.0674 0.0703 0.0676 0.0022  -0.0050 0.0002  12   DLE B CB   
553 C CG   . DLE B 12 ? 0.1487 0.1040 0.0803 0.0358  -0.0373 -0.0105 12   DLE B CG   
554 C CD1  . DLE B 12 ? 0.1783 0.1292 0.1127 0.0555  -0.0781 -0.0419 12   DLE B CD1  
555 C CD2  . DLE B 12 ? 0.3950 0.1580 0.0797 -0.0429 -0.0263 0.0434  12   DLE B CD2  
556 C C    . DLE B 12 ? 0.0613 0.0531 0.0631 -0.0033 -0.0069 0.0174  12   DLE B C    
557 O O    . DLE B 12 ? 0.0675 0.0540 0.0637 -0.0085 0.0017  0.0216  12   DLE B O    
558 H H    . DLE B 12 ? 0.0638 0.0638 0.0638 0.0000  0.0000  0.0000  12   DLE B H    
559 H HA   . DLE B 12 ? 0.0700 0.0700 0.0700 0.0000  0.0000  0.0000  12   DLE B HA   
560 H HB2  . DLE B 12 ? 0.0821 0.0821 0.0821 0.0000  0.0000  0.0000  12   DLE B HB2  
561 H HB3  . DLE B 12 ? 0.0821 0.0821 0.0821 0.0000  0.0000  0.0000  12   DLE B HB3  
562 H HG   . DLE B 12 ? 0.1331 0.1331 0.1331 0.0000  0.0000  0.0000  12   DLE B HG   
563 H HD11 . DLE B 12 ? 0.2101 0.2101 0.2101 0.0000  0.0000  0.0000  12   DLE B HD11 
564 H HD12 . DLE B 12 ? 0.2101 0.2101 0.2101 0.0000  0.0000  0.0000  12   DLE B HD12 
565 H HD13 . DLE B 12 ? 0.2101 0.2101 0.2101 0.0000  0.0000  0.0000  12   DLE B HD13 
566 H HD21 . DLE B 12 ? 0.3164 0.3164 0.3164 0.0000  0.0000  0.0000  12   DLE B HD21 
567 H HD22 . DLE B 12 ? 0.3164 0.3164 0.3164 0.0000  0.0000  0.0000  12   DLE B HD22 
568 H HD23 . DLE B 12 ? 0.3164 0.3164 0.3164 0.0000  0.0000  0.0000  12   DLE B HD23 
569 N N    . TRP B 13 ? 0.0631 0.0420 0.0595 -0.0062 -0.0024 0.0185  13   TRP B N    
570 C CA   . TRP B 13 ? 0.0518 0.0644 0.0648 -0.0052 0.0014  0.0240  13   TRP B CA   
571 C C    . TRP B 13 ? 0.0491 0.0614 0.0637 0.0066  -0.0069 0.0159  13   TRP B C    
572 O O    . TRP B 13 ? 0.0835 0.0706 0.0661 0.0129  -0.0170 0.0233  13   TRP B O    
573 C CB   A TRP B 13 ? 0.0654 0.0772 0.0717 -0.0070 -0.0013 0.0062  13   TRP B CB   
574 C CB   B TRP B 13 ? 0.0671 0.0725 0.0768 -0.0038 -0.0060 0.0087  13   TRP B CB   
575 C CG   A TRP B 13 ? 0.0568 0.0930 0.0802 -0.0138 -0.0052 -0.0135 13   TRP B CG   
576 C CG   B TRP B 13 ? 0.0597 0.0831 0.0957 -0.0103 -0.0132 -0.0067 13   TRP B CG   
577 C CD1  A TRP B 13 ? 0.0750 0.0936 0.1326 -0.0063 0.0159  -0.0033 13   TRP B CD1  
578 C CD1  B TRP B 13 ? 0.0752 0.0863 0.1253 -0.0023 0.0170  -0.0091 13   TRP B CD1  
579 C CD2  A TRP B 13 ? 0.0668 0.0830 0.0743 -0.0126 0.0142  -0.0317 13   TRP B CD2  
580 C CD2  B TRP B 13 ? 0.0558 0.0604 0.1269 -0.0207 -0.0283 -0.0193 13   TRP B CD2  
581 N NE1  A TRP B 13 ? 0.0697 0.1086 0.1709 -0.0001 0.0248  -0.0003 13   TRP B NE1  
582 N NE1  B TRP B 13 ? 0.0764 0.1138 0.1675 0.0041  0.0221  -0.0065 13   TRP B NE1  
583 C CE2  A TRP B 13 ? 0.0780 0.0763 0.1253 -0.0140 0.0345  -0.0321 13   TRP B CE2  
584 C CE2  B TRP B 13 ? 0.0559 0.0889 0.1770 -0.0111 -0.0127 -0.0149 13   TRP B CE2  
585 C CE3  A TRP B 13 ? 0.0690 0.1006 0.1155 -0.0033 0.0167  -0.0010 13   TRP B CE3  
586 C CE3  B TRP B 13 ? 0.0894 0.0951 0.1662 -0.0059 -0.0326 0.0245  13   TRP B CE3  
587 C CZ2  A TRP B 13 ? 0.1050 0.0843 0.1940 -0.0101 0.0865  -0.0276 13   TRP B CZ2  
588 C CZ2  B TRP B 13 ? 0.0628 0.1151 0.2243 0.0005  -0.0281 -0.0171 13   TRP B CZ2  
589 C CZ3  A TRP B 13 ? 0.1254 0.1166 0.1556 0.0148  0.0575  0.0229  13   TRP B CZ3  
590 C CZ3  B TRP B 13 ? 0.1080 0.1097 0.2180 0.0073  -0.0394 0.0292  13   TRP B CZ3  
591 C CH2  A TRP B 13 ? 0.1209 0.1299 0.1755 -0.0038 0.0724  0.0189  13   TRP B CH2  
592 C CH2  B TRP B 13 ? 0.1052 0.1178 0.2313 0.0230  -0.0444 -0.0045 13   TRP B CH2  
593 H H    . TRP B 13 ? 0.0659 0.0659 0.0659 0.0000  0.0000  0.0000  13   TRP B H    
594 H HA   . TRP B 13 ? 0.0724 0.0724 0.0724 0.0000  0.0000  0.0000  13   TRP B HA   
595 H HB2  A TRP B 13 ? 0.0857 0.0857 0.0857 0.0000  0.0000  0.0000  13   TRP B HB2  
596 H HB2  B TRP B 13 ? 0.0865 0.0865 0.0865 0.0000  0.0000  0.0000  13   TRP B HB2  
597 H HB3  A TRP B 13 ? 0.0857 0.0857 0.0857 0.0000  0.0000  0.0000  13   TRP B HB3  
598 H HB3  B TRP B 13 ? 0.0865 0.0865 0.0865 0.0000  0.0000  0.0000  13   TRP B HB3  
599 H HD1  A TRP B 13 ? 0.1204 0.1204 0.1204 0.0000  0.0000  0.0000  13   TRP B HD1  
600 H HD1  B TRP B 13 ? 0.1147 0.1147 0.1147 0.0000  0.0000  0.0000  13   TRP B HD1  
601 H HE1  A TRP B 13 ? 0.1397 0.1397 0.1397 0.0000  0.0000  0.0000  13   TRP B HE1  
602 H HE1  B TRP B 13 ? 0.1431 0.1431 0.1431 0.0000  0.0000  0.0000  13   TRP B HE1  
603 H HE3  A TRP B 13 ? 0.1140 0.1140 0.1140 0.0000  0.0000  0.0000  13   TRP B HE3  
604 H HE3  B TRP B 13 ? 0.1403 0.1403 0.1403 0.0000  0.0000  0.0000  13   TRP B HE3  
605 H HZ2  A TRP B 13 ? 0.1532 0.1532 0.1532 0.0000  0.0000  0.0000  13   TRP B HZ2  
606 H HZ2  B TRP B 13 ? 0.1608 0.1608 0.1608 0.0000  0.0000  0.0000  13   TRP B HZ2  
607 H HZ3  A TRP B 13 ? 0.1591 0.1591 0.1591 0.0000  0.0000  0.0000  13   TRP B HZ3  
608 H HZ3  B TRP B 13 ? 0.1743 0.1743 0.1743 0.0000  0.0000  0.0000  13   TRP B HZ3  
609 H HH2  A TRP B 13 ? 0.1705 0.1705 0.1705 0.0000  0.0000  0.0000  13   TRP B HH2  
610 H HH2  B TRP B 13 ? 0.1817 0.1817 0.1817 0.0000  0.0000  0.0000  13   TRP B HH2  
611 N N    . DLE B 14 ? 0.0596 0.0524 0.0695 0.0118  -0.0127 0.0252  14   DLE B N    
612 C CA   . DLE B 14 ? 0.0654 0.0548 0.0713 0.0081  -0.0091 0.0212  14   DLE B CA   
613 C CB   . DLE B 14 ? 0.0779 0.0456 0.0867 0.0089  0.0002  0.0180  14   DLE B CB   
614 C CG   . DLE B 14 ? 0.0813 0.0559 0.1392 0.0065  0.0289  0.0132  14   DLE B CG   
615 C CD1  . DLE B 14 ? 0.0599 0.0972 0.1823 0.0162  -0.0033 0.0143  14   DLE B CD1  
616 C CD2  . DLE B 14 ? 0.1117 0.1117 0.1705 0.0164  0.0596  0.0127  14   DLE B CD2  
617 C C    . DLE B 14 ? 0.0811 0.0549 0.0624 -0.0004 -0.0089 0.0253  14   DLE B C    
618 O O    . DLE B 14 ? 0.0772 0.0563 0.0905 0.0001  -0.0167 0.0352  14   DLE B O    
619 H H    . DLE B 14 ? 0.0726 0.0726 0.0726 0.0000  0.0000  0.0000  14   DLE B H    
620 H HA   . DLE B 14 ? 0.0766 0.0766 0.0766 0.0000  0.0000  0.0000  14   DLE B HA   
621 H HB2  . DLE B 14 ? 0.0840 0.0840 0.0840 0.0000  0.0000  0.0000  14   DLE B HB2  
622 H HB3  . DLE B 14 ? 0.0840 0.0840 0.0840 0.0000  0.0000  0.0000  14   DLE B HB3  
623 H HG   . DLE B 14 ? 0.1106 0.1106 0.1106 0.0000  0.0000  0.0000  14   DLE B HG   
624 H HD11 . DLE B 14 ? 0.1697 0.1697 0.1697 0.0000  0.0000  0.0000  14   DLE B HD11 
625 H HD12 . DLE B 14 ? 0.1697 0.1697 0.1697 0.0000  0.0000  0.0000  14   DLE B HD12 
626 H HD13 . DLE B 14 ? 0.1697 0.1697 0.1697 0.0000  0.0000  0.0000  14   DLE B HD13 
627 H HD21 . DLE B 14 ? 0.1969 0.1969 0.1969 0.0000  0.0000  0.0000  14   DLE B HD21 
628 H HD22 . DLE B 14 ? 0.1969 0.1969 0.1969 0.0000  0.0000  0.0000  14   DLE B HD22 
629 H HD23 . DLE B 14 ? 0.1969 0.1969 0.1969 0.0000  0.0000  0.0000  14   DLE B HD23 
630 N N    . TRP B 15 ? 0.0625 0.0514 0.0707 0.0001  -0.0064 0.0291  15   TRP B N    
631 C CA   . TRP B 15 ? 0.0625 0.0513 0.0773 0.0021  -0.0141 0.0211  15   TRP B CA   
632 C C    . TRP B 15 ? 0.0654 0.0481 0.0896 -0.0030 -0.0166 0.0285  15   TRP B C    
633 O O    . TRP B 15 ? 0.0853 0.0512 0.1080 0.0049  -0.0063 0.0341  15   TRP B O    
634 C CB   . TRP B 15 ? 0.1104 0.0469 0.0925 0.0086  -0.0215 0.0163  15   TRP B CB   
635 C CG   . TRP B 15 ? 0.1442 0.0434 0.1252 -0.0179 -0.0632 0.0051  15   TRP B CG   
636 C CD1  . TRP B 15 ? 0.1884 0.0510 0.1703 -0.0503 -0.0935 0.0196  15   TRP B CD1  
637 C CD2  . TRP B 15 ? 0.1357 0.0382 0.1367 -0.0119 -0.0614 -0.0050 15   TRP B CD2  
638 N NE1  . TRP B 15 ? 0.1997 0.0878 0.2146 -0.0795 -0.1190 0.0425  15   TRP B NE1  
639 C CE2  . TRP B 15 ? 0.1780 0.0959 0.1898 -0.0618 -0.1097 0.0385  15   TRP B CE2  
640 C CE3  . TRP B 15 ? 0.1266 0.0423 0.1261 0.0042  -0.0380 -0.0050 15   TRP B CE3  
641 C CZ2  . TRP B 15 ? 0.1855 0.0896 0.2106 -0.0575 -0.1231 0.0171  15   TRP B CZ2  
642 C CZ3  . TRP B 15 ? 0.1501 0.0561 0.1579 -0.0021 -0.0605 0.0038  15   TRP B CZ3  
643 C CH2  . TRP B 15 ? 0.1867 0.0827 0.1808 -0.0321 -0.1167 0.0047  15   TRP B CH2  
644 H H    . TRP B 15 ? 0.0738 0.0738 0.0738 0.0000  0.0000  0.0000  15   TRP B H    
645 H HA   . TRP B 15 ? 0.0764 0.0764 0.0764 0.0000  0.0000  0.0000  15   TRP B HA   
646 H HB2  . TRP B 15 ? 0.0999 0.0999 0.0999 0.0000  0.0000  0.0000  15   TRP B HB2  
647 H HB3  . TRP B 15 ? 0.0999 0.0999 0.0999 0.0000  0.0000  0.0000  15   TRP B HB3  
648 H HD1  . TRP B 15 ? 0.1639 0.1639 0.1639 0.0000  0.0000  0.0000  15   TRP B HD1  
649 H HE1  . TRP B 15 ? 0.2009 0.2009 0.2009 0.0000  0.0000  0.0000  15   TRP B HE1  
650 H HE3  . TRP B 15 ? 0.1180 0.1180 0.1180 0.0000  0.0000  0.0000  15   TRP B HE3  
651 H HZ2  . TRP B 15 ? 0.1943 0.1943 0.1943 0.0000  0.0000  0.0000  15   TRP B HZ2  
652 H HZ3  . TRP B 15 ? 0.1456 0.1456 0.1456 0.0000  0.0000  0.0000  15   TRP B HZ3  
653 H HH2  . TRP B 15 ? 0.1801 0.1801 0.1801 0.0000  0.0000  0.0000  15   TRP B HH2  
654 C CA   . ETA B 16 ? 0.1151 0.0845 0.1044 0.0041  -0.0012 0.0488  16   ETA B CA   
655 N N    . ETA B 16 ? 0.0822 0.0695 0.1087 0.0150  0.0088  0.0434  16   ETA B N    
656 C C    . ETA B 16 ? 0.1442 0.0634 0.1279 -0.0093 0.0076  0.0197  16   ETA B C    
657 O O    . ETA B 16 ? 0.2282 0.0818 0.1694 0.0189  0.0680  0.0555  16   ETA B O    
658 H HA1  . ETA B 16 ? 0.1216 0.1216 0.1216 0.0000  0.0000  0.0000  16   ETA B HA1  
659 H HA2  . ETA B 16 ? 0.1216 0.1216 0.1216 0.0000  0.0000  0.0000  16   ETA B HA2  
660 H H    . ETA B 16 ? 0.1041 0.1041 0.1041 0.0000  0.0000  0.0000  16   ETA B H    
661 H HB1  . ETA B 16 ? 0.1343 0.1343 0.1343 0.0000  0.0000  0.0000  16   ETA B HB1  
662 H HB2  . ETA B 16 ? 0.1343 0.1343 0.1343 0.0000  0.0000  0.0000  16   ETA B HB2  
663 H HO   . ETA B 16 ? 0.2396 0.2396 0.2396 0.0000  0.0000  0.0000  16   ETA B HO   
664 C C1   . EOH C .  ? 0.1548 0.3521 0.1797 0.0014  0.0257  0.0717  501  EOH A C1   
665 C C2   . EOH C .  ? 0.1730 0.4160 0.2859 0.1198  0.0058  0.0003  501  EOH A C2   
666 O O    . EOH C .  ? 0.1281 0.2731 0.1791 0.0278  -0.0464 0.0704  501  EOH A O    
667 H H11  . EOH C .  ? 0.2747 0.2747 0.2747 0.0000  0.0000  0.0000  501  EOH A H11  
668 H H12  . EOH C .  ? 0.2747 0.2747 0.2747 0.0000  0.0000  0.0000  501  EOH A H12  
669 H H21  . EOH C .  ? 0.4375 0.4375 0.4375 0.0000  0.0000  0.0000  501  EOH A H21  
670 H H22  . EOH C .  ? 0.4375 0.4375 0.4375 0.0000  0.0000  0.0000  501  EOH A H22  
671 H HO   . EOH C .  ? 0.2902 0.2902 0.2902 0.0000  0.0000  0.0000  501  EOH A HO   
672 C C1   A EOH D .  ? 0.1493 0.1362 0.1519 0.0106  -0.0007 0.0200  504  EOH A C1   
673 C C1   B EOH D .  ? 0.2155 0.1688 0.2349 0.0033  -0.0042 0.0133  504  EOH A C1   
674 C C2   A EOH D .  ? 0.1791 0.2138 0.1686 -0.0459 -0.0515 0.0066  504  EOH A C2   
675 C C2   B EOH D .  ? 0.1645 0.1318 0.2124 0.0458  -0.0177 -0.0279 504  EOH A C2   
676 O O    A EOH D .  ? 0.1636 0.1639 0.1200 -0.0940 0.0052  0.0297  504  EOH A O    
677 O O    B EOH D .  ? 0.1857 0.1786 0.2863 -0.0254 -0.0472 0.0148  504  EOH A O    
678 H H11  A EOH D .  ? 0.1749 0.1749 0.1749 0.0000  0.0000  0.0000  504  EOH A H11  
679 H H11  B EOH D .  ? 0.2477 0.2477 0.2477 0.0000  0.0000  0.0000  504  EOH A H11  
680 H H12  A EOH D .  ? 0.1749 0.1749 0.1749 0.0000  0.0000  0.0000  504  EOH A H12  
681 H H12  B EOH D .  ? 0.2477 0.2477 0.2477 0.0000  0.0000  0.0000  504  EOH A H12  
682 H H21  A EOH D .  ? 0.2807 0.2807 0.2807 0.0000  0.0000  0.0000  504  EOH A H21  
683 H H21  B EOH D .  ? 0.2543 0.2543 0.2543 0.0000  0.0000  0.0000  504  EOH A H21  
684 H H22  A EOH D .  ? 0.2807 0.2807 0.2807 0.0000  0.0000  0.0000  504  EOH A H22  
685 H H22  B EOH D .  ? 0.2543 0.2543 0.2543 0.0000  0.0000  0.0000  504  EOH A H22  
686 H H23  A EOH D .  ? 0.2807 0.2807 0.2807 0.0000  0.0000  0.0000  504  EOH A H23  
687 H H23  B EOH D .  ? 0.2543 0.2543 0.2543 0.0000  0.0000  0.0000  504  EOH A H23  
688 H HO   A EOH D .  ? 0.2237 0.2237 0.2237 0.0000  0.0000  0.0000  504  EOH A HO   
689 H HO   B EOH D .  ? 0.3254 0.3254 0.3254 0.0000  0.0000  0.0000  504  EOH A HO   
690 C C1   A EOH E .  ? 0.0892 0.1086 0.0745 0.0472  -0.0124 0.0045  505  EOH A C1   
691 C C1   B EOH E .  ? 0.1300 0.1192 0.1399 0.0338  0.0154  -0.0048 505  EOH A C1   
692 C C2   A EOH E .  ? 0.0917 0.1073 0.1135 0.0505  -0.0272 0.0203  505  EOH A C2   
693 C C2   B EOH E .  ? 0.1367 0.1797 0.1903 0.0189  0.0311  0.0077  505  EOH A C2   
694 O O    A EOH E .  ? 0.1004 0.1410 0.1368 0.0772  0.0075  0.0149  505  EOH A O    
695 O O    B EOH E .  ? 0.1184 0.0794 0.0921 0.0194  -0.0086 0.0084  505  EOH A O    
696 H H11  A EOH E .  ? 0.1089 0.1089 0.1089 0.0000  0.0000  0.0000  505  EOH A H11  
697 H H11  B EOH E .  ? 0.1557 0.1557 0.1557 0.0000  0.0000  0.0000  505  EOH A H11  
698 H H12  A EOH E .  ? 0.1089 0.1089 0.1089 0.0000  0.0000  0.0000  505  EOH A H12  
699 H H12  B EOH E .  ? 0.1557 0.1557 0.1557 0.0000  0.0000  0.0000  505  EOH A H12  
700 H H21  A EOH E .  ? 0.1563 0.1563 0.1563 0.0000  0.0000  0.0000  505  EOH A H21  
701 H H21  B EOH E .  ? 0.2533 0.2533 0.2533 0.0000  0.0000  0.0000  505  EOH A H21  
702 H H22  A EOH E .  ? 0.1563 0.1563 0.1563 0.0000  0.0000  0.0000  505  EOH A H22  
703 H H22  B EOH E .  ? 0.2533 0.2533 0.2533 0.0000  0.0000  0.0000  505  EOH A H22  
704 H H23  A EOH E .  ? 0.1563 0.1563 0.1563 0.0000  0.0000  0.0000  505  EOH A H23  
705 H H23  B EOH E .  ? 0.2533 0.2533 0.2533 0.0000  0.0000  0.0000  505  EOH A H23  
706 H HO   A EOH E .  ? 0.1891 0.1891 0.1891 0.0000  0.0000  0.0000  505  EOH A HO   
707 H HO   B EOH E .  ? 0.1450 0.1450 0.1450 0.0000  0.0000  0.0000  505  EOH A HO   
708 C C1   A EOH F .  ? 0.1037 0.1417 0.1240 0.0014  0.0018  -0.0091 507  EOH A C1   
709 C C1   B EOH F .  ? 0.1370 0.1639 0.1008 0.0177  0.0214  0.0077  507  EOH A C1   
710 C C2   A EOH F .  ? 0.1101 0.0954 0.1357 0.0095  0.0061  0.0083  507  EOH A C2   
711 C C2   B EOH F .  ? 0.1724 0.2211 0.2594 -0.0167 -0.0255 -0.0233 507  EOH A C2   
712 O O    A EOH F .  ? 0.0808 0.0878 0.1439 0.0190  -0.0216 0.0322  507  EOH A O    
713 O O    B EOH F .  ? 0.1209 0.1306 0.1021 0.0375  0.0373  0.0038  507  EOH A O    
714 H H11  A EOH F .  ? 0.1478 0.1478 0.1478 0.0000  0.0000  0.0000  507  EOH A H11  
715 H H11  B EOH F .  ? 0.1607 0.1607 0.1607 0.0000  0.0000  0.0000  507  EOH A H11  
716 H H12  A EOH F .  ? 0.1478 0.1478 0.1478 0.0000  0.0000  0.0000  507  EOH A H12  
717 H H12  B EOH F .  ? 0.1607 0.1607 0.1607 0.0000  0.0000  0.0000  507  EOH A H12  
718 H H21  A EOH F .  ? 0.1706 0.1706 0.1706 0.0000  0.0000  0.0000  507  EOH A H21  
719 H H21  B EOH F .  ? 0.3264 0.3264 0.3264 0.0000  0.0000  0.0000  507  EOH A H21  
720 H H22  A EOH F .  ? 0.1706 0.1706 0.1706 0.0000  0.0000  0.0000  507  EOH A H22  
721 H H22  B EOH F .  ? 0.3264 0.3264 0.3264 0.0000  0.0000  0.0000  507  EOH A H22  
722 H H23  A EOH F .  ? 0.1706 0.1706 0.1706 0.0000  0.0000  0.0000  507  EOH A H23  
723 H H23  B EOH F .  ? 0.3264 0.3264 0.3264 0.0000  0.0000  0.0000  507  EOH A H23  
724 H HO   A EOH F .  ? 0.1562 0.1562 0.1562 0.0000  0.0000  0.0000  507  EOH A HO   
725 H HO   B EOH F .  ? 0.1768 0.1768 0.1768 0.0000  0.0000  0.0000  507  EOH A HO   
726 C C1   A EOH G .  ? 0.1378 0.0723 0.0861 0.0079  -0.0398 -0.0148 509  EOH A C1   
727 C C1   B EOH G .  ? 0.1325 0.0714 0.1125 0.0301  -0.0279 0.0022  509  EOH A C1   
728 C C2   A EOH G .  ? 0.1478 0.0717 0.1231 -0.0166 -0.0674 0.0059  509  EOH A C2   
729 C C2   B EOH G .  ? 0.1861 0.2556 0.1079 -0.0158 -0.0337 -0.0015 509  EOH A C2   
730 O O    A EOH G .  ? 0.0509 0.0305 0.0598 0.0168  0.0243  -0.0176 509  EOH A O    
731 O O    B EOH G .  ? 0.0766 0.1120 0.0712 -0.0057 0.0268  0.0340  509  EOH A O    
732 H H11  A EOH G .  ? 0.1185 0.1185 0.1185 0.0000  0.0000  0.0000  509  EOH A H11  
733 H H11  B EOH G .  ? 0.1265 0.1265 0.1265 0.0000  0.0000  0.0000  509  EOH A H11  
734 H H12  A EOH G .  ? 0.1185 0.1185 0.1185 0.0000  0.0000  0.0000  509  EOH A H12  
735 H H12  B EOH G .  ? 0.1265 0.1265 0.1265 0.0000  0.0000  0.0000  509  EOH A H12  
736 H H21  A EOH G .  ? 0.1714 0.1714 0.1714 0.0000  0.0000  0.0000  509  EOH A H21  
737 H H21  B EOH G .  ? 0.2748 0.2748 0.2748 0.0000  0.0000  0.0000  509  EOH A H21  
738 H H22  A EOH G .  ? 0.1714 0.1714 0.1714 0.0000  0.0000  0.0000  509  EOH A H22  
739 H H22  B EOH G .  ? 0.2748 0.2748 0.2748 0.0000  0.0000  0.0000  509  EOH A H22  
740 H H23  A EOH G .  ? 0.1714 0.1714 0.1714 0.0000  0.0000  0.0000  509  EOH A H23  
741 H H23  B EOH G .  ? 0.2748 0.2748 0.2748 0.0000  0.0000  0.0000  509  EOH A H23  
742 H HO   A EOH G .  ? 0.0705 0.0705 0.0705 0.0000  0.0000  0.0000  509  EOH A HO   
743 H HO   B EOH G .  ? 0.1299 0.1299 0.1299 0.0000  0.0000  0.0000  509  EOH A HO   
744 C C1   A EOH H .  ? 0.1182 0.2402 0.1205 0.0307  0.0433  0.0041  510  EOH A C1   
745 C C1   B EOH H .  ? 0.1550 0.1691 0.1374 0.0183  0.0154  0.0186  510  EOH A C1   
746 C C2   A EOH H .  ? 0.0799 0.1963 0.1283 0.0712  0.0283  0.0488  510  EOH A C2   
747 C C2   B EOH H .  ? 0.1483 0.2199 0.1380 -0.0376 0.0300  -0.0091 510  EOH A C2   
748 O O    A EOH H .  ? 0.1205 0.2083 0.1264 -0.0129 0.0309  -0.0295 510  EOH A O    
749 O O    B EOH H .  ? 0.1365 0.1606 0.2327 -0.0026 0.0151  0.0172  510  EOH A O    
750 H H11  A EOH H .  ? 0.1916 0.1916 0.1916 0.0000  0.0000  0.0000  510  EOH A H11  
751 H H11  B EOH H .  ? 0.1845 0.1845 0.1845 0.0000  0.0000  0.0000  510  EOH A H11  
752 H H12  A EOH H .  ? 0.1916 0.1916 0.1916 0.0000  0.0000  0.0000  510  EOH A H12  
753 H H12  B EOH H .  ? 0.1845 0.1845 0.1845 0.0000  0.0000  0.0000  510  EOH A H12  
754 H H21  A EOH H .  ? 0.2023 0.2023 0.2023 0.0000  0.0000  0.0000  510  EOH A H21  
755 H H21  B EOH H .  ? 0.2532 0.2532 0.2532 0.0000  0.0000  0.0000  510  EOH A H21  
756 H H22  A EOH H .  ? 0.2023 0.2023 0.2023 0.0000  0.0000  0.0000  510  EOH A H22  
757 H H22  B EOH H .  ? 0.2532 0.2532 0.2532 0.0000  0.0000  0.0000  510  EOH A H22  
758 H H23  A EOH H .  ? 0.2023 0.2023 0.2023 0.0000  0.0000  0.0000  510  EOH A H23  
759 H H23  B EOH H .  ? 0.2532 0.2532 0.2532 0.0000  0.0000  0.0000  510  EOH A H23  
760 H HO   A EOH H .  ? 0.2276 0.2276 0.2276 0.0000  0.0000  0.0000  510  EOH A HO   
761 H HO   B EOH H .  ? 0.2650 0.2650 0.2650 0.0000  0.0000  0.0000  510  EOH A HO   
762 C C1   . EOH I .  ? 0.1939 0.3336 0.1975 0.0762  0.0313  0.0306  511  EOH A C1   
763 C C2   . EOH I .  ? 0.2311 0.4057 0.3275 0.0537  -0.0114 -0.0553 511  EOH A C2   
764 O O    . EOH I .  ? 0.2411 0.3320 0.2142 0.0384  0.0299  0.0755  511  EOH A O    
765 H H11  . EOH I .  ? 0.2900 0.2900 0.2900 0.0000  0.0000  0.0000  511  EOH A H11  
766 H H12  . EOH I .  ? 0.2900 0.2900 0.2900 0.0000  0.0000  0.0000  511  EOH A H12  
767 H H21  . EOH I .  ? 0.4822 0.4822 0.4822 0.0000  0.0000  0.0000  511  EOH A H21  
768 H H22  . EOH I .  ? 0.4822 0.4822 0.4822 0.0000  0.0000  0.0000  511  EOH A H22  
769 H H23  . EOH I .  ? 0.4822 0.4822 0.4822 0.0000  0.0000  0.0000  511  EOH A H23  
770 H HO   . EOH I .  ? 0.3936 0.3936 0.3936 0.0000  0.0000  0.0000  511  EOH A HO   
771 C C1   . EOH J .  ? 0.4361 0.4440 0.4228 0.0503  0.0113  -0.0422 512  EOH A C1   
772 C C2   . EOH J .  ? 0.2583 0.4919 0.4282 0.0199  -0.0645 -0.0931 512  EOH A C2   
773 O O    . EOH J .  ? 0.4602 0.3591 0.3447 0.1016  -0.0458 -0.0238 512  EOH A O    
774 H H11  . EOH J .  ? 0.5212 0.5212 0.5212 0.0000  0.0000  0.0000  512  EOH A H11  
775 H H12  . EOH J .  ? 0.5212 0.5212 0.5212 0.0000  0.0000  0.0000  512  EOH A H12  
776 H H21  . EOH J .  ? 0.5892 0.5892 0.5892 0.0000  0.0000  0.0000  512  EOH A H21  
777 H H22  . EOH J .  ? 0.5892 0.5892 0.5892 0.0000  0.0000  0.0000  512  EOH A H22  
778 H H23  . EOH J .  ? 0.5892 0.5892 0.5892 0.0000  0.0000  0.0000  512  EOH A H23  
779 H HO   . EOH J .  ? 0.5820 0.5820 0.5820 0.0000  0.0000  0.0000  512  EOH A HO   
780 C C1   B EOH K .  ? 0.1301 0.1823 0.1549 0.0373  -0.0398 0.0266  513  EOH A C1   
781 C C2   B EOH K .  ? 0.1598 0.1873 0.2843 -0.0640 -0.0511 0.0158  513  EOH A C2   
782 O O    B EOH K .  ? 0.0610 0.1609 0.0960 0.0177  0.0168  0.0772  513  EOH A O    
783 H H11  B EOH K .  ? 0.1869 0.1869 0.1869 0.0000  0.0000  0.0000  513  EOH A H11  
784 H H12  B EOH K .  ? 0.1869 0.1869 0.1869 0.0000  0.0000  0.0000  513  EOH A H12  
785 H H21  B EOH K .  ? 0.3157 0.3157 0.3157 0.0000  0.0000  0.0000  513  EOH A H21  
786 H H22  B EOH K .  ? 0.3157 0.3157 0.3157 0.0000  0.0000  0.0000  513  EOH A H22  
787 H H23  B EOH K .  ? 0.3157 0.3157 0.3157 0.0000  0.0000  0.0000  513  EOH A H23  
788 H HO   B EOH K .  ? 0.1588 0.1588 0.1588 0.0000  0.0000  0.0000  513  EOH A HO   
789 C C1   A EOH L .  ? 0.1802 0.1882 0.2714 0.0117  0.0029  0.0043  514  EOH A C1   
790 C C1   B EOH L .  ? 0.1913 0.1602 0.2080 0.0008  0.0579  -0.0075 514  EOH A C1   
791 C C2   A EOH L .  ? 0.2434 0.2694 0.2485 0.0281  -0.0036 0.0078  514  EOH A C2   
792 C C2   B EOH L .  ? 0.2945 0.2575 0.2949 0.0902  0.0557  0.0278  514  EOH A C2   
793 O O    A EOH L .  ? 0.1952 0.1850 0.3031 0.0235  0.0304  -0.0398 514  EOH A O    
794 O O    B EOH L .  ? 0.2414 0.4500 0.1767 -0.0943 0.0730  -0.0491 514  EOH A O    
795 H H11  A EOH L .  ? 0.2560 0.2560 0.2560 0.0000  0.0000  0.0000  514  EOH A H11  
796 H H11  B EOH L .  ? 0.2238 0.2238 0.2238 0.0000  0.0000  0.0000  514  EOH A H11  
797 H H12  A EOH L .  ? 0.2560 0.2560 0.2560 0.0000  0.0000  0.0000  514  EOH A H12  
798 H H12  B EOH L .  ? 0.2238 0.2238 0.2238 0.0000  0.0000  0.0000  514  EOH A H12  
799 H H21  A EOH L .  ? 0.3806 0.3806 0.3806 0.0000  0.0000  0.0000  514  EOH A H21  
800 H H21  B EOH L .  ? 0.4234 0.4234 0.4234 0.0000  0.0000  0.0000  514  EOH A H21  
801 H H22  A EOH L .  ? 0.3806 0.3806 0.3806 0.0000  0.0000  0.0000  514  EOH A H22  
802 H H22  B EOH L .  ? 0.4234 0.4234 0.4234 0.0000  0.0000  0.0000  514  EOH A H22  
803 H H23  A EOH L .  ? 0.3806 0.3806 0.3806 0.0000  0.0000  0.0000  514  EOH A H23  
804 H H23  B EOH L .  ? 0.4234 0.4234 0.4234 0.0000  0.0000  0.0000  514  EOH A H23  
805 H HO   A EOH L .  ? 0.3417 0.3417 0.3417 0.0000  0.0000  0.0000  514  EOH A HO   
806 H HO   B EOH L .  ? 0.4340 0.4340 0.4340 0.0000  0.0000  0.0000  514  EOH A HO   
807 C C1   . EOH M .  ? 0.1269 0.1695 0.1246 0.0223  -0.0146 0.0147  502  EOH B C1   
808 C C2   . EOH M .  ? 0.2212 0.1170 0.1239 0.0146  -0.0190 -0.0126 502  EOH B C2   
809 O O    . EOH M .  ? 0.0946 0.1443 0.1455 -0.0058 -0.0219 -0.0133 502  EOH B O    
810 H H11  . EOH M .  ? 0.1684 0.1684 0.1684 0.0000  0.0000  0.0000  502  EOH B H11  
811 H H12  . EOH M .  ? 0.1684 0.1684 0.1684 0.0000  0.0000  0.0000  502  EOH B H12  
812 H H21  . EOH M .  ? 0.2310 0.2310 0.2310 0.0000  0.0000  0.0000  502  EOH B H21  
813 H H22  . EOH M .  ? 0.2310 0.2310 0.2310 0.0000  0.0000  0.0000  502  EOH B H22  
814 H H23  . EOH M .  ? 0.2310 0.2310 0.2310 0.0000  0.0000  0.0000  502  EOH B H23  
815 H HO   . EOH M .  ? 0.1921 0.1921 0.1921 0.0000  0.0000  0.0000  502  EOH B HO   
816 C C1   . EOH N .  ? 0.2162 0.1412 0.1281 -0.0201 0.0280  0.0200  503  EOH B C1   
817 C C2   . EOH N .  ? 0.2333 0.1278 0.1909 -0.0029 -0.0239 0.0135  503  EOH B C2   
818 O O    . EOH N .  ? 0.3141 0.1881 0.1639 0.0220  0.0768  0.0376  503  EOH B O    
819 H H11  . EOH N .  ? 0.1942 0.1942 0.1942 0.0000  0.0000  0.0000  503  EOH B H11  
820 H H12  . EOH N .  ? 0.1942 0.1942 0.1942 0.0000  0.0000  0.0000  503  EOH B H12  
821 H H21  . EOH N .  ? 0.2760 0.2760 0.2760 0.0000  0.0000  0.0000  503  EOH B H21  
822 H H22  . EOH N .  ? 0.2760 0.2760 0.2760 0.0000  0.0000  0.0000  503  EOH B H22  
823 H H23  . EOH N .  ? 0.2760 0.2760 0.2760 0.0000  0.0000  0.0000  503  EOH B H23  
824 H HO   . EOH N .  ? 0.3331 0.3331 0.3331 0.0000  0.0000  0.0000  503  EOH B HO   
825 C C1   . EOH O .  ? 0.3483 0.3613 0.2735 0.0402  -0.1105 0.0045  506  EOH B C1   
826 C C2   . EOH O .  ? 0.3671 0.4381 0.2787 0.0034  -0.0843 -0.0195 506  EOH B C2   
827 O O    . EOH O .  ? 0.2495 0.2602 0.2838 0.0433  -0.1114 -0.0448 506  EOH B O    
828 H H11  . EOH O .  ? 0.3933 0.3933 0.3933 0.0000  0.0000  0.0000  506  EOH B H11  
829 H H12  . EOH O .  ? 0.3933 0.3933 0.3933 0.0000  0.0000  0.0000  506  EOH B H12  
830 H H21  . EOH O .  ? 0.5419 0.5419 0.5419 0.0000  0.0000  0.0000  506  EOH B H21  
831 H H22  . EOH O .  ? 0.5419 0.5419 0.5419 0.0000  0.0000  0.0000  506  EOH B H22  
832 H H23  . EOH O .  ? 0.5419 0.5419 0.5419 0.0000  0.0000  0.0000  506  EOH B H23  
833 H HO   . EOH O .  ? 0.3968 0.3968 0.3968 0.0000  0.0000  0.0000  506  EOH B HO   
834 C C1   A EOH P .  ? 0.1341 0.0748 0.1712 -0.0175 0.0248  -0.0146 508  EOH B C1   
835 C C1   B EOH P .  ? 0.1708 0.1570 0.1749 0.0085  -0.0111 -0.0220 508  EOH B C1   
836 C C2   A EOH P .  ? 0.0970 0.0869 0.1357 0.0070  -0.0113 0.0081  508  EOH B C2   
837 C C2   B EOH P .  ? 0.1880 0.1550 0.1253 -0.0068 -0.0083 0.0137  508  EOH B C2   
838 O O    A EOH P .  ? 0.1542 0.1156 0.1685 -0.0588 0.0138  -0.0040 508  EOH B O    
839 O O    B EOH P .  ? 0.2102 0.1423 0.1668 -0.0038 -0.0393 -0.0113 508  EOH B O    
840 H H11  A EOH P .  ? 0.1521 0.1521 0.1521 0.0000  0.0000  0.0000  508  EOH B H11  
841 H H11  B EOH P .  ? 0.2010 0.2010 0.2010 0.0000  0.0000  0.0000  508  EOH B H11  
842 H H12  A EOH P .  ? 0.1521 0.1521 0.1521 0.0000  0.0000  0.0000  508  EOH B H12  
843 H H12  B EOH P .  ? 0.2010 0.2010 0.2010 0.0000  0.0000  0.0000  508  EOH B H12  
844 H H21  A EOH P .  ? 0.1598 0.1598 0.1598 0.0000  0.0000  0.0000  508  EOH B H21  
845 H H21  B EOH P .  ? 0.2342 0.2342 0.2342 0.0000  0.0000  0.0000  508  EOH B H21  
846 H H22  A EOH P .  ? 0.1598 0.1598 0.1598 0.0000  0.0000  0.0000  508  EOH B H22  
847 H H22  B EOH P .  ? 0.2342 0.2342 0.2342 0.0000  0.0000  0.0000  508  EOH B H22  
848 H H23  A EOH P .  ? 0.1598 0.1598 0.1598 0.0000  0.0000  0.0000  508  EOH B H23  
849 H H23  B EOH P .  ? 0.2342 0.2342 0.2342 0.0000  0.0000  0.0000  508  EOH B H23  
850 H HO   A EOH P .  ? 0.2191 0.2191 0.2191 0.0000  0.0000  0.0000  508  EOH B HO   
851 H HO   B EOH P .  ? 0.2596 0.2596 0.2596 0.0000  0.0000  0.0000  508  EOH B HO   
852 O O    B HOH Q .  ? 0.1984 0.1026 0.1668 -0.0281 0.0008  0.0270  2001 HOH A O    
# 
loop_
_pdbx_poly_seq_scheme.asym_id 
_pdbx_poly_seq_scheme.entity_id 
_pdbx_poly_seq_scheme.seq_id 
_pdbx_poly_seq_scheme.mon_id 
_pdbx_poly_seq_scheme.ndb_seq_num 
_pdbx_poly_seq_scheme.pdb_seq_num 
_pdbx_poly_seq_scheme.auth_seq_num 
_pdbx_poly_seq_scheme.pdb_mon_id 
_pdbx_poly_seq_scheme.auth_mon_id 
_pdbx_poly_seq_scheme.pdb_strand_id 
_pdbx_poly_seq_scheme.pdb_ins_code 
_pdbx_poly_seq_scheme.hetero 
A 1 1  QIL 1  1  1  QIL QIL A . y 
A 1 1  FVA 1  1  1  FVA FVA A . y 
A 1 2  GLY 2  2  2  GLY GLY A . n 
A 1 3  ALA 3  3  3  ALA ALA A . n 
A 1 4  DLE 4  4  4  DLE DLE A . n 
A 1 5  ALA 5  5  5  ALA ALA A . n 
A 1 6  DVA 6  6  6  DVA DVA A . n 
A 1 7  VAL 7  7  7  VAL VAL A . n 
A 1 8  DVA 8  8  8  DVA DVA A . n 
A 1 9  TRP 9  9  9  TRP TRP A . n 
A 1 10 DLE 10 10 10 DLE DLE A . n 
A 1 11 TYR 11 11 11 TYR TYR A . y 
A 1 11 TRP 11 11 11 TRP TRP A . y 
A 1 12 DLE 12 12 12 DLE DLE A . n 
A 1 13 TRP 13 13 13 TRP TRP A . n 
A 1 14 DLE 14 14 14 DLE DLE A . n 
A 1 15 TRP 15 15 15 TRP TRP A . n 
A 1 16 ETA 16 16 16 ETA ETA A . n 
B 2 1  FVA 1  1  1  FVA FVA B . n 
B 2 2  GLY 2  2  2  GLY GLY B . n 
B 2 3  ALA 3  3  3  ALA ALA B . n 
B 2 4  DLE 4  4  4  DLE DLE B . n 
B 2 5  ALA 5  5  5  ALA ALA B . n 
B 2 6  DVA 6  6  6  DVA DVA B . n 
B 2 7  VAL 7  7  7  VAL VAL B . n 
B 2 8  DVA 8  8  8  DVA DVA B . n 
B 2 9  TRP 9  9  9  TRP TRP B . n 
B 2 10 DLE 10 10 10 DLE DLE B . n 
B 2 11 TRP 11 11 11 TRP TRP B . n 
B 2 12 DLE 12 12 12 DLE DLE B . n 
B 2 13 TRP 13 13 13 TRP TRP B . n 
B 2 14 DLE 14 14 14 DLE DLE B . n 
B 2 15 TRP 15 15 15 TRP TRP B . n 
B 2 16 ETA 16 16 16 ETA ETA B . n 
# 
loop_
_pdbx_nonpoly_scheme.asym_id 
_pdbx_nonpoly_scheme.entity_id 
_pdbx_nonpoly_scheme.mon_id 
_pdbx_nonpoly_scheme.ndb_seq_num 
_pdbx_nonpoly_scheme.pdb_seq_num 
_pdbx_nonpoly_scheme.auth_seq_num 
_pdbx_nonpoly_scheme.pdb_mon_id 
_pdbx_nonpoly_scheme.auth_mon_id 
_pdbx_nonpoly_scheme.pdb_strand_id 
_pdbx_nonpoly_scheme.pdb_ins_code 
C 3 EOH 1 501  501  EOH EOH A . 
D 3 EOH 1 504  504  EOH EOH A . 
E 3 EOH 1 505  505  EOH EOH A . 
F 3 EOH 1 507  507  EOH EOH A . 
G 3 EOH 1 509  509  EOH EOH A . 
H 3 EOH 1 510  510  EOH EOH A . 
I 3 EOH 1 511  511  EOH EOH A . 
J 3 EOH 1 512  512  EOH EOH A . 
K 3 EOH 1 513  513  EOH EOH A . 
L 3 EOH 1 514  514  EOH EOH A . 
M 3 EOH 1 502  502  EOH EOH B . 
N 3 EOH 1 503  503  EOH EOH B . 
O 3 EOH 1 506  506  EOH EOH B . 
P 3 EOH 1 508  508  EOH EOH B . 
Q 4 HOH 1 2001 2001 HOH HOH A . 
# 
loop_
_pdbx_molecule_features.prd_id 
_pdbx_molecule_features.name 
_pdbx_molecule_features.type 
_pdbx_molecule_features.class 
_pdbx_molecule_features.details 
PRD_000150 'GRAMICIDIN A' Polypeptide Antibiotic 
;GRAMICIDIN A IS A HEXADECAMERIC HELICAL PEPTIDE
  WITH ALTERNATING D,L CHARACTERISTICS.
  THE N-TERM IS FORMYLATED (RESIDUE 0).
  THE C-TERM IS CAPPED WITH ETHANOLAMINE (RESIDUE 16).
;
PRD_000153 'GRAMICIDIN C' Polypeptide Antibiotic 
;GRAMICIDIN C IS A HEXADECAMERIC HELICAL PEPTIDE
 WITH ALTERNATING D,L CHARACTERISTICS.
 THE N-TERM IS FORMYLATED (RESIDUE 0).
 THE C-TERM IS CAPPED WITH ETHANOLAMINE (RESIDUE 16).
;
# 
loop_
_pdbx_molecule.instance_id 
_pdbx_molecule.prd_id 
_pdbx_molecule.asym_id 
1 PRD_000150 B 
2 PRD_000153 A 
# 
_pdbx_struct_assembly.id                   1 
_pdbx_struct_assembly.details              author_and_software_defined_assembly 
_pdbx_struct_assembly.method_details       PISA 
_pdbx_struct_assembly.oligomeric_details   dimeric 
_pdbx_struct_assembly.oligomeric_count     2 
# 
_pdbx_struct_assembly_gen.assembly_id       1 
_pdbx_struct_assembly_gen.oper_expression   1 
_pdbx_struct_assembly_gen.asym_id_list      A,B,C,D,E,F,G,H,I,J,K,L,M,N,O,P,Q 
# 
loop_
_pdbx_struct_assembly_prop.biol_id 
_pdbx_struct_assembly_prop.type 
_pdbx_struct_assembly_prop.value 
_pdbx_struct_assembly_prop.details 
1 'ABSA (A^2)' 2780 ? 
1 MORE         -0.0 ? 
1 'SSA (A^2)'  5160 ? 
# 
_pdbx_struct_oper_list.id                   1 
_pdbx_struct_oper_list.type                 'identity operation' 
_pdbx_struct_oper_list.name                 1_555 
_pdbx_struct_oper_list.symmetry_operation   x,y,z 
_pdbx_struct_oper_list.matrix[1][1]         1.0000000000 
_pdbx_struct_oper_list.matrix[1][2]         0.0000000000 
_pdbx_struct_oper_list.matrix[1][3]         0.0000000000 
_pdbx_struct_oper_list.vector[1]            0.0000000000 
_pdbx_struct_oper_list.matrix[2][1]         0.0000000000 
_pdbx_struct_oper_list.matrix[2][2]         1.0000000000 
_pdbx_struct_oper_list.matrix[2][3]         0.0000000000 
_pdbx_struct_oper_list.vector[2]            0.0000000000 
_pdbx_struct_oper_list.matrix[3][1]         0.0000000000 
_pdbx_struct_oper_list.matrix[3][2]         0.0000000000 
_pdbx_struct_oper_list.matrix[3][3]         1.0000000000 
_pdbx_struct_oper_list.vector[3]            0.0000000000 
# 
loop_
_pdbx_audit_revision_history.ordinal 
_pdbx_audit_revision_history.data_content_type 
_pdbx_audit_revision_history.major_revision 
_pdbx_audit_revision_history.minor_revision 
_pdbx_audit_revision_history.revision_date 
1 'Structure model' 1 0 1998-03-04 
2 'Structure model' 1 1 2011-06-14 
3 'Structure model' 1 2 2011-07-13 
4 'Structure model' 1 3 2011-07-27 
5 'Structure model' 1 4 2012-12-12 
6 'Structure model' 1 5 2018-04-04 
7 'Structure model' 2 0 2023-11-15 
# 
_pdbx_audit_revision_details.ordinal             1 
_pdbx_audit_revision_details.revision_ordinal    1 
_pdbx_audit_revision_details.data_content_type   'Structure model' 
_pdbx_audit_revision_details.provider            repository 
_pdbx_audit_revision_details.type                'Initial release' 
_pdbx_audit_revision_details.description         ? 
_pdbx_audit_revision_details.details             ? 
# 
loop_
_pdbx_audit_revision_group.ordinal 
_pdbx_audit_revision_group.revision_ordinal 
_pdbx_audit_revision_group.data_content_type 
_pdbx_audit_revision_group.group 
1  2 'Structure model' 'Version format compliance' 
2  3 'Structure model' 'Version format compliance' 
3  4 'Structure model' 'Atomic model'              
4  4 'Structure model' 'Database references'       
5  4 'Structure model' 'Derived calculations'      
6  4 'Structure model' 'Non-polymer description'   
7  4 'Structure model' 'Structure summary'         
8  5 'Structure model' Other                       
9  6 'Structure model' 'Data collection'           
10 6 'Structure model' Other                       
11 7 'Structure model' 'Atomic model'              
12 7 'Structure model' 'Data collection'           
13 7 'Structure model' 'Database references'       
14 7 'Structure model' 'Derived calculations'      
# 
loop_
_pdbx_audit_revision_category.ordinal 
_pdbx_audit_revision_category.revision_ordinal 
_pdbx_audit_revision_category.data_content_type 
_pdbx_audit_revision_category.category 
1  6 'Structure model' diffrn_source        
2  6 'Structure model' pdbx_database_status 
3  7 'Structure model' atom_site            
4  7 'Structure model' atom_site_anisotrop  
5  7 'Structure model' chem_comp_atom       
6  7 'Structure model' chem_comp_bond       
7  7 'Structure model' database_2           
8  7 'Structure model' struct_conn          
9  7 'Structure model' struct_ref_seq_dif   
10 7 'Structure model' struct_site          
# 
loop_
_pdbx_audit_revision_item.ordinal 
_pdbx_audit_revision_item.revision_ordinal 
_pdbx_audit_revision_item.data_content_type 
_pdbx_audit_revision_item.item 
1  6 'Structure model' '_diffrn_source.type'                     
2  6 'Structure model' '_pdbx_database_status.process_site'      
3  7 'Structure model' '_atom_site.auth_atom_id'                 
4  7 'Structure model' '_atom_site.label_atom_id'                
5  7 'Structure model' '_atom_site_anisotrop.pdbx_auth_atom_id'  
6  7 'Structure model' '_atom_site_anisotrop.pdbx_label_atom_id' 
7  7 'Structure model' '_database_2.pdbx_DOI'                    
8  7 'Structure model' '_database_2.pdbx_database_accession'     
9  7 'Structure model' '_struct_conn.pdbx_leaving_atom_flag'     
10 7 'Structure model' '_struct_ref_seq_dif.details'             
11 7 'Structure model' '_struct_site.pdbx_auth_asym_id'          
12 7 'Structure model' '_struct_site.pdbx_auth_comp_id'          
13 7 'Structure model' '_struct_site.pdbx_auth_seq_id'           
# 
loop_
_software.name 
_software.classification 
_software.version 
_software.citation_id 
_software.pdbx_ordinal 
SHELXL-97 'model building' . ? 1 
SHELXL-97 refinement       . ? 2 
SIEMENS   'data reduction' . ? 3 
SIEMENS   'data scaling'   . ? 4 
SHELXL-97 phasing          . ? 5 
# 
_pdbx_entry_details.entry_id                 1ALZ 
_pdbx_entry_details.compound_details         
;GRAMICIDIN IS A HETEROGENEOUS MIXTURE OF SEVERAL COMPOUNDS
 INCLUDING GRAMICIDIN A, B AND C WHICH ARE OBTAINED FROM
 BACILLUS BREVIS AND CALLED COLLECTIVELY GRAMICIDIN D
 HERE, GRAMICIDIN A AND C ARE REPRESENTED BY THE SEQUENCE (SEQRES)
;
_pdbx_entry_details.source_details           ? 
_pdbx_entry_details.nonpolymer_details       ? 
_pdbx_entry_details.sequence_details         
;THE SEQUENCE IS FOR THE MAJOR COMPONENT GRAMICIDIN C (QIL1 AND TRP11) WHILE THE MINOR COMPONENT (FVA1 AND TYR11) IS REPRESENTED IN SEQADV WITH MICROHETEROGENEITY. NOTE: QIL1 AND FVA1 ARE FORMYLATED ILE1 AND VAL1, RESPECTIVELY.
;
_pdbx_entry_details.has_ligand_of_interest   ? 
# 
loop_
_pdbx_validate_close_contact.id 
_pdbx_validate_close_contact.PDB_model_num 
_pdbx_validate_close_contact.auth_atom_id_1 
_pdbx_validate_close_contact.auth_asym_id_1 
_pdbx_validate_close_contact.auth_comp_id_1 
_pdbx_validate_close_contact.auth_seq_id_1 
_pdbx_validate_close_contact.PDB_ins_code_1 
_pdbx_validate_close_contact.label_alt_id_1 
_pdbx_validate_close_contact.auth_atom_id_2 
_pdbx_validate_close_contact.auth_asym_id_2 
_pdbx_validate_close_contact.auth_comp_id_2 
_pdbx_validate_close_contact.auth_seq_id_2 
_pdbx_validate_close_contact.PDB_ins_code_2 
_pdbx_validate_close_contact.label_alt_id_2 
_pdbx_validate_close_contact.dist 
1 1 O   A EOH 510 ? A HO A EOH 511 ? ? 1.06 
2 1 HO  B EOH 502 ? ? HO B EOH 508 ? B 1.08 
3 1 HE1 A TRP 9   ? ? HO A EOH 507 ? A 1.24 
4 1 HO  B ETA 16  ? ? HO A EOH 513 ? B 1.25 
5 1 O   A EOH 510 ? A O  A EOH 511 ? ? 1.88 
# 
loop_
_pdbx_validate_symm_contact.id 
_pdbx_validate_symm_contact.PDB_model_num 
_pdbx_validate_symm_contact.auth_atom_id_1 
_pdbx_validate_symm_contact.auth_asym_id_1 
_pdbx_validate_symm_contact.auth_comp_id_1 
_pdbx_validate_symm_contact.auth_seq_id_1 
_pdbx_validate_symm_contact.PDB_ins_code_1 
_pdbx_validate_symm_contact.label_alt_id_1 
_pdbx_validate_symm_contact.site_symmetry_1 
_pdbx_validate_symm_contact.auth_atom_id_2 
_pdbx_validate_symm_contact.auth_asym_id_2 
_pdbx_validate_symm_contact.auth_comp_id_2 
_pdbx_validate_symm_contact.auth_seq_id_2 
_pdbx_validate_symm_contact.PDB_ins_code_2 
_pdbx_validate_symm_contact.label_alt_id_2 
_pdbx_validate_symm_contact.site_symmetry_2 
_pdbx_validate_symm_contact.dist 
1 1 H21 A EOH 504 ? B 1_555 H23 B EOH 506 ? ? 1_545 1.04 
2 1 HO  A EOH 514 ? B 1_555 H11 B EOH 506 ? ? 4_576 1.08 
3 1 O   A EOH 514 ? B 1_555 H11 B EOH 506 ? ? 4_576 1.21 
4 1 HO  A EOH 514 ? B 1_555 C1  B EOH 506 ? ? 4_576 1.56 
5 1 O   A EOH 514 ? B 1_555 C1  B EOH 506 ? ? 4_576 1.98 
# 
loop_
_pdbx_validate_rmsd_angle.id 
_pdbx_validate_rmsd_angle.PDB_model_num 
_pdbx_validate_rmsd_angle.auth_atom_id_1 
_pdbx_validate_rmsd_angle.auth_asym_id_1 
_pdbx_validate_rmsd_angle.auth_comp_id_1 
_pdbx_validate_rmsd_angle.auth_seq_id_1 
_pdbx_validate_rmsd_angle.PDB_ins_code_1 
_pdbx_validate_rmsd_angle.label_alt_id_1 
_pdbx_validate_rmsd_angle.auth_atom_id_2 
_pdbx_validate_rmsd_angle.auth_asym_id_2 
_pdbx_validate_rmsd_angle.auth_comp_id_2 
_pdbx_validate_rmsd_angle.auth_seq_id_2 
_pdbx_validate_rmsd_angle.PDB_ins_code_2 
_pdbx_validate_rmsd_angle.label_alt_id_2 
_pdbx_validate_rmsd_angle.auth_atom_id_3 
_pdbx_validate_rmsd_angle.auth_asym_id_3 
_pdbx_validate_rmsd_angle.auth_comp_id_3 
_pdbx_validate_rmsd_angle.auth_seq_id_3 
_pdbx_validate_rmsd_angle.PDB_ins_code_3 
_pdbx_validate_rmsd_angle.label_alt_id_3 
_pdbx_validate_rmsd_angle.angle_value 
_pdbx_validate_rmsd_angle.angle_target_value 
_pdbx_validate_rmsd_angle.angle_deviation 
_pdbx_validate_rmsd_angle.angle_standard_deviation 
_pdbx_validate_rmsd_angle.linker_flag 
1 1 CD1 A TRP 11 ? B NE1 A TRP 11 ? B CE2 A TRP 11 ? B 101.23 109.00 -7.77 0.90 N 
2 1 NE1 A TRP 11 ? B CE2 A TRP 11 ? B CZ2 A TRP 11 ? B 122.56 130.40 -7.84 1.10 N 
3 1 CD2 A TRP 11 ? B CE3 A TRP 11 ? B CZ3 A TRP 11 ? B 110.08 118.80 -8.72 1.30 N 
4 1 CE3 A TRP 11 ? B CZ3 A TRP 11 ? B CH2 A TRP 11 ? B 130.18 121.20 8.98  1.10 N 
5 1 CH2 A TRP 11 ? B CZ2 A TRP 11 ? B CE2 A TRP 11 ? B 110.53 117.40 -6.87 1.00 N 
# 
loop_
_pdbx_validate_torsion.id 
_pdbx_validate_torsion.PDB_model_num 
_pdbx_validate_torsion.auth_comp_id 
_pdbx_validate_torsion.auth_asym_id 
_pdbx_validate_torsion.auth_seq_id 
_pdbx_validate_torsion.PDB_ins_code 
_pdbx_validate_torsion.label_alt_id 
_pdbx_validate_torsion.phi 
_pdbx_validate_torsion.psi 
1 1 ALA A 5  ? ? -160.49 87.86 
2 1 TRP A 13 ? ? -158.33 85.09 
3 1 TRP A 15 ? ? -157.93 83.45 
4 1 ALA B 5  ? ? -156.81 86.68 
5 1 TRP B 13 ? ? -161.47 87.94 
# 
loop_
_chem_comp_atom.comp_id 
_chem_comp_atom.atom_id 
_chem_comp_atom.type_symbol 
_chem_comp_atom.pdbx_aromatic_flag 
_chem_comp_atom.pdbx_stereo_config 
_chem_comp_atom.pdbx_ordinal 
ALA N    N N N 1   
ALA CA   C N S 2   
ALA C    C N N 3   
ALA O    O N N 4   
ALA CB   C N N 5   
ALA OXT  O N N 6   
ALA H    H N N 7   
ALA H2   H N N 8   
ALA HA   H N N 9   
ALA HB1  H N N 10  
ALA HB2  H N N 11  
ALA HB3  H N N 12  
ALA HXT  H N N 13  
DLE N    N N N 14  
DLE CA   C N R 15  
DLE CB   C N N 16  
DLE CG   C N N 17  
DLE CD1  C N N 18  
DLE CD2  C N N 19  
DLE C    C N N 20  
DLE O    O N N 21  
DLE OXT  O N N 22  
DLE H    H N N 23  
DLE H2   H N N 24  
DLE HA   H N N 25  
DLE HB2  H N N 26  
DLE HB3  H N N 27  
DLE HG   H N N 28  
DLE HD11 H N N 29  
DLE HD12 H N N 30  
DLE HD13 H N N 31  
DLE HD21 H N N 32  
DLE HD22 H N N 33  
DLE HD23 H N N 34  
DLE HXT  H N N 35  
DVA N    N N N 36  
DVA CA   C N R 37  
DVA CB   C N N 38  
DVA CG1  C N N 39  
DVA CG2  C N N 40  
DVA C    C N N 41  
DVA O    O N N 42  
DVA OXT  O N N 43  
DVA H    H N N 44  
DVA H2   H N N 45  
DVA HA   H N N 46  
DVA HB   H N N 47  
DVA HG11 H N N 48  
DVA HG12 H N N 49  
DVA HG13 H N N 50  
DVA HG21 H N N 51  
DVA HG22 H N N 52  
DVA HG23 H N N 53  
DVA HXT  H N N 54  
EOH C1   C N N 55  
EOH C2   C N N 56  
EOH O    O N N 57  
EOH H11  H N N 58  
EOH H12  H N N 59  
EOH H21  H N N 60  
EOH H22  H N N 61  
EOH H23  H N N 62  
EOH HO   H N N 63  
ETA CA   C N N 64  
ETA N    N N N 65  
ETA C    C N N 66  
ETA O    O N N 67  
ETA HA1  H N N 68  
ETA HA2  H N N 69  
ETA H    H N N 70  
ETA H2   H N N 71  
ETA HB1  H N N 72  
ETA HB2  H N N 73  
ETA HO   H N N 74  
FVA C    C N N 75  
FVA N    N N N 76  
FVA O    O N N 77  
FVA CA   C N S 78  
FVA CB   C N N 79  
FVA CG1  C N N 80  
FVA CG2  C N N 81  
FVA H    H N N 82  
FVA HA   H N N 83  
FVA HB   H N N 84  
FVA HG11 H N N 85  
FVA HG12 H N N 86  
FVA HG13 H N N 87  
FVA HG21 H N N 88  
FVA HG22 H N N 89  
FVA HG23 H N N 90  
FVA O1   O N N 91  
FVA CN   C N N 92  
FVA HN   H N N 93  
FVA OXT  O N N 94  
FVA HXT  H N N 95  
GLY N    N N N 96  
GLY CA   C N N 97  
GLY C    C N N 98  
GLY O    O N N 99  
GLY OXT  O N N 100 
GLY H    H N N 101 
GLY H2   H N N 102 
GLY HA2  H N N 103 
GLY HA3  H N N 104 
GLY HXT  H N N 105 
HOH O    O N N 106 
HOH H1   H N N 107 
HOH H2   H N N 108 
QIL C    C N N 109 
QIL N    N N N 110 
QIL O    O N N 111 
QIL CA   C N S 112 
QIL CB   C N S 113 
QIL CD1  C N N 114 
QIL CG1  C N N 115 
QIL CG2  C N N 116 
QIL CN   C N N 117 
QIL O1   O N N 118 
QIL OXT  O N N 119 
QIL HXT  H N N 120 
QIL H    H N N 121 
QIL HA   H N N 122 
QIL HB   H N N 123 
QIL HD11 H N N 124 
QIL HD12 H N N 125 
QIL HD13 H N N 126 
QIL HG12 H N N 127 
QIL HG13 H N N 128 
QIL HG21 H N N 129 
QIL HG22 H N N 130 
QIL HG23 H N N 131 
QIL HN   H N N 132 
TRP N    N N N 133 
TRP CA   C N S 134 
TRP C    C N N 135 
TRP O    O N N 136 
TRP CB   C N N 137 
TRP CG   C Y N 138 
TRP CD1  C Y N 139 
TRP CD2  C Y N 140 
TRP NE1  N Y N 141 
TRP CE2  C Y N 142 
TRP CE3  C Y N 143 
TRP CZ2  C Y N 144 
TRP CZ3  C Y N 145 
TRP CH2  C Y N 146 
TRP OXT  O N N 147 
TRP H    H N N 148 
TRP H2   H N N 149 
TRP HA   H N N 150 
TRP HB2  H N N 151 
TRP HB3  H N N 152 
TRP HD1  H N N 153 
TRP HE1  H N N 154 
TRP HE3  H N N 155 
TRP HZ2  H N N 156 
TRP HZ3  H N N 157 
TRP HH2  H N N 158 
TRP HXT  H N N 159 
TYR N    N N N 160 
TYR CA   C N S 161 
TYR C    C N N 162 
TYR O    O N N 163 
TYR CB   C N N 164 
TYR CG   C Y N 165 
TYR CD1  C Y N 166 
TYR CD2  C Y N 167 
TYR CE1  C Y N 168 
TYR CE2  C Y N 169 
TYR CZ   C Y N 170 
TYR OH   O N N 171 
TYR OXT  O N N 172 
TYR H    H N N 173 
TYR H2   H N N 174 
TYR HA   H N N 175 
TYR HB2  H N N 176 
TYR HB3  H N N 177 
TYR HD1  H N N 178 
TYR HD2  H N N 179 
TYR HE1  H N N 180 
TYR HE2  H N N 181 
TYR HH   H N N 182 
TYR HXT  H N N 183 
VAL N    N N N 184 
VAL CA   C N S 185 
VAL C    C N N 186 
VAL O    O N N 187 
VAL CB   C N N 188 
VAL CG1  C N N 189 
VAL CG2  C N N 190 
VAL OXT  O N N 191 
VAL H    H N N 192 
VAL H2   H N N 193 
VAL HA   H N N 194 
VAL HB   H N N 195 
VAL HG11 H N N 196 
VAL HG12 H N N 197 
VAL HG13 H N N 198 
VAL HG21 H N N 199 
VAL HG22 H N N 200 
VAL HG23 H N N 201 
VAL HXT  H N N 202 
# 
loop_
_chem_comp_bond.comp_id 
_chem_comp_bond.atom_id_1 
_chem_comp_bond.atom_id_2 
_chem_comp_bond.value_order 
_chem_comp_bond.pdbx_aromatic_flag 
_chem_comp_bond.pdbx_stereo_config 
_chem_comp_bond.pdbx_ordinal 
ALA N    CA   sing N N 1   
ALA N    H    sing N N 2   
ALA N    H2   sing N N 3   
ALA CA   C    sing N N 4   
ALA CA   CB   sing N N 5   
ALA CA   HA   sing N N 6   
ALA C    O    doub N N 7   
ALA C    OXT  sing N N 8   
ALA CB   HB1  sing N N 9   
ALA CB   HB2  sing N N 10  
ALA CB   HB3  sing N N 11  
ALA OXT  HXT  sing N N 12  
DLE N    CA   sing N N 13  
DLE N    H    sing N N 14  
DLE N    H2   sing N N 15  
DLE CA   CB   sing N N 16  
DLE CA   C    sing N N 17  
DLE CA   HA   sing N N 18  
DLE CB   CG   sing N N 19  
DLE CB   HB2  sing N N 20  
DLE CB   HB3  sing N N 21  
DLE CG   CD1  sing N N 22  
DLE CG   CD2  sing N N 23  
DLE CG   HG   sing N N 24  
DLE CD1  HD11 sing N N 25  
DLE CD1  HD12 sing N N 26  
DLE CD1  HD13 sing N N 27  
DLE CD2  HD21 sing N N 28  
DLE CD2  HD22 sing N N 29  
DLE CD2  HD23 sing N N 30  
DLE C    O    doub N N 31  
DLE C    OXT  sing N N 32  
DLE OXT  HXT  sing N N 33  
DVA N    CA   sing N N 34  
DVA N    H    sing N N 35  
DVA N    H2   sing N N 36  
DVA CA   CB   sing N N 37  
DVA CA   C    sing N N 38  
DVA CA   HA   sing N N 39  
DVA CB   CG1  sing N N 40  
DVA CB   CG2  sing N N 41  
DVA CB   HB   sing N N 42  
DVA CG1  HG11 sing N N 43  
DVA CG1  HG12 sing N N 44  
DVA CG1  HG13 sing N N 45  
DVA CG2  HG21 sing N N 46  
DVA CG2  HG22 sing N N 47  
DVA CG2  HG23 sing N N 48  
DVA C    O    doub N N 49  
DVA C    OXT  sing N N 50  
DVA OXT  HXT  sing N N 51  
EOH C1   C2   sing N N 52  
EOH C1   O    sing N N 53  
EOH C1   H11  sing N N 54  
EOH C1   H12  sing N N 55  
EOH C2   H21  sing N N 56  
EOH C2   H22  sing N N 57  
EOH C2   H23  sing N N 58  
EOH O    HO   sing N N 59  
ETA CA   N    sing N N 60  
ETA CA   C    sing N N 61  
ETA CA   HA1  sing N N 62  
ETA CA   HA2  sing N N 63  
ETA N    H    sing N N 64  
ETA N    H2   sing N N 65  
ETA C    O    sing N N 66  
ETA C    HB1  sing N N 67  
ETA C    HB2  sing N N 68  
ETA O    HO   sing N N 69  
FVA O    C    doub N N 70  
FVA C    CA   sing N N 71  
FVA H    N    sing N N 72  
FVA N    CN   sing N N 73  
FVA N    CA   sing N N 74  
FVA CB   CA   sing N N 75  
FVA CA   HA   sing N N 76  
FVA HB   CB   sing N N 77  
FVA CB   CG2  sing N N 78  
FVA CB   CG1  sing N N 79  
FVA HG13 CG1  sing N N 80  
FVA HG12 CG1  sing N N 81  
FVA CG1  HG11 sing N N 82  
FVA HG22 CG2  sing N N 83  
FVA HG23 CG2  sing N N 84  
FVA CG2  HG21 sing N N 85  
FVA CN   O1   doub N N 86  
FVA HN   CN   sing N N 87  
FVA C    OXT  sing N N 88  
FVA OXT  HXT  sing N N 89  
GLY N    CA   sing N N 90  
GLY N    H    sing N N 91  
GLY N    H2   sing N N 92  
GLY CA   C    sing N N 93  
GLY CA   HA2  sing N N 94  
GLY CA   HA3  sing N N 95  
GLY C    O    doub N N 96  
GLY C    OXT  sing N N 97  
GLY OXT  HXT  sing N N 98  
HOH O    H1   sing N N 99  
HOH O    H2   sing N N 100 
QIL C    OXT  sing N N 101 
QIL N    CA   sing N N 102 
QIL O    C    doub N N 103 
QIL CA   C    sing N N 104 
QIL CA   HA   sing N N 105 
QIL CB   CA   sing N N 106 
QIL CB   CG2  sing N N 107 
QIL CD1  HD12 sing N N 108 
QIL CD1  CG1  sing N N 109 
QIL CG1  CB   sing N N 110 
QIL CG1  HG13 sing N N 111 
QIL CG2  HG21 sing N N 112 
QIL CG2  HG22 sing N N 113 
QIL H    N    sing N N 114 
QIL HB   CB   sing N N 115 
QIL HD11 CD1  sing N N 116 
QIL HG12 CG1  sing N N 117 
QIL HD13 CD1  sing N N 118 
QIL HG23 CG2  sing N N 119 
QIL CN   N    sing N N 120 
QIL CN   O1   doub N N 121 
QIL HN   CN   sing N N 122 
QIL OXT  HXT  sing N N 123 
TRP N    CA   sing N N 124 
TRP N    H    sing N N 125 
TRP N    H2   sing N N 126 
TRP CA   C    sing N N 127 
TRP CA   CB   sing N N 128 
TRP CA   HA   sing N N 129 
TRP C    O    doub N N 130 
TRP C    OXT  sing N N 131 
TRP CB   CG   sing N N 132 
TRP CB   HB2  sing N N 133 
TRP CB   HB3  sing N N 134 
TRP CG   CD1  doub Y N 135 
TRP CG   CD2  sing Y N 136 
TRP CD1  NE1  sing Y N 137 
TRP CD1  HD1  sing N N 138 
TRP CD2  CE2  doub Y N 139 
TRP CD2  CE3  sing Y N 140 
TRP NE1  CE2  sing Y N 141 
TRP NE1  HE1  sing N N 142 
TRP CE2  CZ2  sing Y N 143 
TRP CE3  CZ3  doub Y N 144 
TRP CE3  HE3  sing N N 145 
TRP CZ2  CH2  doub Y N 146 
TRP CZ2  HZ2  sing N N 147 
TRP CZ3  CH2  sing Y N 148 
TRP CZ3  HZ3  sing N N 149 
TRP CH2  HH2  sing N N 150 
TRP OXT  HXT  sing N N 151 
TYR N    CA   sing N N 152 
TYR N    H    sing N N 153 
TYR N    H2   sing N N 154 
TYR CA   C    sing N N 155 
TYR CA   CB   sing N N 156 
TYR CA   HA   sing N N 157 
TYR C    O    doub N N 158 
TYR C    OXT  sing N N 159 
TYR CB   CG   sing N N 160 
TYR CB   HB2  sing N N 161 
TYR CB   HB3  sing N N 162 
TYR CG   CD1  doub Y N 163 
TYR CG   CD2  sing Y N 164 
TYR CD1  CE1  sing Y N 165 
TYR CD1  HD1  sing N N 166 
TYR CD2  CE2  doub Y N 167 
TYR CD2  HD2  sing N N 168 
TYR CE1  CZ   doub Y N 169 
TYR CE1  HE1  sing N N 170 
TYR CE2  CZ   sing Y N 171 
TYR CE2  HE2  sing N N 172 
TYR CZ   OH   sing N N 173 
TYR OH   HH   sing N N 174 
TYR OXT  HXT  sing N N 175 
VAL N    CA   sing N N 176 
VAL N    H    sing N N 177 
VAL N    H2   sing N N 178 
VAL CA   C    sing N N 179 
VAL CA   CB   sing N N 180 
VAL CA   HA   sing N N 181 
VAL C    O    doub N N 182 
VAL C    OXT  sing N N 183 
VAL CB   CG1  sing N N 184 
VAL CB   CG2  sing N N 185 
VAL CB   HB   sing N N 186 
VAL CG1  HG11 sing N N 187 
VAL CG1  HG12 sing N N 188 
VAL CG1  HG13 sing N N 189 
VAL CG2  HG21 sing N N 190 
VAL CG2  HG22 sing N N 191 
VAL CG2  HG23 sing N N 192 
VAL OXT  HXT  sing N N 193 
# 
loop_
_pdbx_entity_nonpoly.entity_id 
_pdbx_entity_nonpoly.name 
_pdbx_entity_nonpoly.comp_id 
3 ETHANOL EOH 
4 water   HOH 
# 
